data_8GZ1
#
_entry.id   8GZ1
#
_cell.length_a   1.00
_cell.length_b   1.00
_cell.length_c   1.00
_cell.angle_alpha   90.00
_cell.angle_beta   90.00
_cell.angle_gamma   90.00
#
_symmetry.space_group_name_H-M   'P 1'
#
loop_
_entity.id
_entity.type
_entity.pdbx_description
1 polymer 'Sodium channel subunit beta-1'
2 polymer 'Sodium channel protein type 8 subunit alpha'
3 polymer 'Sodium channel subunit beta-2'
4 branched beta-D-mannopyranose-(1-4)-2-acetamido-2-deoxy-beta-D-glucopyranose-(1-4)-2-acetamido-2-deoxy-beta-D-glucopyranose
5 non-polymer 2-acetamido-2-deoxy-beta-D-glucopyranose
6 non-polymer 'SODIUM ION'
#
loop_
_entity_poly.entity_id
_entity_poly.type
_entity_poly.pdbx_seq_one_letter_code
_entity_poly.pdbx_strand_id
1 'polypeptide(L)'
;MGRLLALVVGAALVSSACGGCVEVDSETEAVYGMTFKILCISCKRRSETNAETFTEWTFRQKGTEEFVKILRYENEVLQL
EEDERFEGRVVWNGSRGTKDLQDLSIFITNVTYNHSGDYECHVYRLLFFENYEHNTSVVKKIHIEVVDKANRDMASIVSE
IMMYVLIVVLTIWLVAEMIYCYKKIAAATETAAQENASEYLAITSESKENCTGVQVAE
;
D
2 'polypeptide(L)'
;MAARLLAPPGPDSFKPFTPESLANIERRIAESKLKKPPKADGSHREDDEDSKPKPNSDLEAGKSLPFIYGDIPQGLVAVP
LEDFDPYYLTQKTFVVLNRGKTLFRFSATPALYILSPFNLIRRIAIKILIHSVFSMIIMCTILTNCVFMTFSNPPDWSKN
VEYTFTGIYTFESLVKIIARGFCIDGFTFLRDPWNWLDFSVIMMAYITEFVNLGNVSALRTFRVLRALKTISVIPGLKTI
VGALIQSVKKLSDVMILTVFCLSVFALIGLQLFMGNLRNKCVVWPINFNESYLENGTKGFDWEEYINNKTNFYTVPGMLE
PLLCGNSSDAGQCPEGYQCMKAGRNPNYGYTSFDTFSWAFLALFRLMTQDYWENLYQLTLRAAGKTYMIFFVLVIFVGSF
YLVNLILAVVAMAYEEQNQATLEEAEQKEAEFKAMLEQLKKQQEEAQAAAMATSAGTVSEDAIEEEGEEGGGSPRSSSEI
SKLSSKSAKERRNRRKKRKQKELSEGEEKGDPEKVFKSESEDGMRRKAFRLPDNRIGRKFSIMNQSLLSIPGSPFLSRHN
SKSSIFSFRGPGRFRDPGSENEFADDEHSTVEESEGRRDSLFIPIRARERRSSYSGYSGYSQGSRSSRIFPSLRRSVKRN
STVDCNGVVSLIGGPGSHIGGRLLPEATTEVEIKKKGPGSLLVSMDQLASYGRKDRINSIMSVVTNTLVEELEESQRKCP
PCWYKFANTFLIWECHPYWIKLKEIVNLIVMDPFVDLAITICIVLNTLFMAMEHHPMTPQFEHVLAVGNLVFTGIFTAEM
FLKLIAMDPYYYFQEGWNIFDGFIVSLSLMELSLADVEGLSVLRSFRLLRVFKLAKSWPTLNMLIKIIGNSVGALGNLTL
VLAIIVFIFAVVGMQLFGKSYKECVCKINQDCELPRWHMHDFFHSFLIVFRVLCGEWIETMWDCMEVAGQAMCLIVFMMV
MVIGNLVVLNLFLALLLSSFSADNLAATDDDGEMNNLQISVIRIKKGVAWTKLKVHAFMQAHFKQREADEVKPLDELYEK
KANCIANHTGADIHRNGDFQKNGNGTTSGIGSSVEKYIIDEDHMSFINNPNLTVRVPIAVGESDFENLNTEDVSSESDPE
GSKDKLDDTSSSEGSTIDIKPEVEEVPVEQPEEYLDPDACFTEGCVQRFKCCQVNIEEGLGKSWWILRKTCFLIVEHNWF
ETFIIFMILLSSGALAFEDIYIEQRKTIRTILEYADKVFTYIFILEMLLKWTAYGFVKFFTNAWCWLDFLIVAVSLVSLI
ANALGYSELGAIKSLRTLRALRPLRALSRFEGMRVVVNALVGAIPSIMNVLLVCLIFWLIFSIMGVNLFAGKYHYCFNET
SEIRFEIEDVNNKTECEKLMEGNNTEIRWKNVKINFDNVGAGYLALLQVATFKGWMDIMYAAVDSRKPDEQPKYEDNIYM
YIYFVIFIIFGSFFTLNLFIGVIIDNFNQQKKKFGGQDIFMTEEQKKYYNAMKKLGSKKPQKPIPRPLNKIQGIVFDFVT
QQAFDIVIMMLICLNMVTMMVETDTQSKQMENILYWINLVFVIFFTCECVLKMFALRHYYFTIGWNIFDFVVVILSIVGM
FLADIIEKYFVSPTLFRVIRLARIGRILRLIKGAKGIRTLLFALMMSLPALFNIGLLLFLVMFIFSIFGMSNFAYVKHEA
GIDDMFNFETFGNSMICLFQITTSAGWDGLLLPILNRPPDCSLDKEHPGSGFKGDCGNPSVGIFFFVSYIIISFLIVVNM
YIAIILENFSVATEESADPLSEDDFETFYEIWEKFDPDATQFIEYCKLADFADALEHPLRVPKPNTIELIAMDLPMVSGD
RIHCLDILFAFTKRVLGDSGELDILRQQMEERFVASNPSKVSYEPITTTLRRKQEEVSAVVLQRAYRGHLARRGFICKKT
TSNKLENGGTHREKKESTPSTASLPSYDSVTKPEKEKQQRAEEGRRERAKRQKEVRESKC
;
B
3 'polypeptide(L)'
;MHRDAWLPRPAFSLTGLSLFFSLVPPGRSMEVTVPATLNVLNGSDARLPCTFNSCYTVNHKQFSLNWTYQECNNCSEEMF
LQFRMKIINLKLERFQDRVEFSGNPSKYDVSVMLRNVQPEDEGIYNCYIMNPPDRHRGHGKIHLQVLMEEPPERDSTVAV
IVGASVGGFLAVVILVLMVVKCVRRKKEQKLSTDDLKTEEEGKTDGEGNPDDGAK
;
C
#
loop_
_chem_comp.id
_chem_comp.type
_chem_comp.name
_chem_comp.formula
BMA D-saccharide, beta linking beta-D-mannopyranose 'C6 H12 O6'
NA non-polymer 'SODIUM ION' 'Na 1'
NAG D-saccharide, beta linking 2-acetamido-2-deoxy-beta-D-glucopyranose 'C8 H15 N O6'
#
# COMPACT_ATOMS: atom_id res chain seq x y z
N GLY A 20 4.29 26.74 -5.92
CA GLY A 20 4.45 27.84 -4.99
C GLY A 20 5.89 28.26 -4.80
N CYS A 21 6.73 27.31 -4.37
CA CYS A 21 8.15 27.58 -4.14
C CYS A 21 8.91 27.44 -5.46
N VAL A 22 8.83 28.49 -6.27
CA VAL A 22 9.72 28.68 -7.42
C VAL A 22 10.30 30.08 -7.26
N GLU A 23 11.43 30.19 -6.56
CA GLU A 23 12.04 31.48 -6.28
C GLU A 23 13.07 31.77 -7.37
N VAL A 24 12.87 32.86 -8.09
CA VAL A 24 13.73 33.24 -9.20
C VAL A 24 14.10 34.72 -9.05
N ASP A 25 15.39 35.01 -9.21
CA ASP A 25 15.85 36.39 -9.17
C ASP A 25 15.42 37.12 -10.45
N SER A 26 15.35 38.44 -10.36
CA SER A 26 14.93 39.26 -11.49
C SER A 26 16.11 39.49 -12.45
N GLU A 27 15.78 39.88 -13.68
CA GLU A 27 16.78 40.21 -14.66
C GLU A 27 17.50 41.50 -14.27
N THR A 28 18.78 41.58 -14.59
CA THR A 28 19.63 42.69 -14.18
C THR A 28 19.76 43.77 -15.23
N GLU A 29 19.08 43.65 -16.37
CA GLU A 29 19.19 44.62 -17.45
C GLU A 29 17.81 45.10 -17.85
N ALA A 30 17.66 46.41 -18.00
CA ALA A 30 16.45 47.03 -18.51
C ALA A 30 16.81 47.98 -19.63
N VAL A 31 16.04 47.95 -20.71
CA VAL A 31 16.32 48.76 -21.90
C VAL A 31 15.54 50.07 -21.78
N TYR A 32 16.18 51.17 -22.18
CA TYR A 32 15.57 52.49 -22.03
C TYR A 32 14.31 52.61 -22.87
N GLY A 33 13.26 53.16 -22.26
CA GLY A 33 12.02 53.45 -22.95
C GLY A 33 11.00 52.32 -22.95
N MET A 34 11.40 51.10 -22.65
CA MET A 34 10.51 49.95 -22.65
C MET A 34 10.09 49.61 -21.22
N THR A 35 9.40 48.49 -21.06
CA THR A 35 8.88 48.06 -19.77
C THR A 35 9.74 46.95 -19.18
N PHE A 36 9.79 46.93 -17.85
CA PHE A 36 10.56 45.94 -17.12
C PHE A 36 9.73 45.39 -15.96
N LYS A 37 9.96 44.13 -15.64
CA LYS A 37 9.21 43.43 -14.59
C LYS A 37 10.19 43.06 -13.46
N ILE A 38 10.26 43.90 -12.45
CA ILE A 38 11.08 43.61 -11.28
C ILE A 38 10.46 42.44 -10.53
N LEU A 39 11.28 41.45 -10.20
CA LEU A 39 10.79 40.17 -9.69
C LEU A 39 11.39 39.87 -8.32
N CYS A 40 10.56 39.41 -7.40
CA CYS A 40 10.98 39.07 -6.05
C CYS A 40 10.05 38.00 -5.51
N ILE A 41 10.50 36.75 -5.50
CA ILE A 41 9.67 35.63 -5.08
C ILE A 41 10.23 35.09 -3.78
N SER A 42 9.41 35.14 -2.73
CA SER A 42 9.74 34.58 -1.41
C SER A 42 8.60 33.65 -1.03
N CYS A 43 8.88 32.35 -1.01
CA CYS A 43 7.83 31.37 -0.81
C CYS A 43 7.79 30.89 0.64
N LYS A 44 6.61 30.45 1.07
CA LYS A 44 6.46 29.85 2.38
C LYS A 44 7.17 28.49 2.43
N ARG A 45 7.73 28.16 3.58
CA ARG A 45 8.36 26.86 3.75
C ARG A 45 7.37 25.72 3.66
N ARG A 46 6.09 25.99 3.95
CA ARG A 46 5.02 25.01 3.77
C ARG A 46 3.83 25.72 3.15
N SER A 47 3.42 25.27 1.97
CA SER A 47 2.32 25.90 1.23
C SER A 47 1.00 25.72 1.96
N GLU A 48 0.94 24.79 2.91
CA GLU A 48 -0.27 24.53 3.67
C GLU A 48 -0.64 25.73 4.53
N THR A 49 0.36 26.37 5.13
CA THR A 49 0.13 27.48 6.05
C THR A 49 -0.50 28.67 5.35
N ASN A 50 -1.43 29.32 6.04
CA ASN A 50 -1.98 30.59 5.57
C ASN A 50 -1.34 31.75 6.33
N ALA A 51 -1.03 32.81 5.62
CA ALA A 51 -0.26 33.92 6.19
C ALA A 51 -0.84 35.25 5.74
N GLU A 52 -0.65 36.26 6.57
CA GLU A 52 -1.01 37.64 6.24
C GLU A 52 0.27 38.40 5.91
N THR A 53 0.46 38.71 4.64
CA THR A 53 1.71 39.28 4.14
C THR A 53 1.47 40.70 3.65
N PHE A 54 2.48 41.55 3.84
CA PHE A 54 2.53 42.87 3.21
C PHE A 54 4.00 43.25 3.06
N THR A 55 4.26 44.16 2.13
CA THR A 55 5.61 44.41 1.67
C THR A 55 5.92 45.90 1.63
N GLU A 56 7.21 46.19 1.51
CA GLU A 56 7.71 47.51 1.20
C GLU A 56 8.95 47.37 0.32
N TRP A 57 9.14 48.35 -0.57
CA TRP A 57 10.25 48.33 -1.52
C TRP A 57 11.11 49.56 -1.31
N THR A 58 12.41 49.35 -1.13
CA THR A 58 13.37 50.43 -0.95
C THR A 58 14.34 50.48 -2.12
N PHE A 59 14.70 51.70 -2.51
CA PHE A 59 15.47 51.92 -3.72
C PHE A 59 16.49 53.02 -3.52
N ARG A 60 17.62 52.91 -4.20
CA ARG A 60 18.61 53.97 -4.26
C ARG A 60 19.29 53.94 -5.64
N GLN A 61 19.63 55.11 -6.15
CA GLN A 61 20.25 55.22 -7.45
C GLN A 61 21.76 54.96 -7.35
N LYS A 62 22.42 55.00 -8.50
CA LYS A 62 23.87 54.85 -8.53
C LYS A 62 24.55 56.07 -7.93
N GLY A 63 25.54 55.83 -7.07
CA GLY A 63 26.23 56.91 -6.39
C GLY A 63 25.30 57.74 -5.54
N THR A 64 24.47 57.06 -4.75
CA THR A 64 23.42 57.72 -3.98
C THR A 64 23.48 57.18 -2.55
N GLU A 65 22.79 57.87 -1.64
CA GLU A 65 22.81 57.54 -0.22
C GLU A 65 21.88 56.36 0.06
N GLU A 66 21.57 56.16 1.34
CA GLU A 66 20.78 55.03 1.83
C GLU A 66 19.46 54.87 1.08
N PHE A 67 18.91 53.65 1.11
CA PHE A 67 17.71 53.32 0.34
C PHE A 67 16.53 54.17 0.77
N VAL A 68 15.61 54.41 -0.16
CA VAL A 68 14.39 55.17 0.08
C VAL A 68 13.21 54.31 -0.37
N LYS A 69 12.20 54.19 0.50
CA LYS A 69 11.03 53.40 0.16
C LYS A 69 10.24 54.07 -0.95
N ILE A 70 9.63 53.26 -1.82
CA ILE A 70 8.91 53.74 -2.98
C ILE A 70 7.46 53.27 -3.00
N LEU A 71 7.22 51.97 -2.77
CA LEU A 71 5.89 51.42 -2.89
C LEU A 71 5.61 50.49 -1.72
N ARG A 72 4.35 50.47 -1.30
CA ARG A 72 3.89 49.62 -0.22
C ARG A 72 2.58 48.96 -0.61
N TYR A 73 2.50 47.64 -0.44
CA TYR A 73 1.32 46.86 -0.79
C TYR A 73 0.88 46.08 0.44
N GLU A 74 -0.27 46.45 1.01
CA GLU A 74 -0.78 45.80 2.22
C GLU A 74 -2.16 45.20 1.96
N ASN A 75 -2.17 44.03 1.32
CA ASN A 75 -3.28 43.09 1.33
C ASN A 75 -4.52 43.52 0.56
N GLU A 76 -4.61 44.79 0.17
CA GLU A 76 -5.71 45.18 -0.71
C GLU A 76 -5.33 46.16 -1.82
N VAL A 77 -4.33 47.02 -1.63
CA VAL A 77 -4.02 48.12 -2.54
C VAL A 77 -2.54 48.43 -2.44
N LEU A 78 -2.03 49.17 -3.42
CA LEU A 78 -0.65 49.61 -3.46
C LEU A 78 -0.58 51.12 -3.29
N GLN A 79 0.20 51.58 -2.32
CA GLN A 79 0.47 52.99 -2.12
C GLN A 79 1.91 53.27 -2.52
N LEU A 80 2.10 54.22 -3.41
CA LEU A 80 3.42 54.60 -3.90
C LEU A 80 3.78 55.99 -3.39
N GLU A 81 5.05 56.18 -3.06
CA GLU A 81 5.50 57.47 -2.55
C GLU A 81 5.41 58.54 -3.63
N GLU A 82 5.34 59.80 -3.19
CA GLU A 82 5.11 60.93 -4.07
C GLU A 82 6.38 61.41 -4.77
N ASP A 83 7.43 60.60 -4.82
CA ASP A 83 8.61 60.97 -5.57
C ASP A 83 8.35 60.84 -7.06
N GLU A 84 8.77 61.85 -7.82
CA GLU A 84 8.50 61.88 -9.25
C GLU A 84 9.28 60.83 -10.03
N ARG A 85 10.26 60.17 -9.40
CA ARG A 85 11.04 59.15 -10.07
C ARG A 85 10.24 57.91 -10.42
N PHE A 86 9.04 57.74 -9.84
CA PHE A 86 8.25 56.55 -10.09
C PHE A 86 6.77 56.83 -10.30
N GLU A 87 6.33 58.09 -10.22
CA GLU A 87 4.91 58.39 -10.36
C GLU A 87 4.41 58.10 -11.77
N GLY A 88 3.23 57.49 -11.85
CA GLY A 88 2.58 57.24 -13.13
C GLY A 88 3.31 56.25 -14.01
N ARG A 89 4.30 55.55 -13.45
CA ARG A 89 5.07 54.60 -14.22
C ARG A 89 5.38 53.31 -13.49
N VAL A 90 4.74 53.05 -12.34
CA VAL A 90 4.90 51.82 -11.59
C VAL A 90 3.54 51.18 -11.41
N VAL A 91 3.41 49.93 -11.83
CA VAL A 91 2.19 49.15 -11.68
C VAL A 91 2.57 47.80 -11.06
N TRP A 92 1.62 47.19 -10.38
CA TRP A 92 1.86 46.02 -9.55
C TRP A 92 1.51 44.75 -10.31
N ASN A 93 2.44 43.79 -10.34
CA ASN A 93 2.24 42.51 -11.00
C ASN A 93 2.45 41.33 -10.05
N GLY A 94 2.08 41.50 -8.78
CA GLY A 94 2.13 40.41 -7.83
C GLY A 94 0.84 39.63 -7.81
N SER A 95 0.64 38.90 -6.70
CA SER A 95 -0.60 38.17 -6.51
C SER A 95 -1.77 39.14 -6.42
N ARG A 96 -2.89 38.77 -7.04
CA ARG A 96 -4.01 39.68 -7.23
C ARG A 96 -5.05 39.44 -6.13
N GLY A 97 -4.99 40.26 -5.08
CA GLY A 97 -6.04 40.31 -4.09
C GLY A 97 -6.36 39.02 -3.36
N THR A 98 -5.34 38.33 -2.86
CA THR A 98 -5.52 37.05 -2.18
C THR A 98 -5.14 37.09 -0.71
N LYS A 99 -4.61 38.20 -0.22
CA LYS A 99 -4.20 38.43 1.18
C LYS A 99 -3.02 37.57 1.60
N ASP A 100 -2.52 36.70 0.73
CA ASP A 100 -1.34 35.88 0.98
C ASP A 100 -0.42 36.12 -0.22
N LEU A 101 0.45 37.12 -0.10
CA LEU A 101 1.13 37.66 -1.28
C LEU A 101 1.88 36.59 -2.04
N GLN A 102 2.94 36.03 -1.46
CA GLN A 102 3.64 34.86 -1.99
C GLN A 102 4.32 35.18 -3.33
N ASP A 103 4.11 36.37 -3.89
CA ASP A 103 4.61 36.71 -5.22
C ASP A 103 4.73 38.23 -5.28
N LEU A 104 5.96 38.73 -5.27
CA LEU A 104 6.22 40.17 -5.19
C LEU A 104 6.85 40.59 -6.51
N SER A 105 6.11 41.37 -7.31
CA SER A 105 6.56 41.74 -8.65
C SER A 105 6.09 43.16 -8.97
N ILE A 106 7.03 44.10 -9.01
CA ILE A 106 6.74 45.46 -9.44
C ILE A 106 7.06 45.58 -10.93
N PHE A 107 6.14 46.19 -11.67
CA PHE A 107 6.29 46.39 -13.10
C PHE A 107 6.58 47.85 -13.38
N ILE A 108 7.61 48.12 -14.18
CA ILE A 108 8.00 49.47 -14.55
C ILE A 108 7.59 49.72 -15.99
N THR A 109 6.92 50.84 -16.23
CA THR A 109 6.55 51.26 -17.57
C THR A 109 7.36 52.48 -17.96
N ASN A 110 7.89 52.47 -19.19
CA ASN A 110 8.73 53.54 -19.71
C ASN A 110 9.96 53.76 -18.82
N VAL A 111 10.80 52.71 -18.79
CA VAL A 111 11.99 52.72 -17.95
C VAL A 111 12.92 53.84 -18.38
N THR A 112 13.39 54.62 -17.41
CA THR A 112 14.34 55.69 -17.64
C THR A 112 15.69 55.31 -17.01
N TYR A 113 16.65 56.24 -17.11
CA TYR A 113 17.97 55.99 -16.56
C TYR A 113 17.99 56.09 -15.04
N ASN A 114 17.02 56.79 -14.44
CA ASN A 114 16.98 56.95 -12.99
C ASN A 114 16.64 55.64 -12.29
N HIS A 115 16.03 54.68 -12.99
CA HIS A 115 15.66 53.42 -12.37
C HIS A 115 16.82 52.43 -12.39
N SER A 116 17.96 52.84 -11.85
CA SER A 116 19.14 51.99 -11.76
C SER A 116 19.66 52.01 -10.33
N GLY A 117 20.41 50.97 -9.97
CA GLY A 117 20.98 50.90 -8.64
C GLY A 117 20.63 49.64 -7.89
N ASP A 118 20.04 49.79 -6.71
CA ASP A 118 19.73 48.67 -5.84
C ASP A 118 18.27 48.72 -5.43
N TYR A 119 17.58 47.59 -5.57
CA TYR A 119 16.23 47.42 -5.08
C TYR A 119 16.24 46.37 -3.97
N GLU A 120 15.44 46.61 -2.93
CA GLU A 120 15.31 45.68 -1.83
C GLU A 120 13.85 45.45 -1.53
N CYS A 121 13.38 44.22 -1.71
CA CYS A 121 12.02 43.85 -1.41
C CYS A 121 11.96 43.28 0.01
N HIS A 122 11.23 43.96 0.89
CA HIS A 122 11.04 43.50 2.25
C HIS A 122 9.67 42.82 2.36
N VAL A 123 9.67 41.57 2.82
CA VAL A 123 8.45 40.78 2.93
C VAL A 123 8.18 40.55 4.41
N TYR A 124 7.04 41.03 4.89
CA TYR A 124 6.62 40.85 6.27
C TYR A 124 5.45 39.89 6.30
N ARG A 125 5.60 38.79 7.04
CA ARG A 125 4.59 37.75 7.11
C ARG A 125 4.07 37.61 8.52
N LEU A 126 2.77 37.32 8.64
CA LEU A 126 2.13 36.97 9.91
C LEU A 126 1.44 35.63 9.69
N LEU A 127 2.19 34.54 9.86
CA LEU A 127 1.63 33.22 9.67
C LEU A 127 0.64 32.90 10.78
N PHE A 128 -0.51 32.34 10.41
CA PHE A 128 -1.54 31.97 11.36
C PHE A 128 -1.53 30.47 11.57
N PHE A 129 -1.52 30.07 12.84
CA PHE A 129 -1.59 28.66 13.21
C PHE A 129 -2.75 28.45 14.17
N GLU A 130 -2.80 27.28 14.81
CA GLU A 130 -3.94 26.95 15.67
C GLU A 130 -4.12 28.01 16.76
N ASN A 131 -3.06 28.30 17.52
CA ASN A 131 -3.10 29.34 18.53
C ASN A 131 -1.79 30.12 18.60
N TYR A 132 -1.04 30.16 17.50
CA TYR A 132 0.34 30.65 17.53
C TYR A 132 0.64 31.45 16.27
N GLU A 133 0.60 32.78 16.38
CA GLU A 133 1.06 33.64 15.32
C GLU A 133 2.58 33.64 15.23
N HIS A 134 3.10 34.11 14.10
CA HIS A 134 4.54 34.25 13.93
C HIS A 134 4.82 35.36 12.92
N ASN A 135 5.69 36.28 13.29
CA ASN A 135 6.06 37.42 12.47
C ASN A 135 7.46 37.21 11.93
N THR A 136 7.61 37.26 10.61
CA THR A 136 8.89 36.99 9.96
C THR A 136 9.14 38.04 8.89
N SER A 137 10.41 38.43 8.76
CA SER A 137 10.81 39.41 7.77
C SER A 137 11.90 38.80 6.89
N VAL A 138 11.73 38.91 5.57
CA VAL A 138 12.68 38.41 4.60
C VAL A 138 13.05 39.55 3.66
N VAL A 139 14.35 39.74 3.44
CA VAL A 139 14.86 40.81 2.60
C VAL A 139 15.65 40.19 1.46
N LYS A 140 15.31 40.57 0.23
CA LYS A 140 16.02 40.11 -0.96
C LYS A 140 16.55 41.31 -1.72
N LYS A 141 17.84 41.26 -2.05
CA LYS A 141 18.54 42.37 -2.71
C LYS A 141 18.71 42.04 -4.19
N ILE A 142 18.31 42.97 -5.04
CA ILE A 142 18.41 42.80 -6.49
C ILE A 142 18.99 44.07 -7.09
N HIS A 143 19.94 43.91 -8.00
CA HIS A 143 20.66 45.01 -8.62
C HIS A 143 20.45 44.97 -10.13
N ILE A 144 20.01 46.10 -10.70
CA ILE A 144 19.74 46.20 -12.13
C ILE A 144 20.42 47.45 -12.67
N GLU A 145 20.67 47.42 -13.99
CA GLU A 145 21.21 48.56 -14.71
C GLU A 145 20.34 48.87 -15.91
N VAL A 146 20.23 50.15 -16.25
CA VAL A 146 19.44 50.60 -17.39
C VAL A 146 20.37 50.89 -18.55
N VAL A 147 20.10 50.28 -19.70
CA VAL A 147 20.90 50.42 -20.90
C VAL A 147 19.98 50.82 -22.06
N ASP A 148 20.59 50.99 -23.24
CA ASP A 148 19.85 51.35 -24.45
C ASP A 148 19.63 50.17 -25.38
N LYS A 149 20.61 49.28 -25.51
CA LYS A 149 20.49 48.11 -26.36
C LYS A 149 20.42 46.85 -25.50
N ALA A 150 19.50 45.95 -25.83
CA ALA A 150 19.36 44.71 -25.08
C ALA A 150 20.53 43.79 -25.37
N ASN A 151 21.56 43.86 -24.55
CA ASN A 151 22.74 43.02 -24.73
C ASN A 151 22.34 41.57 -24.50
N ARG A 152 22.26 40.79 -25.58
CA ARG A 152 21.91 39.39 -25.46
C ARG A 152 22.97 38.67 -24.63
N ASP A 153 22.51 37.88 -23.67
CA ASP A 153 23.38 37.32 -22.65
C ASP A 153 24.43 36.38 -23.27
N MET A 154 25.53 36.20 -22.54
CA MET A 154 26.62 35.36 -23.03
C MET A 154 26.17 33.93 -23.24
N ALA A 155 25.17 33.48 -22.48
CA ALA A 155 24.70 32.10 -22.62
C ALA A 155 24.17 31.83 -24.02
N SER A 156 23.37 32.75 -24.55
CA SER A 156 22.78 32.54 -25.87
C SER A 156 23.86 32.50 -26.96
N ILE A 157 24.82 33.42 -26.91
CA ILE A 157 25.84 33.46 -27.95
C ILE A 157 26.77 32.26 -27.84
N VAL A 158 27.14 31.86 -26.63
CA VAL A 158 28.02 30.71 -26.51
C VAL A 158 27.28 29.44 -26.94
N SER A 159 25.99 29.34 -26.66
CA SER A 159 25.21 28.21 -27.13
C SER A 159 25.11 28.18 -28.64
N GLU A 160 24.88 29.33 -29.27
CA GLU A 160 24.87 29.40 -30.73
C GLU A 160 26.19 28.91 -31.31
N ILE A 161 27.31 29.45 -30.80
CA ILE A 161 28.61 29.09 -31.33
C ILE A 161 28.89 27.61 -31.12
N MET A 162 28.59 27.09 -29.91
CA MET A 162 28.85 25.69 -29.62
C MET A 162 28.01 24.77 -30.49
N MET A 163 26.73 25.10 -30.69
CA MET A 163 25.87 24.27 -31.51
C MET A 163 26.35 24.24 -32.97
N TYR A 164 26.70 25.42 -33.51
CA TYR A 164 27.20 25.48 -34.88
C TYR A 164 28.49 24.71 -35.02
N VAL A 165 29.44 24.87 -34.09
CA VAL A 165 30.73 24.20 -34.24
C VAL A 165 30.57 22.70 -34.06
N LEU A 166 29.71 22.27 -33.14
CA LEU A 166 29.48 20.84 -32.98
C LEU A 166 28.85 20.24 -34.23
N ILE A 167 27.90 20.96 -34.83
CA ILE A 167 27.27 20.47 -36.06
C ILE A 167 28.31 20.34 -37.17
N VAL A 168 29.15 21.36 -37.34
CA VAL A 168 30.10 21.31 -38.45
C VAL A 168 31.17 20.24 -38.20
N VAL A 169 31.60 20.07 -36.95
CA VAL A 169 32.58 19.04 -36.65
C VAL A 169 31.99 17.66 -36.88
N LEU A 170 30.72 17.45 -36.52
CA LEU A 170 30.07 16.19 -36.83
C LEU A 170 30.00 15.95 -38.33
N THR A 171 29.68 16.99 -39.10
CA THR A 171 29.63 16.84 -40.56
C THR A 171 30.99 16.44 -41.12
N ILE A 172 32.06 17.13 -40.71
CA ILE A 172 33.38 16.80 -41.23
C ILE A 172 33.81 15.41 -40.79
N TRP A 173 33.50 15.03 -39.54
CA TRP A 173 33.84 13.68 -39.08
C TRP A 173 33.15 12.62 -39.92
N LEU A 174 31.84 12.77 -40.16
CA LEU A 174 31.12 11.77 -40.94
C LEU A 174 31.63 11.74 -42.37
N VAL A 175 31.88 12.91 -42.97
CA VAL A 175 32.35 12.95 -44.35
C VAL A 175 33.72 12.30 -44.47
N ALA A 176 34.62 12.58 -43.51
CA ALA A 176 35.95 11.97 -43.54
C ALA A 176 35.86 10.47 -43.38
N GLU A 177 35.02 10.00 -42.46
CA GLU A 177 34.84 8.56 -42.29
C GLU A 177 34.31 7.91 -43.57
N MET A 178 33.31 8.54 -44.20
CA MET A 178 32.76 8.01 -45.44
C MET A 178 33.81 7.98 -46.54
N ILE A 179 34.62 9.04 -46.66
CA ILE A 179 35.64 9.09 -47.70
C ILE A 179 36.69 8.00 -47.47
N TYR A 180 37.15 7.85 -46.23
CA TYR A 180 38.16 6.83 -45.93
C TYR A 180 37.62 5.43 -46.22
N CYS A 181 36.39 5.16 -45.78
CA CYS A 181 35.80 3.85 -46.03
C CYS A 181 35.61 3.61 -47.53
N TYR A 182 35.20 4.65 -48.27
CA TYR A 182 35.03 4.53 -49.71
C TYR A 182 36.36 4.21 -50.38
N LYS A 183 37.43 4.90 -50.00
CA LYS A 183 38.73 4.63 -50.60
C LYS A 183 39.22 3.23 -50.28
N LYS A 184 39.08 2.80 -49.02
CA LYS A 184 39.54 1.46 -48.67
C LYS A 184 38.73 0.38 -49.38
N ILE A 185 37.41 0.56 -49.47
CA ILE A 185 36.61 -0.45 -50.14
C ILE A 185 36.86 -0.46 -51.65
N ALA A 186 37.16 0.70 -52.23
CA ALA A 186 37.53 0.74 -53.64
C ALA A 186 38.85 0.02 -53.87
N ALA A 187 39.83 0.24 -53.00
CA ALA A 187 41.10 -0.46 -53.12
C ALA A 187 40.95 -1.96 -52.91
N ALA A 188 39.99 -2.36 -52.07
CA ALA A 188 39.74 -3.78 -51.87
C ALA A 188 39.06 -4.40 -53.07
N THR A 189 38.04 -3.73 -53.63
CA THR A 189 37.27 -4.29 -54.73
C THR A 189 37.99 -4.20 -56.06
N GLU A 190 38.99 -3.33 -56.20
CA GLU A 190 39.75 -3.30 -57.44
C GLU A 190 40.64 -4.52 -57.58
N THR A 191 40.97 -5.20 -56.48
CA THR A 191 41.72 -6.45 -56.57
C THR A 191 40.94 -7.53 -57.29
N ALA A 192 39.64 -7.64 -57.02
CA ALA A 192 38.79 -8.64 -57.66
C ALA A 192 38.16 -8.08 -58.93
N ILE B 128 -19.87 -50.50 17.54
CA ILE B 128 -20.29 -50.20 18.90
C ILE B 128 -20.96 -48.83 18.94
N LEU B 129 -22.19 -48.79 18.45
CA LEU B 129 -22.98 -47.54 18.35
C LEU B 129 -22.20 -46.47 17.59
N ILE B 130 -21.62 -46.87 16.46
CA ILE B 130 -20.88 -45.94 15.61
C ILE B 130 -21.60 -45.83 14.26
N HIS B 131 -22.91 -46.04 14.27
CA HIS B 131 -23.70 -46.00 13.07
C HIS B 131 -23.72 -44.56 12.52
N SER B 132 -23.84 -44.45 11.19
CA SER B 132 -23.65 -43.17 10.53
C SER B 132 -24.63 -42.11 11.01
N VAL B 133 -25.78 -42.51 11.54
CA VAL B 133 -26.74 -41.53 12.03
C VAL B 133 -26.17 -40.80 13.23
N PHE B 134 -25.32 -41.47 14.01
CA PHE B 134 -24.64 -40.80 15.11
C PHE B 134 -23.73 -39.69 14.59
N SER B 135 -22.98 -39.98 13.52
CA SER B 135 -22.14 -38.96 12.93
C SER B 135 -22.97 -37.81 12.38
N MET B 136 -24.12 -38.13 11.76
CA MET B 136 -24.97 -37.08 11.21
C MET B 136 -25.53 -36.18 12.31
N ILE B 137 -25.98 -36.76 13.42
CA ILE B 137 -26.53 -35.93 14.49
C ILE B 137 -25.44 -35.14 15.18
N ILE B 138 -24.24 -35.70 15.29
CA ILE B 138 -23.11 -34.94 15.81
C ILE B 138 -22.79 -33.77 14.89
N MET B 139 -22.88 -33.99 13.57
CA MET B 139 -22.67 -32.91 12.61
C MET B 139 -23.70 -31.80 12.78
N CYS B 140 -24.97 -32.18 12.91
CA CYS B 140 -26.02 -31.17 13.09
C CYS B 140 -25.80 -30.39 14.39
N THR B 141 -25.44 -31.09 15.46
CA THR B 141 -25.21 -30.43 16.74
C THR B 141 -24.01 -29.49 16.66
N ILE B 142 -22.95 -29.90 15.96
CA ILE B 142 -21.76 -29.06 15.88
C ILE B 142 -22.02 -27.83 15.02
N LEU B 143 -22.82 -27.95 13.96
CA LEU B 143 -23.18 -26.76 13.19
C LEU B 143 -24.08 -25.83 14.00
N THR B 144 -25.01 -26.39 14.79
CA THR B 144 -25.81 -25.55 15.67
C THR B 144 -24.95 -24.81 16.68
N ASN B 145 -23.96 -25.51 17.25
CA ASN B 145 -23.04 -24.86 18.18
C ASN B 145 -22.23 -23.77 17.49
N CYS B 146 -21.82 -24.02 16.24
CA CYS B 146 -21.09 -22.99 15.50
C CYS B 146 -21.94 -21.75 15.29
N VAL B 147 -23.22 -21.94 14.94
CA VAL B 147 -24.12 -20.80 14.77
C VAL B 147 -24.29 -20.06 16.10
N PHE B 148 -24.44 -20.80 17.20
CA PHE B 148 -24.61 -20.17 18.51
C PHE B 148 -23.37 -19.36 18.89
N MET B 149 -22.18 -19.86 18.59
CA MET B 149 -20.96 -19.08 18.80
C MET B 149 -20.96 -17.85 17.90
N THR B 150 -21.43 -18.00 16.66
CA THR B 150 -21.56 -16.87 15.76
C THR B 150 -22.41 -15.76 16.36
N PHE B 151 -23.46 -16.14 17.10
CA PHE B 151 -24.25 -15.14 17.82
C PHE B 151 -23.36 -14.39 18.80
N SER B 152 -23.47 -13.06 18.79
CA SER B 152 -22.59 -12.22 19.61
C SER B 152 -23.01 -12.23 21.07
N ASN B 153 -24.22 -11.77 21.35
CA ASN B 153 -24.74 -11.76 22.72
C ASN B 153 -25.75 -12.88 22.88
N PRO B 154 -25.39 -13.96 23.57
CA PRO B 154 -26.31 -15.09 23.71
C PRO B 154 -27.45 -14.75 24.65
N PRO B 155 -28.69 -14.79 24.16
CA PRO B 155 -29.83 -14.57 25.05
C PRO B 155 -29.94 -15.66 26.09
N ASP B 156 -30.48 -15.29 27.25
CA ASP B 156 -30.50 -16.20 28.39
C ASP B 156 -31.35 -17.44 28.16
N TRP B 157 -32.27 -17.41 27.19
CA TRP B 157 -33.05 -18.61 26.89
C TRP B 157 -32.26 -19.64 26.11
N SER B 158 -31.06 -19.30 25.64
CA SER B 158 -30.18 -20.24 24.94
C SER B 158 -29.21 -20.94 25.87
N LYS B 159 -29.24 -20.62 27.17
CA LYS B 159 -28.36 -21.29 28.12
C LYS B 159 -28.71 -22.77 28.22
N ASN B 160 -30.00 -23.09 28.18
CA ASN B 160 -30.42 -24.49 28.18
C ASN B 160 -30.04 -25.19 26.88
N VAL B 161 -30.05 -24.48 25.76
CA VAL B 161 -29.61 -25.07 24.50
C VAL B 161 -28.12 -25.39 24.55
N GLU B 162 -27.33 -24.48 25.12
CA GLU B 162 -25.91 -24.78 25.33
C GLU B 162 -25.72 -25.96 26.27
N TYR B 163 -26.56 -26.07 27.30
CA TYR B 163 -26.50 -27.23 28.18
C TYR B 163 -26.81 -28.51 27.42
N THR B 164 -27.79 -28.45 26.51
CA THR B 164 -28.11 -29.61 25.68
C THR B 164 -26.93 -30.00 24.80
N PHE B 165 -26.26 -29.00 24.22
CA PHE B 165 -25.08 -29.26 23.41
C PHE B 165 -23.98 -29.93 24.25
N THR B 166 -23.77 -29.41 25.46
CA THR B 166 -22.79 -29.99 26.37
C THR B 166 -23.15 -31.43 26.70
N GLY B 167 -24.45 -31.69 26.90
CA GLY B 167 -24.89 -33.05 27.17
C GLY B 167 -24.65 -33.98 26.00
N ILE B 168 -24.86 -33.49 24.78
CA ILE B 168 -24.60 -34.30 23.59
C ILE B 168 -23.11 -34.64 23.49
N TYR B 169 -22.26 -33.63 23.72
CA TYR B 169 -20.82 -33.86 23.69
C TYR B 169 -20.39 -34.85 24.77
N THR B 170 -20.92 -34.73 25.99
CA THR B 170 -20.54 -35.68 27.03
C THR B 170 -21.14 -37.06 26.81
N PHE B 171 -22.27 -37.16 26.11
CA PHE B 171 -22.77 -38.47 25.68
C PHE B 171 -21.82 -39.13 24.68
N GLU B 172 -21.32 -38.35 23.71
CA GLU B 172 -20.30 -38.89 22.81
C GLU B 172 -19.04 -39.27 23.58
N SER B 173 -18.69 -38.48 24.60
CA SER B 173 -17.54 -38.82 25.44
C SER B 173 -17.78 -40.13 26.19
N LEU B 174 -19.00 -40.33 26.67
CA LEU B 174 -19.36 -41.59 27.32
C LEU B 174 -19.19 -42.77 26.36
N VAL B 175 -19.65 -42.59 25.12
CA VAL B 175 -19.52 -43.64 24.12
C VAL B 175 -18.04 -43.96 23.89
N LYS B 176 -17.23 -42.92 23.71
CA LYS B 176 -15.81 -43.14 23.40
C LYS B 176 -15.03 -43.66 24.59
N ILE B 177 -15.51 -43.41 25.81
CA ILE B 177 -14.82 -43.92 26.99
C ILE B 177 -15.26 -45.35 27.32
N ILE B 178 -16.48 -45.75 26.95
CA ILE B 178 -16.88 -47.15 27.11
C ILE B 178 -16.43 -48.01 25.93
N ALA B 179 -16.02 -47.40 24.82
CA ALA B 179 -15.44 -48.13 23.70
C ALA B 179 -13.93 -47.84 23.66
N ARG B 180 -13.15 -48.73 24.27
CA ARG B 180 -11.68 -48.64 24.31
C ARG B 180 -11.23 -47.30 24.91
N GLY B 181 -11.56 -47.14 26.18
CA GLY B 181 -11.31 -45.88 26.86
C GLY B 181 -9.99 -45.78 27.61
N PHE B 182 -9.55 -46.87 28.22
CA PHE B 182 -8.38 -46.80 29.10
C PHE B 182 -7.12 -46.50 28.28
N CYS B 183 -6.28 -45.62 28.83
CA CYS B 183 -5.16 -45.08 28.05
C CYS B 183 -4.10 -46.12 27.76
N ILE B 184 -3.72 -46.93 28.76
CA ILE B 184 -2.57 -47.82 28.62
C ILE B 184 -2.87 -48.90 27.57
N ASP B 185 -4.15 -49.23 27.37
CA ASP B 185 -4.50 -50.23 26.37
C ASP B 185 -4.21 -49.72 24.97
N GLY B 186 -3.71 -50.60 24.12
CA GLY B 186 -3.38 -50.21 22.77
C GLY B 186 -4.60 -49.84 21.95
N PHE B 187 -4.38 -48.98 20.96
CA PHE B 187 -5.44 -48.51 20.05
C PHE B 187 -6.58 -47.83 20.80
N THR B 188 -6.26 -47.16 21.91
CA THR B 188 -7.24 -46.39 22.64
C THR B 188 -7.41 -45.01 21.99
N PHE B 189 -8.41 -44.28 22.46
CA PHE B 189 -8.66 -42.94 21.89
C PHE B 189 -7.61 -41.94 22.33
N LEU B 190 -6.84 -42.22 23.39
CA LEU B 190 -5.73 -41.35 23.73
C LEU B 190 -4.66 -41.33 22.65
N ARG B 191 -4.57 -42.40 21.85
CA ARG B 191 -3.61 -42.44 20.75
C ARG B 191 -3.99 -41.44 19.66
N ASP B 192 -5.29 -41.19 19.47
CA ASP B 192 -5.75 -40.24 18.47
C ASP B 192 -5.66 -38.83 19.02
N PRO B 193 -4.91 -37.93 18.37
CA PRO B 193 -4.72 -36.58 18.96
C PRO B 193 -6.00 -35.78 19.11
N TRP B 194 -6.99 -35.97 18.25
CA TRP B 194 -8.19 -35.14 18.32
C TRP B 194 -9.05 -35.49 19.53
N ASN B 195 -9.00 -36.75 19.98
CA ASN B 195 -9.72 -37.11 21.20
C ASN B 195 -9.14 -36.40 22.42
N TRP B 196 -7.84 -36.08 22.39
CA TRP B 196 -7.27 -35.20 23.41
C TRP B 196 -8.01 -33.87 23.46
N LEU B 197 -8.26 -33.29 22.28
CA LEU B 197 -9.00 -32.02 22.21
C LEU B 197 -10.43 -32.21 22.70
N ASP B 198 -11.05 -33.36 22.38
CA ASP B 198 -12.40 -33.63 22.85
C ASP B 198 -12.45 -33.63 24.37
N PHE B 199 -11.54 -34.38 25.00
CA PHE B 199 -11.51 -34.44 26.46
C PHE B 199 -11.19 -33.07 27.04
N SER B 200 -10.29 -32.33 26.40
CA SER B 200 -9.92 -31.00 26.90
C SER B 200 -11.11 -30.05 26.88
N VAL B 201 -11.88 -30.04 25.79
CA VAL B 201 -13.01 -29.14 25.71
C VAL B 201 -14.11 -29.57 26.68
N ILE B 202 -14.28 -30.88 26.89
CA ILE B 202 -15.26 -31.34 27.88
C ILE B 202 -14.87 -30.87 29.27
N MET B 203 -13.59 -31.05 29.63
CA MET B 203 -13.15 -30.65 30.96
C MET B 203 -13.19 -29.14 31.14
N MET B 204 -12.92 -28.39 30.07
CA MET B 204 -12.99 -26.93 30.15
C MET B 204 -14.43 -26.45 30.28
N ALA B 205 -15.38 -27.10 29.61
CA ALA B 205 -16.79 -26.77 29.80
C ALA B 205 -17.21 -27.05 31.24
N TYR B 206 -16.78 -28.19 31.78
CA TYR B 206 -17.11 -28.52 33.17
C TYR B 206 -16.52 -27.48 34.13
N ILE B 207 -15.28 -27.06 33.89
CA ILE B 207 -14.67 -26.04 34.74
C ILE B 207 -15.41 -24.72 34.62
N THR B 208 -15.77 -24.33 33.39
CA THR B 208 -16.39 -23.03 33.17
C THR B 208 -17.78 -22.95 33.77
N GLU B 209 -18.55 -24.05 33.71
CA GLU B 209 -19.92 -24.00 34.20
C GLU B 209 -20.01 -23.82 35.71
N PHE B 210 -18.89 -23.96 36.42
CA PHE B 210 -18.76 -23.59 37.83
C PHE B 210 -17.61 -22.61 38.01
N VAL B 211 -17.22 -22.39 39.27
CA VAL B 211 -16.18 -21.42 39.57
C VAL B 211 -14.91 -21.73 38.78
N ASN B 212 -14.20 -20.67 38.41
CA ASN B 212 -13.04 -20.78 37.53
C ASN B 212 -12.14 -19.56 37.75
N LEU B 213 -11.17 -19.39 36.86
CA LEU B 213 -10.29 -18.23 36.92
C LEU B 213 -11.05 -16.99 36.46
N GLY B 214 -10.56 -15.82 36.89
CA GLY B 214 -11.24 -14.56 36.64
C GLY B 214 -11.29 -14.10 35.19
N ASN B 215 -10.42 -14.62 34.34
CA ASN B 215 -10.40 -14.22 32.92
C ASN B 215 -11.54 -14.93 32.20
N VAL B 216 -12.71 -14.29 32.23
CA VAL B 216 -13.89 -14.88 31.62
C VAL B 216 -13.74 -14.95 30.11
N SER B 217 -13.08 -13.94 29.52
CA SER B 217 -12.94 -13.89 28.07
C SER B 217 -12.15 -15.07 27.54
N ALA B 218 -11.05 -15.42 28.20
CA ALA B 218 -10.22 -16.52 27.73
C ALA B 218 -10.96 -17.85 27.82
N LEU B 219 -11.67 -18.09 28.92
CA LEU B 219 -12.39 -19.36 29.06
C LEU B 219 -13.57 -19.43 28.10
N ARG B 220 -14.21 -18.29 27.81
CA ARG B 220 -15.24 -18.27 26.80
C ARG B 220 -14.66 -18.54 25.41
N THR B 221 -13.48 -18.01 25.13
CA THR B 221 -12.84 -18.27 23.84
C THR B 221 -12.42 -19.72 23.70
N PHE B 222 -12.04 -20.36 24.82
CA PHE B 222 -11.60 -21.75 24.78
C PHE B 222 -12.66 -22.71 24.24
N ARG B 223 -13.88 -22.23 23.99
CA ARG B 223 -14.92 -23.08 23.39
C ARG B 223 -14.75 -23.24 21.89
N VAL B 224 -13.82 -22.56 21.23
CA VAL B 224 -13.65 -22.72 19.79
C VAL B 224 -13.16 -24.12 19.41
N LEU B 225 -12.65 -24.89 20.38
CA LEU B 225 -12.37 -26.29 20.10
C LEU B 225 -13.62 -27.06 19.69
N ARG B 226 -14.78 -26.62 20.16
CA ARG B 226 -16.04 -27.21 19.72
C ARG B 226 -16.19 -27.11 18.21
N ALA B 227 -15.93 -25.93 17.65
CA ALA B 227 -16.00 -25.75 16.21
C ALA B 227 -14.83 -26.42 15.50
N LEU B 228 -13.68 -26.46 16.18
CA LEU B 228 -12.49 -27.10 15.59
C LEU B 228 -12.71 -28.60 15.43
N LYS B 229 -13.61 -29.18 16.24
CA LYS B 229 -13.93 -30.60 16.11
C LYS B 229 -14.46 -30.94 14.74
N THR B 230 -14.98 -29.94 14.01
CA THR B 230 -15.42 -30.18 12.63
C THR B 230 -14.29 -30.71 11.76
N ILE B 231 -13.05 -30.35 12.06
CA ILE B 231 -11.91 -30.87 11.31
C ILE B 231 -11.84 -32.39 11.48
N SER B 232 -12.02 -32.88 12.70
CA SER B 232 -11.92 -34.32 12.94
C SER B 232 -13.14 -35.07 12.42
N VAL B 233 -14.33 -34.54 12.65
CA VAL B 233 -15.54 -35.30 12.33
C VAL B 233 -15.76 -35.39 10.82
N ILE B 234 -15.45 -34.34 10.08
CA ILE B 234 -15.67 -34.40 8.62
C ILE B 234 -14.61 -35.29 7.99
N PRO B 235 -14.97 -36.29 7.20
CA PRO B 235 -13.97 -37.18 6.61
C PRO B 235 -13.06 -36.44 5.64
N GLY B 236 -11.78 -36.84 5.63
CA GLY B 236 -10.82 -36.35 4.67
C GLY B 236 -10.03 -35.13 5.08
N LEU B 237 -10.49 -34.40 6.10
CA LEU B 237 -9.81 -33.16 6.48
C LEU B 237 -8.46 -33.43 7.13
N LYS B 238 -8.31 -34.59 7.78
CA LYS B 238 -7.04 -34.92 8.43
C LYS B 238 -5.91 -35.00 7.40
N THR B 239 -6.21 -35.54 6.21
CA THR B 239 -5.21 -35.58 5.15
C THR B 239 -4.78 -34.18 4.74
N ILE B 240 -5.74 -33.26 4.64
CA ILE B 240 -5.43 -31.89 4.24
C ILE B 240 -4.57 -31.21 5.29
N VAL B 241 -4.92 -31.40 6.57
CA VAL B 241 -4.12 -30.84 7.66
C VAL B 241 -2.71 -31.41 7.62
N GLY B 242 -2.59 -32.72 7.38
CA GLY B 242 -1.27 -33.32 7.23
C GLY B 242 -0.48 -32.70 6.10
N ALA B 243 -1.14 -32.46 4.96
CA ALA B 243 -0.48 -31.85 3.82
C ALA B 243 0.06 -30.47 4.17
N LEU B 244 -0.75 -29.68 4.86
CA LEU B 244 -0.28 -28.40 5.39
C LEU B 244 0.95 -28.60 6.26
N ILE B 245 0.95 -29.68 7.06
CA ILE B 245 2.09 -29.94 7.94
C ILE B 245 3.36 -30.20 7.14
N GLN B 246 3.26 -31.02 6.08
CA GLN B 246 4.48 -31.25 5.29
C GLN B 246 4.93 -29.97 4.57
N SER B 247 3.99 -29.15 4.12
CA SER B 247 4.38 -27.89 3.48
C SER B 247 5.15 -26.99 4.45
N VAL B 248 4.64 -26.89 5.68
CA VAL B 248 5.35 -26.11 6.71
C VAL B 248 6.72 -26.71 7.00
N LYS B 249 6.78 -28.04 7.11
CA LYS B 249 8.06 -28.68 7.38
C LYS B 249 9.06 -28.46 6.25
N LYS B 250 8.57 -28.29 5.02
CA LYS B 250 9.46 -28.04 3.89
C LYS B 250 9.95 -26.58 3.87
N LEU B 251 9.10 -25.62 4.22
CA LEU B 251 9.46 -24.21 4.12
C LEU B 251 10.32 -23.69 5.29
N SER B 252 10.90 -24.59 6.10
CA SER B 252 11.63 -24.17 7.29
C SER B 252 12.93 -23.45 6.94
N ASP B 253 13.66 -23.93 5.94
CA ASP B 253 14.91 -23.30 5.56
C ASP B 253 14.69 -21.86 5.11
N VAL B 254 13.66 -21.65 4.29
CA VAL B 254 13.35 -20.29 3.83
C VAL B 254 12.89 -19.44 4.99
N MET B 255 12.19 -20.03 5.97
CA MET B 255 11.87 -19.25 7.17
C MET B 255 13.14 -18.80 7.91
N ILE B 256 14.13 -19.69 8.03
CA ILE B 256 15.37 -19.32 8.72
C ILE B 256 16.07 -18.19 7.97
N LEU B 257 16.15 -18.31 6.64
CA LEU B 257 16.79 -17.26 5.86
C LEU B 257 16.03 -15.95 5.96
N THR B 258 14.69 -16.02 5.95
CA THR B 258 13.88 -14.82 6.09
C THR B 258 14.13 -14.15 7.43
N VAL B 259 14.20 -14.93 8.51
CA VAL B 259 14.41 -14.36 9.84
C VAL B 259 15.76 -13.68 9.92
N PHE B 260 16.81 -14.34 9.41
CA PHE B 260 18.13 -13.72 9.49
C PHE B 260 18.26 -12.50 8.59
N CYS B 261 17.68 -12.55 7.39
CA CYS B 261 17.72 -11.38 6.51
C CYS B 261 16.94 -10.21 7.12
N LEU B 262 15.78 -10.49 7.70
CA LEU B 262 15.02 -9.44 8.37
C LEU B 262 15.76 -8.89 9.57
N SER B 263 16.49 -9.74 10.29
CA SER B 263 17.29 -9.25 11.42
C SER B 263 18.40 -8.33 10.94
N VAL B 264 19.08 -8.70 9.84
CA VAL B 264 20.14 -7.86 9.30
C VAL B 264 19.58 -6.50 8.86
N PHE B 265 18.48 -6.53 8.10
CA PHE B 265 17.86 -5.28 7.67
C PHE B 265 17.32 -4.49 8.85
N ALA B 266 16.87 -5.17 9.90
CA ALA B 266 16.41 -4.47 11.10
C ALA B 266 17.55 -3.76 11.80
N LEU B 267 18.72 -4.40 11.89
CA LEU B 267 19.88 -3.71 12.44
C LEU B 267 20.25 -2.49 11.58
N ILE B 268 20.22 -2.65 10.26
CA ILE B 268 20.56 -1.53 9.37
C ILE B 268 19.59 -0.38 9.59
N GLY B 269 18.29 -0.66 9.58
CA GLY B 269 17.30 0.39 9.77
C GLY B 269 17.35 1.00 11.16
N LEU B 270 17.65 0.18 12.18
CA LEU B 270 17.77 0.68 13.54
C LEU B 270 18.93 1.66 13.66
N GLN B 271 20.07 1.34 13.04
CA GLN B 271 21.22 2.22 13.17
C GLN B 271 21.13 3.43 12.23
N LEU B 272 20.32 3.34 11.17
CA LEU B 272 20.13 4.52 10.32
C LEU B 272 19.06 5.45 10.88
N PHE B 273 17.83 4.97 10.96
CA PHE B 273 16.68 5.80 11.31
C PHE B 273 16.39 5.82 12.80
N MET B 274 17.40 5.68 13.64
CA MET B 274 17.21 5.65 15.08
C MET B 274 16.56 6.93 15.57
N GLY B 275 15.32 6.84 16.03
CA GLY B 275 14.62 7.97 16.60
C GLY B 275 14.25 9.06 15.61
N ASN B 276 14.48 8.82 14.31
CA ASN B 276 14.13 9.82 13.32
C ASN B 276 12.62 9.92 13.13
N LEU B 277 11.89 8.84 13.42
CA LEU B 277 10.43 8.89 13.31
C LEU B 277 9.80 9.83 14.31
N ARG B 278 10.53 10.22 15.36
CA ARG B 278 10.00 11.17 16.33
C ARG B 278 10.09 12.61 15.86
N ASN B 279 10.86 12.89 14.82
CA ASN B 279 11.11 14.25 14.39
C ASN B 279 9.82 14.99 14.08
N LYS B 280 9.49 15.96 14.91
CA LYS B 280 8.25 16.72 14.78
C LYS B 280 8.57 18.20 14.88
N CYS B 281 7.74 19.01 14.23
CA CYS B 281 7.94 20.46 14.23
C CYS B 281 7.51 21.01 15.59
N VAL B 282 8.50 21.27 16.44
CA VAL B 282 8.29 21.85 17.76
C VAL B 282 8.40 23.36 17.64
N VAL B 283 7.53 24.08 18.35
CA VAL B 283 7.56 25.54 18.34
C VAL B 283 8.86 25.99 18.97
N TRP B 284 9.78 26.49 18.15
CA TRP B 284 11.15 26.73 18.59
C TRP B 284 11.39 28.00 19.40
N PRO B 285 10.79 29.15 19.06
CA PRO B 285 11.04 30.33 19.89
C PRO B 285 10.42 30.18 21.26
N ILE B 286 11.12 29.46 22.15
CA ILE B 286 10.61 29.08 23.45
C ILE B 286 10.10 30.33 24.17
N ASN B 287 8.80 30.36 24.45
CA ASN B 287 8.18 31.54 25.04
C ASN B 287 8.26 31.41 26.56
N PHE B 288 9.42 31.80 27.10
CA PHE B 288 9.68 31.62 28.53
C PHE B 288 8.76 32.50 29.37
N ASN B 289 8.26 33.60 28.80
CA ASN B 289 7.48 34.54 29.60
C ASN B 289 6.12 33.98 29.98
N GLU B 290 5.55 33.10 29.16
CA GLU B 290 4.29 32.45 29.47
C GLU B 290 4.37 30.93 29.25
N SER B 291 5.43 30.32 29.76
CA SER B 291 5.60 28.86 29.69
C SER B 291 5.12 28.27 31.01
N TYR B 292 3.80 28.09 31.10
CA TYR B 292 3.20 27.53 32.30
C TYR B 292 3.55 26.07 32.48
N LEU B 293 3.68 25.64 33.72
CA LEU B 293 3.85 24.23 34.05
C LEU B 293 2.49 23.57 34.26
N GLU B 294 2.51 22.25 34.48
CA GLU B 294 1.27 21.54 34.72
C GLU B 294 0.57 22.03 35.98
N ASN B 295 1.31 22.21 37.07
CA ASN B 295 0.73 22.59 38.34
C ASN B 295 0.69 24.10 38.56
N GLY B 296 0.71 24.89 37.48
CA GLY B 296 0.65 26.33 37.60
C GLY B 296 1.87 26.98 38.21
N THR B 297 3.06 26.48 37.89
CA THR B 297 4.29 27.01 38.48
C THR B 297 4.71 28.34 37.87
N LYS B 298 4.40 28.55 36.59
CA LYS B 298 4.92 29.64 35.76
C LYS B 298 6.38 29.38 35.41
N GLY B 299 6.96 28.34 36.02
CA GLY B 299 8.30 27.94 35.65
C GLY B 299 8.32 27.08 34.40
N PHE B 300 9.52 26.91 33.85
CA PHE B 300 9.72 26.16 32.62
C PHE B 300 10.54 24.91 32.89
N ASP B 301 10.01 23.76 32.48
CA ASP B 301 10.71 22.49 32.54
C ASP B 301 10.83 21.94 31.13
N TRP B 302 12.01 21.42 30.79
CA TRP B 302 12.25 21.00 29.41
C TRP B 302 11.41 19.79 29.03
N GLU B 303 11.44 18.74 29.87
CA GLU B 303 10.79 17.48 29.51
C GLU B 303 9.29 17.60 29.33
N GLU B 304 8.67 18.66 29.84
CA GLU B 304 7.25 18.89 29.62
C GLU B 304 6.96 19.78 28.43
N TYR B 305 7.95 20.56 27.96
CA TYR B 305 7.77 21.32 26.73
C TYR B 305 7.90 20.41 25.52
N ILE B 306 8.76 19.40 25.60
CA ILE B 306 9.02 18.53 24.45
C ILE B 306 7.94 17.48 24.25
N ASN B 307 7.03 17.32 25.22
CA ASN B 307 5.98 16.31 25.13
C ASN B 307 4.58 16.89 25.18
N ASN B 308 4.43 18.20 25.32
CA ASN B 308 3.11 18.82 25.33
C ASN B 308 2.58 18.84 23.91
N LYS B 309 1.46 18.15 23.68
CA LYS B 309 1.06 17.79 22.32
C LYS B 309 0.71 19.00 21.48
N THR B 310 0.31 20.11 22.09
CA THR B 310 -0.08 21.28 21.32
C THR B 310 1.09 22.21 21.02
N ASN B 311 2.31 21.69 21.05
CA ASN B 311 3.50 22.42 20.60
C ASN B 311 4.01 21.84 19.28
N PHE B 312 3.16 21.09 18.59
CA PHE B 312 3.49 20.46 17.33
C PHE B 312 2.65 21.07 16.21
N TYR B 313 2.90 20.65 14.98
CA TYR B 313 2.26 21.28 13.83
C TYR B 313 0.88 20.70 13.55
N THR B 314 0.81 19.41 13.24
CA THR B 314 -0.45 18.71 12.95
C THR B 314 -1.20 19.43 11.82
N VAL B 315 -0.60 19.33 10.63
CA VAL B 315 -1.11 19.92 9.40
C VAL B 315 -2.63 19.76 9.31
N PRO B 316 -3.38 20.82 8.99
CA PRO B 316 -4.85 20.71 8.99
C PRO B 316 -5.35 19.64 8.04
N GLY B 317 -6.10 18.70 8.60
CA GLY B 317 -6.63 17.60 7.82
C GLY B 317 -6.14 16.24 8.30
N MET B 318 -4.85 16.13 8.60
CA MET B 318 -4.31 14.88 9.09
C MET B 318 -4.43 14.80 10.61
N LEU B 319 -4.19 13.59 11.14
CA LEU B 319 -4.33 13.33 12.57
C LEU B 319 -2.98 13.38 13.28
N GLU B 320 -2.01 12.59 12.83
CA GLU B 320 -0.70 12.59 13.47
C GLU B 320 0.02 13.90 13.19
N PRO B 321 0.79 14.39 14.16
CA PRO B 321 1.57 15.62 13.93
C PRO B 321 2.57 15.42 12.80
N LEU B 322 2.77 16.49 12.03
CA LEU B 322 3.58 16.42 10.82
C LEU B 322 5.05 16.17 11.17
N LEU B 323 5.67 15.28 10.39
CA LEU B 323 7.08 14.98 10.57
C LEU B 323 7.96 15.96 9.83
N CYS B 324 9.09 16.30 10.44
CA CYS B 324 9.95 17.35 9.92
C CYS B 324 11.37 16.83 9.86
N GLY B 325 12.32 17.69 9.51
CA GLY B 325 13.70 17.26 9.39
C GLY B 325 14.68 18.38 9.09
N ASN B 326 15.89 18.26 9.63
CA ASN B 326 16.93 19.26 9.42
C ASN B 326 17.60 19.16 8.07
N SER B 327 17.56 17.98 7.44
CA SER B 327 18.29 17.76 6.21
C SER B 327 17.73 18.62 5.08
N SER B 328 18.57 18.90 4.09
CA SER B 328 18.17 19.77 2.98
C SER B 328 17.03 19.16 2.18
N ASP B 329 17.08 17.86 1.92
CA ASP B 329 16.04 17.22 1.12
C ASP B 329 14.97 16.55 1.97
N ALA B 330 15.03 16.68 3.29
CA ALA B 330 14.01 16.11 4.17
C ALA B 330 12.78 17.00 4.23
N GLY B 331 11.87 16.71 5.15
CA GLY B 331 10.69 17.54 5.30
C GLY B 331 11.06 18.96 5.74
N GLN B 332 10.14 19.88 5.50
CA GLN B 332 10.38 21.29 5.73
C GLN B 332 9.50 21.77 6.87
N CYS B 333 10.12 22.41 7.86
CA CYS B 333 9.40 23.03 8.96
C CYS B 333 8.78 24.35 8.51
N PRO B 334 7.59 24.69 9.00
CA PRO B 334 7.03 26.02 8.71
C PRO B 334 7.84 27.12 9.35
N GLU B 335 7.51 28.37 9.06
CA GLU B 335 8.25 29.52 9.59
C GLU B 335 7.91 29.66 11.07
N GLY B 336 8.85 29.31 11.94
CA GLY B 336 8.65 29.45 13.37
C GLY B 336 8.66 28.13 14.10
N TYR B 337 9.08 27.06 13.42
CA TYR B 337 9.14 25.73 14.01
C TYR B 337 10.52 25.13 13.75
N GLN B 338 10.96 24.26 14.64
CA GLN B 338 12.22 23.55 14.49
C GLN B 338 11.95 22.13 14.01
N CYS B 339 13.03 21.35 13.86
CA CYS B 339 12.91 19.98 13.39
C CYS B 339 13.44 19.02 14.45
N MET B 340 13.05 19.24 15.70
CA MET B 340 13.49 18.47 16.84
C MET B 340 12.71 17.17 16.96
N LYS B 341 13.32 16.16 17.56
CA LYS B 341 12.58 14.97 17.95
C LYS B 341 11.86 15.26 19.26
N ALA B 342 10.54 15.13 19.25
CA ALA B 342 9.71 15.59 20.36
C ALA B 342 8.47 14.69 20.48
N GLY B 343 8.53 13.74 21.39
CA GLY B 343 7.35 13.03 21.80
C GLY B 343 7.20 11.64 21.22
N ARG B 344 5.94 11.24 21.08
CA ARG B 344 5.55 9.87 20.84
C ARG B 344 5.54 9.54 19.35
N ASN B 345 5.89 8.30 19.03
CA ASN B 345 6.05 7.85 17.66
C ASN B 345 4.70 7.82 16.94
N PRO B 346 4.69 7.93 15.62
CA PRO B 346 3.43 7.99 14.88
C PRO B 346 2.73 6.64 14.78
N ASN B 347 1.46 6.70 14.39
CA ASN B 347 0.58 5.54 14.29
C ASN B 347 0.50 4.81 15.63
N TYR B 348 0.05 5.54 16.64
CA TYR B 348 -0.15 5.07 18.01
C TYR B 348 1.16 4.65 18.67
N GLY B 349 2.30 4.87 18.02
CA GLY B 349 3.58 4.51 18.60
C GLY B 349 4.12 3.16 18.16
N TYR B 350 3.54 2.55 17.14
CA TYR B 350 4.00 1.25 16.67
C TYR B 350 4.85 1.33 15.42
N THR B 351 4.81 2.45 14.71
CA THR B 351 5.72 2.70 13.59
C THR B 351 6.95 3.39 14.14
N SER B 352 8.03 2.63 14.37
CA SER B 352 9.21 3.22 14.97
C SER B 352 10.42 2.36 14.63
N PHE B 353 11.57 3.02 14.47
CA PHE B 353 12.85 2.35 14.32
C PHE B 353 13.72 2.49 15.57
N ASP B 354 13.13 2.93 16.68
CA ASP B 354 13.93 3.23 17.87
C ASP B 354 14.49 1.97 18.50
N THR B 355 13.72 0.89 18.53
CA THR B 355 14.17 -0.35 19.14
C THR B 355 14.05 -1.48 18.12
N PHE B 356 14.77 -2.57 18.39
CA PHE B 356 14.81 -3.68 17.44
C PHE B 356 13.43 -4.30 17.23
N SER B 357 12.59 -4.31 18.27
CA SER B 357 11.27 -4.92 18.13
C SER B 357 10.43 -4.19 17.10
N TRP B 358 10.33 -2.86 17.22
CA TRP B 358 9.50 -2.12 16.28
C TRP B 358 10.17 -2.02 14.91
N ALA B 359 11.50 -2.02 14.85
CA ALA B 359 12.17 -2.10 13.56
C ALA B 359 11.86 -3.41 12.85
N PHE B 360 11.84 -4.52 13.61
CA PHE B 360 11.48 -5.80 13.03
C PHE B 360 10.02 -5.80 12.58
N LEU B 361 9.13 -5.19 13.35
CA LEU B 361 7.74 -5.08 12.92
C LEU B 361 7.63 -4.28 11.63
N ALA B 362 8.35 -3.16 11.54
CA ALA B 362 8.28 -2.31 10.36
C ALA B 362 8.82 -3.02 9.12
N LEU B 363 9.92 -3.77 9.27
CA LEU B 363 10.46 -4.47 8.12
C LEU B 363 9.68 -5.73 7.75
N PHE B 364 9.05 -6.38 8.73
CA PHE B 364 8.09 -7.42 8.40
C PHE B 364 6.92 -6.84 7.62
N ARG B 365 6.48 -5.65 8.00
CA ARG B 365 5.45 -4.95 7.24
C ARG B 365 5.93 -4.63 5.82
N LEU B 366 7.18 -4.21 5.69
CA LEU B 366 7.72 -3.92 4.37
C LEU B 366 7.79 -5.19 3.52
N MET B 367 8.10 -6.33 4.13
CA MET B 367 8.16 -7.58 3.38
C MET B 367 6.80 -7.94 2.82
N THR B 368 5.75 -7.82 3.63
CA THR B 368 4.39 -8.07 3.18
C THR B 368 3.79 -6.90 2.44
N GLN B 369 4.44 -5.72 2.47
CA GLN B 369 3.99 -4.54 1.75
C GLN B 369 2.59 -4.11 2.17
N ASP B 370 2.26 -4.34 3.44
CA ASP B 370 0.96 -3.91 3.97
C ASP B 370 1.05 -2.44 4.38
N TYR B 371 0.41 -1.57 3.60
CA TYR B 371 0.37 -0.14 3.91
C TYR B 371 1.78 0.44 4.05
N TRP B 372 2.72 -0.09 3.25
CA TRP B 372 4.10 0.33 3.34
C TRP B 372 4.36 1.69 2.71
N GLU B 373 3.39 2.22 1.96
CA GLU B 373 3.54 3.58 1.45
C GLU B 373 3.58 4.61 2.57
N ASN B 374 2.82 4.37 3.65
CA ASN B 374 2.85 5.30 4.78
C ASN B 374 4.22 5.30 5.45
N LEU B 375 4.81 4.13 5.68
CA LEU B 375 6.15 4.08 6.26
C LEU B 375 7.18 4.68 5.32
N TYR B 376 7.04 4.40 4.02
CA TYR B 376 7.90 5.01 3.01
C TYR B 376 7.87 6.53 3.13
N GLN B 377 6.67 7.11 3.12
CA GLN B 377 6.54 8.57 3.20
C GLN B 377 7.08 9.11 4.51
N LEU B 378 6.78 8.44 5.63
CA LEU B 378 7.21 8.95 6.93
C LEU B 378 8.73 8.95 7.04
N THR B 379 9.37 7.83 6.69
CA THR B 379 10.83 7.77 6.80
C THR B 379 11.51 8.72 5.82
N LEU B 380 11.00 8.83 4.59
CA LEU B 380 11.65 9.73 3.64
C LEU B 380 11.44 11.19 4.02
N ARG B 381 10.31 11.51 4.64
CA ARG B 381 10.08 12.89 5.06
C ARG B 381 10.89 13.22 6.31
N ALA B 382 11.14 12.24 7.18
CA ALA B 382 11.89 12.51 8.40
C ALA B 382 13.39 12.54 8.14
N ALA B 383 13.91 11.55 7.40
CA ALA B 383 15.34 11.38 7.23
C ALA B 383 15.84 11.79 5.86
N GLY B 384 14.98 12.33 5.00
CA GLY B 384 15.41 12.79 3.70
C GLY B 384 15.16 11.80 2.57
N LYS B 385 15.10 12.31 1.34
CA LYS B 385 14.83 11.46 0.19
C LYS B 385 16.00 10.59 -0.20
N THR B 386 17.22 10.92 0.25
CA THR B 386 18.39 10.15 -0.15
C THR B 386 18.39 8.76 0.44
N TYR B 387 17.53 8.48 1.42
CA TYR B 387 17.43 7.15 2.00
C TYR B 387 16.45 6.26 1.26
N MET B 388 15.94 6.72 0.12
CA MET B 388 15.10 5.87 -0.74
C MET B 388 15.90 4.69 -1.29
N ILE B 389 17.22 4.79 -1.30
CA ILE B 389 18.06 3.67 -1.72
C ILE B 389 17.81 2.47 -0.82
N PHE B 390 17.67 2.73 0.49
CA PHE B 390 17.43 1.65 1.44
C PHE B 390 16.09 0.97 1.17
N PHE B 391 15.05 1.74 0.84
CA PHE B 391 13.75 1.14 0.59
C PHE B 391 13.75 0.37 -0.72
N VAL B 392 14.45 0.87 -1.75
CA VAL B 392 14.58 0.08 -2.97
C VAL B 392 15.32 -1.23 -2.68
N LEU B 393 16.38 -1.16 -1.88
CA LEU B 393 17.13 -2.36 -1.52
C LEU B 393 16.27 -3.37 -0.78
N VAL B 394 15.47 -2.92 0.18
CA VAL B 394 14.63 -3.83 0.95
C VAL B 394 13.48 -4.38 0.12
N ILE B 395 12.92 -3.58 -0.81
CA ILE B 395 11.84 -4.08 -1.64
C ILE B 395 12.35 -5.11 -2.64
N PHE B 396 13.48 -4.85 -3.28
CA PHE B 396 14.01 -5.76 -4.28
C PHE B 396 14.81 -6.91 -3.68
N VAL B 397 14.91 -7.00 -2.36
CA VAL B 397 15.61 -8.13 -1.74
C VAL B 397 14.67 -8.87 -0.80
N GLY B 398 14.18 -8.18 0.23
CA GLY B 398 13.39 -8.85 1.25
C GLY B 398 11.91 -8.93 0.95
N SER B 399 11.42 -8.16 -0.03
CA SER B 399 10.00 -8.12 -0.33
C SER B 399 9.65 -8.94 -1.57
N PHE B 400 10.39 -8.74 -2.67
CA PHE B 400 10.14 -9.55 -3.85
C PHE B 400 10.81 -10.93 -3.72
N TYR B 401 12.12 -10.94 -3.47
CA TYR B 401 12.85 -12.20 -3.49
C TYR B 401 12.42 -13.15 -2.38
N LEU B 402 12.26 -12.64 -1.15
CA LEU B 402 11.93 -13.55 -0.04
C LEU B 402 10.52 -14.11 -0.19
N VAL B 403 9.56 -13.29 -0.59
CA VAL B 403 8.20 -13.77 -0.80
C VAL B 403 8.16 -14.77 -1.95
N ASN B 404 8.89 -14.47 -3.03
CA ASN B 404 8.97 -15.41 -4.14
C ASN B 404 9.61 -16.73 -3.70
N LEU B 405 10.61 -16.66 -2.84
CA LEU B 405 11.26 -17.87 -2.33
C LEU B 405 10.28 -18.71 -1.53
N ILE B 406 9.53 -18.07 -0.63
CA ILE B 406 8.53 -18.79 0.16
C ILE B 406 7.52 -19.46 -0.76
N LEU B 407 6.99 -18.70 -1.72
CA LEU B 407 5.97 -19.24 -2.63
C LEU B 407 6.53 -20.40 -3.45
N ALA B 408 7.75 -20.26 -3.95
CA ALA B 408 8.34 -21.31 -4.78
C ALA B 408 8.59 -22.57 -3.98
N VAL B 409 9.05 -22.44 -2.74
CA VAL B 409 9.31 -23.63 -1.94
C VAL B 409 8.02 -24.33 -1.56
N VAL B 410 6.97 -23.56 -1.23
CA VAL B 410 5.68 -24.18 -0.95
C VAL B 410 5.15 -24.86 -2.20
N ALA B 411 5.36 -24.26 -3.37
CA ALA B 411 4.94 -24.88 -4.63
C ALA B 411 5.69 -26.19 -4.86
N MET B 412 6.99 -26.20 -4.59
CA MET B 412 7.76 -27.44 -4.73
C MET B 412 7.22 -28.53 -3.81
N ALA B 413 6.96 -28.17 -2.55
CA ALA B 413 6.45 -29.16 -1.60
C ALA B 413 5.10 -29.72 -2.06
N TYR B 414 4.18 -28.84 -2.47
CA TYR B 414 2.87 -29.31 -2.88
C TYR B 414 2.96 -30.15 -4.15
N GLU B 415 3.80 -29.75 -5.10
CA GLU B 415 3.95 -30.52 -6.33
C GLU B 415 4.53 -31.90 -6.05
N GLU B 416 5.52 -31.98 -5.16
CA GLU B 416 6.09 -33.28 -4.81
C GLU B 416 5.04 -34.17 -4.15
N GLN B 417 4.26 -33.61 -3.21
CA GLN B 417 3.22 -34.43 -2.59
C GLN B 417 2.15 -34.83 -3.61
N ASN B 418 1.83 -33.93 -4.54
CA ASN B 418 0.81 -34.24 -5.54
C ASN B 418 1.23 -35.37 -6.45
N GLN B 419 2.50 -35.39 -6.87
CA GLN B 419 2.96 -36.53 -7.65
C GLN B 419 3.12 -37.77 -6.78
N ALA B 420 3.33 -37.60 -5.47
CA ALA B 420 3.28 -38.74 -4.56
C ALA B 420 1.89 -39.37 -4.52
N THR B 421 0.84 -38.55 -4.55
CA THR B 421 -0.51 -39.10 -4.65
C THR B 421 -0.72 -39.83 -5.97
N LEU B 422 -0.17 -39.30 -7.06
CA LEU B 422 -0.26 -39.97 -8.35
C LEU B 422 0.41 -41.34 -8.30
N GLU B 423 1.59 -41.40 -7.67
CA GLU B 423 2.26 -42.68 -7.48
C GLU B 423 1.43 -43.62 -6.60
N GLU B 424 0.81 -43.10 -5.55
CA GLU B 424 -0.02 -43.91 -4.67
C GLU B 424 -1.23 -44.49 -5.38
N ALA B 425 -1.83 -43.73 -6.31
CA ALA B 425 -2.98 -44.23 -7.05
C ALA B 425 -2.62 -45.48 -7.85
N GLU B 426 -1.37 -45.58 -8.29
CA GLU B 426 -0.90 -46.74 -9.04
C GLU B 426 -0.89 -47.99 -8.17
N PRO B 721 -37.43 -47.43 -9.56
CA PRO B 721 -38.54 -48.22 -10.10
C PRO B 721 -39.88 -47.52 -9.93
N CYS B 722 -40.22 -47.15 -8.70
CA CYS B 722 -41.49 -46.49 -8.44
C CYS B 722 -41.57 -45.14 -9.13
N TRP B 723 -40.50 -44.35 -9.05
CA TRP B 723 -40.51 -43.03 -9.66
C TRP B 723 -40.30 -43.08 -11.17
N TYR B 724 -39.75 -44.19 -11.69
CA TYR B 724 -39.63 -44.34 -13.14
C TYR B 724 -41.00 -44.41 -13.81
N LYS B 725 -41.94 -45.15 -13.21
CA LYS B 725 -43.28 -45.24 -13.78
C LYS B 725 -44.00 -43.89 -13.75
N PHE B 726 -43.71 -43.05 -12.75
CA PHE B 726 -44.22 -41.69 -12.77
C PHE B 726 -43.57 -40.87 -13.87
N ALA B 727 -42.26 -41.06 -14.08
CA ALA B 727 -41.56 -40.30 -15.11
C ALA B 727 -42.07 -40.64 -16.50
N ASN B 728 -42.34 -41.92 -16.77
CA ASN B 728 -42.78 -42.32 -18.10
C ASN B 728 -44.17 -41.82 -18.45
N THR B 729 -44.92 -41.32 -17.48
CA THR B 729 -46.27 -40.83 -17.71
C THR B 729 -46.39 -39.31 -17.64
N PHE B 730 -45.85 -38.68 -16.60
CA PHE B 730 -45.98 -37.24 -16.43
C PHE B 730 -44.85 -36.45 -17.07
N LEU B 731 -43.60 -36.91 -16.96
CA LEU B 731 -42.47 -36.21 -17.56
C LEU B 731 -42.44 -36.33 -19.08
N ILE B 732 -43.28 -37.19 -19.66
CA ILE B 732 -43.38 -37.34 -21.10
C ILE B 732 -44.70 -36.72 -21.55
N TRP B 733 -44.63 -35.85 -22.55
CA TRP B 733 -45.79 -35.09 -23.02
C TRP B 733 -46.42 -35.71 -24.26
N GLU B 734 -46.04 -36.95 -24.61
CA GLU B 734 -46.58 -37.62 -25.79
C GLU B 734 -47.88 -38.31 -25.40
N CYS B 735 -49.01 -37.68 -25.75
CA CYS B 735 -50.32 -38.27 -25.49
C CYS B 735 -51.25 -38.25 -26.70
N HIS B 736 -51.09 -37.32 -27.64
CA HIS B 736 -52.01 -37.20 -28.76
C HIS B 736 -51.20 -37.05 -30.05
N PRO B 737 -51.60 -37.73 -31.14
CA PRO B 737 -50.77 -37.68 -32.36
C PRO B 737 -50.60 -36.30 -32.97
N TYR B 738 -51.60 -35.41 -32.84
CA TYR B 738 -51.38 -34.03 -33.28
C TYR B 738 -50.27 -33.36 -32.48
N TRP B 739 -50.26 -33.56 -31.16
CA TRP B 739 -49.18 -32.99 -30.36
C TRP B 739 -47.84 -33.62 -30.68
N ILE B 740 -47.83 -34.93 -30.99
CA ILE B 740 -46.58 -35.59 -31.37
C ILE B 740 -46.05 -35.01 -32.69
N LYS B 741 -46.94 -34.79 -33.65
CA LYS B 741 -46.53 -34.17 -34.91
C LYS B 741 -46.00 -32.76 -34.66
N LEU B 742 -46.67 -31.99 -33.80
CA LEU B 742 -46.18 -30.66 -33.45
C LEU B 742 -44.81 -30.73 -32.80
N LYS B 743 -44.58 -31.71 -31.93
CA LYS B 743 -43.27 -31.88 -31.29
C LYS B 743 -42.21 -32.14 -32.34
N GLU B 744 -42.48 -33.03 -33.29
CA GLU B 744 -41.50 -33.33 -34.33
C GLU B 744 -41.23 -32.09 -35.19
N ILE B 745 -42.28 -31.35 -35.55
CA ILE B 745 -42.11 -30.17 -36.39
C ILE B 745 -41.27 -29.11 -35.67
N VAL B 746 -41.59 -28.85 -34.39
CA VAL B 746 -40.86 -27.81 -33.68
C VAL B 746 -39.42 -28.25 -33.40
N ASN B 747 -39.20 -29.56 -33.24
CA ASN B 747 -37.83 -30.05 -33.14
C ASN B 747 -37.07 -29.79 -34.43
N LEU B 748 -37.74 -29.97 -35.57
CA LEU B 748 -37.12 -29.59 -36.84
C LEU B 748 -36.86 -28.09 -36.90
N ILE B 749 -37.77 -27.28 -36.35
CA ILE B 749 -37.65 -25.83 -36.41
C ILE B 749 -36.44 -25.31 -35.63
N VAL B 750 -35.95 -26.07 -34.64
CA VAL B 750 -34.84 -25.60 -33.82
C VAL B 750 -33.64 -25.26 -34.69
N MET B 751 -33.35 -26.09 -35.69
CA MET B 751 -32.27 -25.83 -36.65
C MET B 751 -30.93 -25.67 -35.93
N ASP B 752 -30.50 -26.80 -35.35
CA ASP B 752 -29.29 -26.80 -34.52
C ASP B 752 -28.07 -26.16 -35.17
N PRO B 753 -27.77 -26.37 -36.45
CA PRO B 753 -26.65 -25.63 -37.06
C PRO B 753 -26.82 -24.12 -36.99
N PHE B 754 -28.05 -23.60 -37.10
CA PHE B 754 -28.32 -22.18 -36.98
C PHE B 754 -29.03 -21.83 -35.68
N VAL B 755 -28.97 -22.71 -34.68
CA VAL B 755 -29.54 -22.39 -33.37
C VAL B 755 -28.47 -21.85 -32.43
N ASP B 756 -27.31 -22.50 -32.38
CA ASP B 756 -26.24 -22.05 -31.50
C ASP B 756 -25.76 -20.65 -31.90
N LEU B 757 -25.59 -20.41 -33.20
CA LEU B 757 -25.16 -19.09 -33.65
C LEU B 757 -26.19 -18.03 -33.28
N ALA B 758 -27.47 -18.32 -33.49
CA ALA B 758 -28.51 -17.35 -33.18
C ALA B 758 -28.55 -17.05 -31.68
N ILE B 759 -28.46 -18.07 -30.84
CA ILE B 759 -28.55 -17.84 -29.40
C ILE B 759 -27.31 -17.11 -28.90
N THR B 760 -26.13 -17.42 -29.45
CA THR B 760 -24.94 -16.68 -29.05
C THR B 760 -25.01 -15.23 -29.48
N ILE B 761 -25.53 -14.96 -30.69
CA ILE B 761 -25.69 -13.58 -31.12
C ILE B 761 -26.66 -12.84 -30.20
N CYS B 762 -27.78 -13.49 -29.85
CA CYS B 762 -28.72 -12.86 -28.93
C CYS B 762 -28.10 -12.63 -27.56
N ILE B 763 -27.25 -13.55 -27.10
CA ILE B 763 -26.63 -13.41 -25.78
C ILE B 763 -25.64 -12.25 -25.78
N VAL B 764 -24.82 -12.14 -26.82
CA VAL B 764 -23.88 -11.04 -26.92
C VAL B 764 -24.62 -9.71 -27.00
N LEU B 765 -25.69 -9.66 -27.80
CA LEU B 765 -26.49 -8.45 -27.89
C LEU B 765 -27.10 -8.10 -26.55
N ASN B 766 -27.60 -9.10 -25.81
CA ASN B 766 -28.21 -8.86 -24.51
C ASN B 766 -27.19 -8.33 -23.52
N THR B 767 -25.98 -8.89 -23.51
CA THR B 767 -25.00 -8.45 -22.53
C THR B 767 -24.45 -7.06 -22.86
N LEU B 768 -24.19 -6.77 -24.14
CA LEU B 768 -23.80 -5.41 -24.50
C LEU B 768 -24.96 -4.43 -24.48
N PHE B 769 -26.20 -4.91 -24.34
CA PHE B 769 -27.35 -4.03 -24.14
C PHE B 769 -27.55 -3.71 -22.67
N MET B 770 -27.39 -4.71 -21.80
CA MET B 770 -27.43 -4.45 -20.36
C MET B 770 -26.17 -3.72 -19.90
N ALA B 771 -25.12 -3.74 -20.71
CA ALA B 771 -23.91 -2.97 -20.38
C ALA B 771 -24.23 -1.48 -20.28
N MET B 772 -24.91 -0.94 -21.29
CA MET B 772 -25.21 0.48 -21.27
C MET B 772 -26.16 0.79 -20.12
N GLU B 773 -25.63 1.43 -19.08
CA GLU B 773 -26.37 1.70 -17.85
C GLU B 773 -25.77 2.95 -17.22
N HIS B 774 -26.63 3.75 -16.59
CA HIS B 774 -26.21 5.02 -16.05
C HIS B 774 -27.03 5.36 -14.81
N HIS B 775 -26.52 6.31 -14.01
CA HIS B 775 -27.37 6.99 -13.06
C HIS B 775 -28.28 7.99 -13.76
N PRO B 776 -27.76 9.00 -14.51
CA PRO B 776 -28.68 9.91 -15.19
C PRO B 776 -29.19 9.29 -16.49
N MET B 777 -30.45 8.88 -16.50
CA MET B 777 -31.06 8.25 -17.66
C MET B 777 -32.24 9.08 -18.13
N THR B 778 -32.22 9.46 -19.40
CA THR B 778 -33.39 10.07 -20.01
C THR B 778 -34.52 9.04 -20.08
N PRO B 779 -35.78 9.48 -20.00
CA PRO B 779 -36.90 8.53 -20.07
C PRO B 779 -36.86 7.64 -21.30
N GLN B 780 -36.45 8.19 -22.45
CA GLN B 780 -36.36 7.39 -23.66
C GLN B 780 -35.32 6.28 -23.52
N PHE B 781 -34.17 6.58 -22.91
CA PHE B 781 -33.10 5.60 -22.85
C PHE B 781 -33.44 4.47 -21.88
N GLU B 782 -33.99 4.80 -20.70
CA GLU B 782 -34.40 3.75 -19.78
C GLU B 782 -35.56 2.95 -20.34
N HIS B 783 -36.46 3.60 -21.10
CA HIS B 783 -37.52 2.88 -21.78
C HIS B 783 -36.94 1.89 -22.80
N VAL B 784 -35.92 2.31 -23.53
CA VAL B 784 -35.27 1.41 -24.50
C VAL B 784 -34.64 0.23 -23.79
N LEU B 785 -33.96 0.48 -22.67
CA LEU B 785 -33.39 -0.63 -21.91
C LEU B 785 -34.46 -1.59 -21.41
N ALA B 786 -35.57 -1.06 -20.89
CA ALA B 786 -36.63 -1.94 -20.40
C ALA B 786 -37.21 -2.78 -21.52
N VAL B 787 -37.49 -2.15 -22.67
CA VAL B 787 -38.06 -2.89 -23.79
C VAL B 787 -37.08 -3.93 -24.31
N GLY B 788 -35.80 -3.59 -24.40
CA GLY B 788 -34.82 -4.55 -24.87
C GLY B 788 -34.66 -5.74 -23.94
N ASN B 789 -34.65 -5.48 -22.63
CA ASN B 789 -34.56 -6.59 -21.68
C ASN B 789 -35.81 -7.47 -21.75
N LEU B 790 -36.98 -6.85 -21.90
CA LEU B 790 -38.20 -7.64 -22.06
C LEU B 790 -38.14 -8.50 -23.32
N VAL B 791 -37.66 -7.93 -24.43
CA VAL B 791 -37.56 -8.69 -25.67
C VAL B 791 -36.59 -9.86 -25.52
N PHE B 792 -35.44 -9.61 -24.88
CA PHE B 792 -34.44 -10.66 -24.73
C PHE B 792 -34.95 -11.79 -23.84
N THR B 793 -35.57 -11.44 -22.71
CA THR B 793 -36.11 -12.48 -21.85
C THR B 793 -37.26 -13.21 -22.53
N GLY B 794 -38.03 -12.52 -23.38
CA GLY B 794 -39.06 -13.21 -24.15
C GLY B 794 -38.48 -14.20 -25.13
N ILE B 795 -37.38 -13.82 -25.81
CA ILE B 795 -36.72 -14.74 -26.74
C ILE B 795 -36.19 -15.96 -26.00
N PHE B 796 -35.59 -15.75 -24.82
CA PHE B 796 -35.05 -16.89 -24.08
C PHE B 796 -36.17 -17.79 -23.55
N THR B 797 -37.28 -17.19 -23.10
CA THR B 797 -38.42 -18.01 -22.68
C THR B 797 -38.99 -18.80 -23.84
N ALA B 798 -39.07 -18.18 -25.02
CA ALA B 798 -39.55 -18.89 -26.21
C ALA B 798 -38.62 -20.03 -26.56
N GLU B 799 -37.30 -19.81 -26.46
CA GLU B 799 -36.35 -20.88 -26.72
C GLU B 799 -36.53 -22.03 -25.74
N MET B 800 -36.71 -21.71 -24.45
CA MET B 800 -36.91 -22.76 -23.46
C MET B 800 -38.20 -23.54 -23.73
N PHE B 801 -39.30 -22.84 -24.02
CA PHE B 801 -40.57 -23.52 -24.28
C PHE B 801 -40.49 -24.38 -25.52
N LEU B 802 -39.84 -23.88 -26.59
CA LEU B 802 -39.69 -24.67 -27.80
C LEU B 802 -38.82 -25.89 -27.56
N LYS B 803 -37.77 -25.76 -26.75
CA LYS B 803 -36.95 -26.92 -26.43
C LYS B 803 -37.74 -27.95 -25.65
N LEU B 804 -38.53 -27.51 -24.67
CA LEU B 804 -39.34 -28.44 -23.88
C LEU B 804 -40.37 -29.16 -24.75
N ILE B 805 -41.03 -28.43 -25.64
CA ILE B 805 -42.05 -29.08 -26.47
C ILE B 805 -41.41 -29.94 -27.56
N ALA B 806 -40.20 -29.59 -28.00
CA ALA B 806 -39.53 -30.35 -29.05
C ALA B 806 -38.91 -31.64 -28.55
N MET B 807 -38.36 -31.64 -27.33
CA MET B 807 -37.72 -32.82 -26.79
C MET B 807 -38.15 -32.95 -25.33
N ASP B 808 -38.32 -34.19 -24.89
CA ASP B 808 -39.11 -34.47 -23.70
C ASP B 808 -38.52 -33.80 -22.46
N PRO B 809 -39.36 -33.31 -21.54
CA PRO B 809 -38.83 -32.64 -20.33
C PRO B 809 -37.90 -33.51 -19.50
N TYR B 810 -38.12 -34.83 -19.47
CA TYR B 810 -37.25 -35.71 -18.70
C TYR B 810 -35.81 -35.64 -19.21
N TYR B 811 -35.60 -35.95 -20.49
CA TYR B 811 -34.26 -35.86 -21.05
C TYR B 811 -33.77 -34.43 -21.13
N TYR B 812 -34.68 -33.45 -21.12
CA TYR B 812 -34.26 -32.05 -21.06
C TYR B 812 -33.56 -31.77 -19.74
N PHE B 813 -34.21 -32.10 -18.63
CA PHE B 813 -33.61 -31.90 -17.31
C PHE B 813 -32.48 -32.87 -17.02
N GLN B 814 -32.35 -33.96 -17.78
CA GLN B 814 -31.19 -34.84 -17.60
C GLN B 814 -29.87 -34.13 -17.89
N GLU B 815 -29.87 -33.06 -18.69
CA GLU B 815 -28.67 -32.29 -18.95
C GLU B 815 -28.58 -31.12 -17.96
N GLY B 816 -27.47 -31.06 -17.23
CA GLY B 816 -27.30 -29.99 -16.25
C GLY B 816 -27.28 -28.61 -16.88
N TRP B 817 -26.87 -28.52 -18.14
CA TRP B 817 -26.88 -27.24 -18.83
C TRP B 817 -28.30 -26.73 -18.97
N ASN B 818 -29.25 -27.62 -19.27
CA ASN B 818 -30.62 -27.20 -19.45
C ASN B 818 -31.28 -26.84 -18.12
N ILE B 819 -30.90 -27.48 -17.02
CA ILE B 819 -31.45 -27.04 -15.74
C ILE B 819 -30.83 -25.72 -15.31
N PHE B 820 -29.58 -25.46 -15.68
CA PHE B 820 -29.02 -24.12 -15.50
C PHE B 820 -29.82 -23.08 -16.27
N ASP B 821 -30.12 -23.36 -17.54
CA ASP B 821 -30.95 -22.47 -18.33
C ASP B 821 -32.34 -22.33 -17.72
N GLY B 822 -32.85 -23.39 -17.13
CA GLY B 822 -34.16 -23.33 -16.49
C GLY B 822 -34.17 -22.43 -15.28
N PHE B 823 -33.13 -22.53 -14.44
CA PHE B 823 -32.98 -21.59 -13.33
C PHE B 823 -32.93 -20.15 -13.84
N ILE B 824 -32.14 -19.91 -14.88
CA ILE B 824 -32.01 -18.55 -15.40
C ILE B 824 -33.35 -18.03 -15.90
N VAL B 825 -34.06 -18.86 -16.67
CA VAL B 825 -35.32 -18.41 -17.27
C VAL B 825 -36.40 -18.24 -16.20
N SER B 826 -36.43 -19.11 -15.19
CA SER B 826 -37.41 -18.96 -14.12
C SER B 826 -37.16 -17.69 -13.32
N LEU B 827 -35.89 -17.40 -13.02
CA LEU B 827 -35.56 -16.16 -12.33
C LEU B 827 -35.93 -14.95 -13.17
N SER B 828 -35.73 -15.04 -14.48
CA SER B 828 -36.13 -13.94 -15.36
C SER B 828 -37.64 -13.74 -15.36
N LEU B 829 -38.41 -14.83 -15.40
CA LEU B 829 -39.86 -14.73 -15.38
C LEU B 829 -40.38 -14.16 -14.06
N MET B 830 -39.77 -14.57 -12.94
CA MET B 830 -40.22 -14.06 -11.66
C MET B 830 -40.03 -12.56 -11.51
N GLU B 831 -39.22 -11.94 -12.38
CA GLU B 831 -38.96 -10.51 -12.27
C GLU B 831 -40.16 -9.69 -12.71
N LEU B 832 -40.78 -10.06 -13.84
CA LEU B 832 -41.88 -9.27 -14.36
C LEU B 832 -43.08 -9.29 -13.42
N SER B 833 -43.34 -10.44 -12.79
CA SER B 833 -44.42 -10.51 -11.80
C SER B 833 -44.08 -9.68 -10.57
N LEU B 834 -42.88 -9.84 -10.03
CA LEU B 834 -42.43 -9.09 -8.86
C LEU B 834 -41.63 -7.86 -9.26
N ALA B 835 -42.25 -6.97 -10.02
CA ALA B 835 -41.59 -5.74 -10.48
C ALA B 835 -41.74 -4.59 -9.50
N ASP B 836 -42.53 -4.76 -8.44
CA ASP B 836 -42.78 -3.70 -7.46
C ASP B 836 -42.25 -4.06 -6.08
N VAL B 837 -41.36 -5.05 -5.99
CA VAL B 837 -40.80 -5.45 -4.70
C VAL B 837 -39.83 -4.38 -4.22
N GLU B 838 -39.90 -4.06 -2.93
CA GLU B 838 -39.01 -3.06 -2.36
C GLU B 838 -37.57 -3.57 -2.38
N GLY B 839 -36.64 -2.67 -2.72
CA GLY B 839 -35.24 -3.05 -2.80
C GLY B 839 -35.01 -4.18 -3.77
N LEU B 840 -34.21 -5.15 -3.33
CA LEU B 840 -33.91 -6.36 -4.09
C LEU B 840 -33.37 -6.03 -5.49
N SER B 841 -32.34 -5.19 -5.50
CA SER B 841 -31.61 -4.90 -6.73
C SER B 841 -30.66 -6.01 -7.12
N VAL B 842 -30.28 -6.88 -6.19
CA VAL B 842 -29.44 -8.02 -6.50
C VAL B 842 -30.17 -9.08 -7.32
N LEU B 843 -31.51 -9.05 -7.30
CA LEU B 843 -32.27 -10.01 -8.09
C LEU B 843 -32.16 -9.70 -9.59
N ARG B 844 -32.10 -8.42 -9.94
CA ARG B 844 -32.05 -8.02 -11.35
C ARG B 844 -30.72 -8.35 -12.02
N SER B 845 -29.68 -8.64 -11.24
CA SER B 845 -28.38 -8.97 -11.82
C SER B 845 -28.21 -10.46 -12.08
N PHE B 846 -29.20 -11.27 -11.74
CA PHE B 846 -29.11 -12.70 -12.03
C PHE B 846 -29.15 -12.98 -13.53
N ARG B 847 -29.65 -12.03 -14.33
CA ARG B 847 -29.63 -12.19 -15.78
C ARG B 847 -28.22 -12.18 -16.34
N LEU B 848 -27.24 -11.70 -15.58
CA LEU B 848 -25.86 -11.64 -16.07
C LEU B 848 -25.29 -13.03 -16.32
N LEU B 849 -25.83 -14.06 -15.65
CA LEU B 849 -25.31 -15.40 -15.83
C LEU B 849 -25.55 -15.93 -17.24
N ARG B 850 -26.40 -15.27 -18.02
CA ARG B 850 -26.63 -15.68 -19.40
C ARG B 850 -25.34 -15.62 -20.21
N VAL B 851 -24.41 -14.74 -19.82
CA VAL B 851 -23.12 -14.65 -20.50
C VAL B 851 -22.38 -15.97 -20.42
N PHE B 852 -22.58 -16.73 -19.33
CA PHE B 852 -21.89 -18.00 -19.17
C PHE B 852 -22.32 -19.04 -20.20
N LYS B 853 -23.43 -18.79 -20.92
CA LYS B 853 -23.85 -19.73 -21.95
C LYS B 853 -22.83 -19.82 -23.08
N LEU B 854 -22.00 -18.79 -23.26
CA LEU B 854 -20.93 -18.85 -24.24
C LEU B 854 -19.82 -19.82 -23.84
N ALA B 855 -19.84 -20.35 -22.62
CA ALA B 855 -18.80 -21.29 -22.21
C ALA B 855 -18.85 -22.58 -23.03
N LYS B 856 -19.99 -22.87 -23.67
CA LYS B 856 -20.04 -24.00 -24.59
C LYS B 856 -19.18 -23.74 -25.82
N SER B 857 -19.14 -22.49 -26.30
CA SER B 857 -18.31 -22.15 -27.44
C SER B 857 -16.87 -21.89 -27.02
N TRP B 858 -16.67 -21.00 -26.05
CA TRP B 858 -15.32 -20.73 -25.55
C TRP B 858 -14.78 -21.96 -24.82
N PRO B 859 -13.58 -22.41 -25.17
CA PRO B 859 -12.93 -23.46 -24.38
C PRO B 859 -12.31 -22.91 -23.11
N THR B 860 -11.86 -21.65 -23.18
CA THR B 860 -11.22 -21.01 -22.04
C THR B 860 -12.22 -20.54 -20.98
N LEU B 861 -13.42 -20.09 -21.40
CA LEU B 861 -14.46 -19.88 -20.40
C LEU B 861 -14.88 -21.18 -19.76
N ASN B 862 -14.90 -22.27 -20.53
CA ASN B 862 -15.12 -23.59 -19.95
C ASN B 862 -14.00 -23.94 -18.96
N MET B 863 -12.77 -23.50 -19.25
CA MET B 863 -11.68 -23.71 -18.30
C MET B 863 -11.91 -22.92 -17.01
N LEU B 864 -12.44 -21.71 -17.12
CA LEU B 864 -12.78 -20.93 -15.94
C LEU B 864 -13.84 -21.64 -15.11
N ILE B 865 -14.87 -22.17 -15.78
CA ILE B 865 -15.89 -22.92 -15.08
C ILE B 865 -15.31 -24.18 -14.46
N LYS B 866 -14.33 -24.81 -15.13
CA LYS B 866 -13.67 -25.98 -14.57
C LYS B 866 -12.91 -25.63 -13.30
N ILE B 867 -12.24 -24.48 -13.29
CA ILE B 867 -11.54 -24.03 -12.09
C ILE B 867 -12.52 -23.77 -10.96
N ILE B 868 -13.63 -23.09 -11.27
CA ILE B 868 -14.63 -22.81 -10.23
C ILE B 868 -15.20 -24.12 -9.68
N GLY B 869 -15.44 -25.09 -10.56
CA GLY B 869 -15.94 -26.38 -10.10
C GLY B 869 -14.93 -27.12 -9.23
N ASN B 870 -13.66 -27.13 -9.66
CA ASN B 870 -12.61 -27.75 -8.87
C ASN B 870 -12.45 -27.08 -7.51
N SER B 871 -12.82 -25.80 -7.40
CA SER B 871 -12.79 -25.15 -6.10
C SER B 871 -13.74 -25.84 -5.13
N VAL B 872 -14.93 -26.22 -5.60
CA VAL B 872 -15.91 -26.91 -4.77
C VAL B 872 -16.11 -28.36 -5.20
N GLY B 873 -15.22 -28.90 -6.02
CA GLY B 873 -15.32 -30.28 -6.47
C GLY B 873 -14.29 -31.17 -5.82
N ALA B 874 -13.20 -31.46 -6.55
CA ALA B 874 -12.14 -32.30 -6.00
C ALA B 874 -11.47 -31.67 -4.79
N LEU B 875 -11.60 -30.36 -4.62
CA LEU B 875 -11.04 -29.64 -3.48
C LEU B 875 -12.11 -29.01 -2.61
N GLY B 876 -13.33 -29.56 -2.63
CA GLY B 876 -14.37 -29.06 -1.74
C GLY B 876 -14.00 -29.22 -0.28
N ASN B 877 -13.34 -30.34 0.04
CA ASN B 877 -12.87 -30.54 1.42
C ASN B 877 -11.85 -29.48 1.82
N LEU B 878 -10.95 -29.13 0.91
CA LEU B 878 -9.92 -28.14 1.24
C LEU B 878 -10.53 -26.74 1.38
N THR B 879 -11.46 -26.39 0.50
CA THR B 879 -12.12 -25.10 0.66
C THR B 879 -12.99 -25.07 1.91
N LEU B 880 -13.52 -26.22 2.33
CA LEU B 880 -14.24 -26.29 3.59
C LEU B 880 -13.28 -26.10 4.77
N VAL B 881 -12.07 -26.64 4.66
CA VAL B 881 -11.05 -26.40 5.69
C VAL B 881 -10.74 -24.92 5.78
N LEU B 882 -10.60 -24.26 4.62
CA LEU B 882 -10.36 -22.82 4.62
C LEU B 882 -11.51 -22.06 5.27
N ALA B 883 -12.75 -22.44 4.95
CA ALA B 883 -13.90 -21.79 5.53
C ALA B 883 -13.93 -21.97 7.05
N ILE B 884 -13.61 -23.18 7.52
CA ILE B 884 -13.60 -23.46 8.95
C ILE B 884 -12.51 -22.64 9.63
N ILE B 885 -11.35 -22.49 8.98
CA ILE B 885 -10.27 -21.70 9.56
C ILE B 885 -10.68 -20.24 9.69
N VAL B 886 -11.27 -19.69 8.63
CA VAL B 886 -11.70 -18.29 8.63
C VAL B 886 -12.78 -18.10 9.70
N PHE B 887 -13.64 -19.11 9.87
CA PHE B 887 -14.70 -19.05 10.86
C PHE B 887 -14.14 -19.05 12.28
N ILE B 888 -13.22 -19.97 12.58
CA ILE B 888 -12.71 -20.09 13.94
C ILE B 888 -11.86 -18.87 14.30
N PHE B 889 -11.09 -18.35 13.34
CA PHE B 889 -10.34 -17.13 13.62
C PHE B 889 -11.27 -15.95 13.84
N ALA B 890 -12.32 -15.86 13.03
CA ALA B 890 -13.26 -14.76 13.17
C ALA B 890 -14.01 -14.81 14.49
N VAL B 891 -14.28 -16.01 15.01
CA VAL B 891 -15.02 -16.13 16.26
C VAL B 891 -14.07 -15.94 17.43
N VAL B 892 -12.81 -16.36 17.28
CA VAL B 892 -11.80 -16.11 18.31
C VAL B 892 -11.62 -14.61 18.51
N GLY B 893 -11.47 -13.89 17.40
CA GLY B 893 -11.36 -12.44 17.49
C GLY B 893 -12.59 -11.81 18.12
N MET B 894 -13.77 -12.25 17.67
CA MET B 894 -15.01 -11.68 18.17
C MET B 894 -15.22 -11.89 19.65
N GLN B 895 -14.81 -13.04 20.18
CA GLN B 895 -14.95 -13.31 21.60
C GLN B 895 -13.81 -12.77 22.45
N LEU B 896 -12.64 -12.56 21.86
CA LEU B 896 -11.52 -12.04 22.63
C LEU B 896 -11.55 -10.51 22.71
N PHE B 897 -11.63 -9.84 21.56
CA PHE B 897 -11.54 -8.39 21.52
C PHE B 897 -12.89 -7.71 21.38
N GLY B 898 -13.99 -8.45 21.39
CA GLY B 898 -15.31 -7.89 21.20
C GLY B 898 -15.68 -6.85 22.22
N LYS B 899 -15.76 -7.25 23.50
CA LYS B 899 -16.09 -6.29 24.56
C LYS B 899 -15.04 -5.19 24.67
N SER B 900 -13.79 -5.50 24.34
CA SER B 900 -12.74 -4.49 24.40
C SER B 900 -12.98 -3.38 23.39
N TYR B 901 -13.38 -3.73 22.16
CA TYR B 901 -13.65 -2.71 21.15
C TYR B 901 -14.81 -1.81 21.54
N LYS B 902 -15.64 -2.24 22.50
CA LYS B 902 -16.73 -1.41 22.98
C LYS B 902 -16.37 -0.62 24.23
N GLU B 903 -15.49 -1.15 25.08
CA GLU B 903 -15.06 -0.38 26.24
C GLU B 903 -14.06 0.71 25.88
N CYS B 904 -13.14 0.42 24.95
CA CYS B 904 -12.07 1.34 24.57
C CYS B 904 -12.37 2.09 23.27
N VAL B 905 -13.62 2.50 23.04
CA VAL B 905 -13.98 3.09 21.74
C VAL B 905 -13.20 4.37 21.47
N CYS B 906 -13.08 5.26 22.46
CA CYS B 906 -12.51 6.57 22.20
C CYS B 906 -10.99 6.54 22.10
N LYS B 907 -10.35 5.41 22.42
CA LYS B 907 -8.90 5.34 22.33
C LYS B 907 -8.42 5.29 20.89
N ILE B 908 -9.18 4.60 20.03
CA ILE B 908 -8.79 4.44 18.62
C ILE B 908 -9.55 5.40 17.72
N ASN B 909 -10.83 5.65 18.03
CA ASN B 909 -11.64 6.58 17.26
C ASN B 909 -11.87 7.83 18.09
N GLN B 910 -11.43 8.99 17.55
CA GLN B 910 -11.52 10.24 18.28
C GLN B 910 -12.96 10.72 18.47
N ASP B 911 -13.91 10.20 17.70
CA ASP B 911 -15.31 10.62 17.80
C ASP B 911 -16.10 9.77 18.79
N CYS B 912 -15.44 8.87 19.51
CA CYS B 912 -16.06 8.02 20.52
C CYS B 912 -17.15 7.13 19.91
N GLU B 913 -16.94 6.69 18.69
CA GLU B 913 -17.83 5.75 18.01
C GLU B 913 -17.01 4.55 17.53
N LEU B 914 -17.71 3.48 17.17
CA LEU B 914 -17.04 2.31 16.64
C LEU B 914 -16.35 2.66 15.32
N PRO B 915 -15.11 2.22 15.11
CA PRO B 915 -14.46 2.44 13.82
C PRO B 915 -15.15 1.65 12.72
N ARG B 916 -14.69 1.87 11.49
CA ARG B 916 -15.25 1.15 10.35
C ARG B 916 -15.03 -0.35 10.48
N TRP B 917 -13.85 -0.76 10.95
CA TRP B 917 -13.47 -2.17 10.97
C TRP B 917 -13.15 -2.55 12.42
N HIS B 918 -14.09 -3.21 13.09
CA HIS B 918 -13.96 -3.63 14.48
C HIS B 918 -14.32 -5.10 14.61
N MET B 919 -14.12 -5.64 15.82
CA MET B 919 -14.49 -7.02 16.12
C MET B 919 -15.62 -7.13 17.12
N HIS B 920 -16.60 -6.24 17.04
CA HIS B 920 -17.73 -6.30 17.97
C HIS B 920 -18.77 -7.31 17.51
N ASP B 921 -19.24 -7.18 16.27
CA ASP B 921 -20.16 -8.15 15.69
C ASP B 921 -19.36 -9.26 15.01
N PHE B 922 -20.07 -10.34 14.62
CA PHE B 922 -19.40 -11.43 13.92
C PHE B 922 -19.08 -11.05 12.48
N PHE B 923 -19.97 -10.33 11.82
CA PHE B 923 -19.75 -9.97 10.42
C PHE B 923 -18.51 -9.10 10.29
N HIS B 924 -18.34 -8.12 11.18
CA HIS B 924 -17.16 -7.27 11.14
C HIS B 924 -15.89 -8.06 11.45
N SER B 925 -15.97 -9.03 12.36
CA SER B 925 -14.81 -9.88 12.64
C SER B 925 -14.43 -10.70 11.41
N PHE B 926 -15.41 -11.25 10.72
CA PHE B 926 -15.13 -11.97 9.48
C PHE B 926 -14.54 -11.03 8.44
N LEU B 927 -15.03 -9.79 8.39
CA LEU B 927 -14.47 -8.82 7.46
C LEU B 927 -13.00 -8.54 7.75
N ILE B 928 -12.66 -8.40 9.04
CA ILE B 928 -11.27 -8.13 9.38
C ILE B 928 -10.38 -9.33 9.09
N VAL B 929 -10.86 -10.55 9.37
CA VAL B 929 -10.03 -11.70 9.04
C VAL B 929 -9.88 -11.83 7.53
N PHE B 930 -10.92 -11.50 6.76
CA PHE B 930 -10.80 -11.47 5.32
C PHE B 930 -9.76 -10.44 4.87
N ARG B 931 -9.76 -9.27 5.51
CA ARG B 931 -8.79 -8.23 5.18
C ARG B 931 -7.38 -8.71 5.47
N VAL B 932 -7.17 -9.38 6.60
CA VAL B 932 -5.87 -9.98 6.90
C VAL B 932 -5.50 -10.99 5.82
N LEU B 933 -6.47 -11.76 5.33
CA LEU B 933 -6.23 -12.63 4.20
C LEU B 933 -5.90 -11.83 2.94
N CYS B 934 -6.59 -10.72 2.72
CA CYS B 934 -6.29 -9.87 1.57
C CYS B 934 -4.88 -9.29 1.67
N GLY B 935 -4.48 -8.84 2.85
CA GLY B 935 -3.15 -8.32 3.03
C GLY B 935 -3.05 -7.12 3.97
N GLU B 936 -4.18 -6.48 4.25
CA GLU B 936 -4.20 -5.30 5.11
C GLU B 936 -4.42 -5.67 6.58
N TRP B 937 -3.34 -6.12 7.22
CA TRP B 937 -3.44 -6.51 8.63
C TRP B 937 -3.00 -5.41 9.58
N ILE B 938 -2.09 -4.54 9.14
CA ILE B 938 -1.42 -3.64 10.07
C ILE B 938 -2.37 -2.56 10.59
N GLU B 939 -3.24 -2.04 9.72
CA GLU B 939 -4.10 -0.93 10.11
C GLU B 939 -5.13 -1.32 11.16
N THR B 940 -5.51 -2.59 11.23
CA THR B 940 -6.39 -3.08 12.29
C THR B 940 -5.60 -3.64 13.47
N MET B 941 -4.40 -4.17 13.22
CA MET B 941 -3.57 -4.68 14.30
C MET B 941 -3.14 -3.55 15.23
N TRP B 942 -2.84 -2.36 14.66
CA TRP B 942 -2.60 -1.19 15.49
C TRP B 942 -3.79 -0.89 16.40
N ASP B 943 -4.99 -0.85 15.82
CA ASP B 943 -6.17 -0.48 16.59
C ASP B 943 -6.44 -1.46 17.71
N CYS B 944 -6.33 -2.76 17.42
CA CYS B 944 -6.62 -3.71 18.49
C CYS B 944 -5.50 -3.74 19.52
N MET B 945 -4.26 -3.40 19.14
CA MET B 945 -3.25 -3.19 20.18
C MET B 945 -3.62 -2.04 21.10
N GLU B 946 -4.03 -0.91 20.50
CA GLU B 946 -4.39 0.25 21.30
C GLU B 946 -5.60 -0.05 22.18
N VAL B 947 -6.44 -0.97 21.77
CA VAL B 947 -7.64 -1.31 22.54
C VAL B 947 -7.35 -2.35 23.62
N ALA B 948 -6.87 -3.53 23.23
CA ALA B 948 -6.85 -4.70 24.11
C ALA B 948 -5.46 -5.33 24.16
N GLY B 949 -4.44 -4.52 24.42
CA GLY B 949 -3.12 -5.07 24.68
C GLY B 949 -2.33 -5.44 23.46
N GLN B 950 -0.99 -5.44 23.59
CA GLN B 950 -0.12 -5.69 22.44
C GLN B 950 0.12 -7.17 22.20
N ALA B 951 0.36 -7.94 23.26
CA ALA B 951 0.78 -9.33 23.09
C ALA B 951 -0.33 -10.16 22.45
N MET B 952 -1.57 -10.00 22.93
CA MET B 952 -2.67 -10.80 22.41
C MET B 952 -2.89 -10.51 20.93
N CYS B 953 -2.91 -9.24 20.55
CA CYS B 953 -3.07 -8.90 19.13
C CYS B 953 -1.91 -9.40 18.29
N LEU B 954 -0.68 -9.23 18.77
CA LEU B 954 0.45 -9.69 17.98
C LEU B 954 0.36 -11.19 17.71
N ILE B 955 0.06 -11.97 18.76
CA ILE B 955 -0.04 -13.41 18.59
C ILE B 955 -1.20 -13.76 17.66
N VAL B 956 -2.37 -13.19 17.91
CA VAL B 956 -3.56 -13.55 17.14
C VAL B 956 -3.37 -13.20 15.68
N PHE B 957 -2.87 -11.99 15.39
CA PHE B 957 -2.71 -11.57 14.00
C PHE B 957 -1.60 -12.31 13.29
N MET B 958 -0.47 -12.59 13.96
CA MET B 958 0.54 -13.41 13.32
C MET B 958 0.01 -14.79 12.99
N MET B 959 -0.70 -15.42 13.94
CA MET B 959 -1.24 -16.75 13.71
C MET B 959 -2.24 -16.75 12.57
N VAL B 960 -3.17 -15.79 12.58
CA VAL B 960 -4.21 -15.78 11.55
C VAL B 960 -3.60 -15.50 10.18
N MET B 961 -2.63 -14.57 10.12
CA MET B 961 -2.00 -14.28 8.84
C MET B 961 -1.28 -15.50 8.30
N VAL B 962 -0.46 -16.14 9.13
CA VAL B 962 0.31 -17.30 8.66
C VAL B 962 -0.63 -18.41 8.22
N ILE B 963 -1.59 -18.78 9.07
CA ILE B 963 -2.45 -19.92 8.76
C ILE B 963 -3.32 -19.63 7.56
N GLY B 964 -3.97 -18.47 7.54
CA GLY B 964 -4.86 -18.14 6.44
C GLY B 964 -4.13 -18.02 5.12
N ASN B 965 -2.98 -17.35 5.12
CA ASN B 965 -2.21 -17.24 3.89
C ASN B 965 -1.72 -18.59 3.42
N LEU B 966 -1.30 -19.47 4.34
CA LEU B 966 -0.90 -20.81 3.96
C LEU B 966 -2.05 -21.57 3.32
N VAL B 967 -3.24 -21.53 3.92
CA VAL B 967 -4.36 -22.30 3.39
C VAL B 967 -4.81 -21.73 2.05
N VAL B 968 -4.89 -20.40 1.93
CA VAL B 968 -5.29 -19.78 0.67
C VAL B 968 -4.28 -20.09 -0.44
N LEU B 969 -2.98 -20.02 -0.11
CA LEU B 969 -1.96 -20.33 -1.11
C LEU B 969 -2.03 -21.79 -1.52
N ASN B 970 -2.28 -22.69 -0.57
CA ASN B 970 -2.41 -24.10 -0.92
C ASN B 970 -3.63 -24.35 -1.79
N LEU B 971 -4.75 -23.67 -1.50
CA LEU B 971 -5.94 -23.79 -2.34
C LEU B 971 -5.67 -23.26 -3.74
N PHE B 972 -4.99 -22.12 -3.84
CA PHE B 972 -4.64 -21.56 -5.14
C PHE B 972 -3.76 -22.51 -5.93
N LEU B 973 -2.75 -23.10 -5.28
CA LEU B 973 -1.84 -24.01 -5.95
C LEU B 973 -2.57 -25.29 -6.38
N ALA B 974 -3.45 -25.80 -5.53
CA ALA B 974 -4.22 -26.99 -5.89
C ALA B 974 -5.12 -26.73 -7.09
N LEU B 975 -5.78 -25.57 -7.11
CA LEU B 975 -6.60 -25.20 -8.25
C LEU B 975 -5.76 -25.07 -9.51
N LEU B 976 -4.58 -24.44 -9.39
CA LEU B 976 -3.70 -24.27 -10.53
C LEU B 976 -3.26 -25.62 -11.09
N LEU B 977 -2.88 -26.55 -10.21
CA LEU B 977 -2.47 -27.88 -10.66
C LEU B 977 -3.62 -28.68 -11.25
N SER B 978 -4.83 -28.56 -10.70
CA SER B 978 -5.97 -29.26 -11.29
C SER B 978 -6.30 -28.70 -12.67
N SER B 979 -6.25 -27.37 -12.82
CA SER B 979 -6.50 -26.77 -14.13
C SER B 979 -5.42 -27.15 -15.14
N PHE B 980 -4.16 -27.19 -14.69
CA PHE B 980 -3.05 -27.50 -15.58
C PHE B 980 -3.17 -28.91 -16.15
N SER B 981 -3.53 -29.87 -15.30
CA SER B 981 -3.68 -31.25 -15.74
C SER B 981 -4.61 -32.03 -14.80
N GLY B 1181 29.08 4.80 -63.73
CA GLY B 1181 28.11 4.11 -62.88
C GLY B 1181 28.76 3.31 -61.76
N LYS B 1182 27.97 2.43 -61.14
CA LYS B 1182 28.42 1.58 -60.05
C LYS B 1182 28.99 2.40 -58.90
N SER B 1183 28.13 3.26 -58.35
CA SER B 1183 28.46 4.06 -57.18
C SER B 1183 27.48 3.87 -56.03
N TRP B 1184 26.19 3.67 -56.33
CA TRP B 1184 25.21 3.46 -55.28
C TRP B 1184 25.54 2.23 -54.44
N TRP B 1185 26.00 1.16 -55.09
CA TRP B 1185 26.30 -0.08 -54.39
C TRP B 1185 27.51 0.09 -53.46
N ILE B 1186 28.56 0.75 -53.96
CA ILE B 1186 29.74 0.98 -53.14
C ILE B 1186 29.41 1.87 -51.96
N LEU B 1187 28.66 2.95 -52.21
CA LEU B 1187 28.29 3.84 -51.13
C LEU B 1187 27.39 3.14 -50.11
N ARG B 1188 26.54 2.22 -50.59
CA ARG B 1188 25.68 1.45 -49.71
C ARG B 1188 26.51 0.56 -48.79
N LYS B 1189 27.51 -0.15 -49.32
CA LYS B 1189 28.29 -0.97 -48.40
C LYS B 1189 29.17 -0.13 -47.49
N THR B 1190 29.61 1.06 -47.93
CA THR B 1190 30.33 1.93 -47.00
C THR B 1190 29.44 2.34 -45.83
N CYS B 1191 28.19 2.71 -46.14
CA CYS B 1191 27.25 3.06 -45.08
C CYS B 1191 26.95 1.86 -44.17
N PHE B 1192 26.83 0.67 -44.74
CA PHE B 1192 26.62 -0.52 -43.93
C PHE B 1192 27.81 -0.79 -43.02
N LEU B 1193 29.02 -0.61 -43.54
CA LEU B 1193 30.20 -0.78 -42.71
C LEU B 1193 30.23 0.23 -41.58
N ILE B 1194 29.84 1.48 -41.85
CA ILE B 1194 29.91 2.50 -40.81
C ILE B 1194 28.82 2.29 -39.76
N VAL B 1195 27.65 1.78 -40.16
CA VAL B 1195 26.62 1.52 -39.15
C VAL B 1195 26.95 0.29 -38.33
N GLU B 1196 27.62 -0.70 -38.93
CA GLU B 1196 27.94 -1.93 -38.23
C GLU B 1196 29.02 -1.74 -37.16
N HIS B 1197 29.70 -0.60 -37.15
CA HIS B 1197 30.82 -0.39 -36.23
C HIS B 1197 30.33 -0.35 -34.79
N ASN B 1198 30.90 -1.23 -33.96
CA ASN B 1198 30.47 -1.34 -32.56
C ASN B 1198 30.77 -0.07 -31.78
N TRP B 1199 31.94 0.53 -32.03
CA TRP B 1199 32.27 1.80 -31.39
C TRP B 1199 31.27 2.87 -31.77
N PHE B 1200 30.81 2.87 -33.03
CA PHE B 1200 29.81 3.83 -33.47
C PHE B 1200 28.49 3.61 -32.74
N GLU B 1201 28.11 2.35 -32.52
CA GLU B 1201 26.90 2.08 -31.75
C GLU B 1201 27.05 2.53 -30.30
N THR B 1202 28.24 2.35 -29.71
CA THR B 1202 28.45 2.88 -28.37
C THR B 1202 28.30 4.40 -28.35
N PHE B 1203 28.81 5.07 -29.37
CA PHE B 1203 28.66 6.51 -29.48
C PHE B 1203 27.20 6.91 -29.57
N ILE B 1204 26.42 6.21 -30.39
CA ILE B 1204 25.02 6.59 -30.55
C ILE B 1204 24.22 6.27 -29.28
N ILE B 1205 24.62 5.23 -28.54
CA ILE B 1205 23.96 4.95 -27.27
C ILE B 1205 24.28 6.05 -26.26
N PHE B 1206 25.52 6.53 -26.25
CA PHE B 1206 25.83 7.68 -25.38
C PHE B 1206 25.01 8.90 -25.77
N MET B 1207 24.85 9.14 -27.08
CA MET B 1207 24.08 10.29 -27.52
C MET B 1207 22.61 10.17 -27.12
N ILE B 1208 22.02 8.99 -27.28
CA ILE B 1208 20.64 8.80 -26.86
C ILE B 1208 20.51 8.91 -25.35
N LEU B 1209 21.50 8.44 -24.60
CA LEU B 1209 21.46 8.60 -23.15
C LEU B 1209 21.46 10.07 -22.76
N LEU B 1210 22.33 10.87 -23.39
CA LEU B 1210 22.35 12.30 -23.10
C LEU B 1210 21.05 12.98 -23.50
N SER B 1211 20.50 12.63 -24.66
CA SER B 1211 19.26 13.26 -25.11
C SER B 1211 18.11 12.91 -24.16
N SER B 1212 18.04 11.66 -23.72
CA SER B 1212 16.99 11.26 -22.79
C SER B 1212 17.17 11.94 -21.44
N GLY B 1213 18.41 12.03 -20.96
CA GLY B 1213 18.66 12.68 -19.68
C GLY B 1213 18.43 14.18 -19.71
N ALA B 1214 18.52 14.81 -20.88
CA ALA B 1214 18.24 16.24 -20.98
C ALA B 1214 16.80 16.57 -20.60
N LEU B 1215 15.89 15.60 -20.67
CA LEU B 1215 14.51 15.85 -20.30
C LEU B 1215 14.32 15.94 -18.79
N ALA B 1216 15.26 15.40 -18.02
CA ALA B 1216 15.12 15.41 -16.57
C ALA B 1216 15.13 16.84 -16.02
N PHE B 1217 15.98 17.71 -16.58
CA PHE B 1217 16.10 19.07 -16.10
C PHE B 1217 14.91 19.94 -16.43
N GLU B 1218 13.86 19.43 -17.08
CA GLU B 1218 12.68 20.22 -17.41
C GLU B 1218 11.60 19.93 -16.36
N ASP B 1219 11.49 20.82 -15.38
CA ASP B 1219 10.54 20.64 -14.28
C ASP B 1219 10.08 22.03 -13.84
N ILE B 1220 9.48 22.12 -12.66
CA ILE B 1220 9.01 23.41 -12.17
C ILE B 1220 10.17 24.34 -11.85
N TYR B 1221 11.36 23.79 -11.56
CA TYR B 1221 12.53 24.59 -11.26
C TYR B 1221 13.31 24.89 -12.55
N ILE B 1222 12.57 25.40 -13.53
CA ILE B 1222 13.15 25.72 -14.83
C ILE B 1222 13.32 27.22 -15.05
N GLU B 1223 12.59 28.07 -14.32
CA GLU B 1223 12.86 29.50 -14.39
C GLU B 1223 14.16 29.85 -13.67
N GLN B 1224 14.60 29.03 -12.72
CA GLN B 1224 15.97 29.08 -12.27
C GLN B 1224 16.86 28.42 -13.32
N ARG B 1225 18.18 28.51 -13.10
CA ARG B 1225 19.20 27.96 -14.00
C ARG B 1225 18.82 28.17 -15.48
N LYS B 1226 18.56 29.44 -15.82
CA LYS B 1226 18.20 29.77 -17.19
C LYS B 1226 19.33 29.42 -18.17
N THR B 1227 20.57 29.46 -17.71
CA THR B 1227 21.66 29.01 -18.56
C THR B 1227 21.52 27.53 -18.91
N ILE B 1228 21.11 26.71 -17.93
CA ILE B 1228 20.92 25.29 -18.18
C ILE B 1228 19.80 25.06 -19.19
N ARG B 1229 18.68 25.76 -19.02
CA ARG B 1229 17.57 25.57 -19.95
C ARG B 1229 17.96 26.02 -21.35
N THR B 1230 18.71 27.11 -21.47
CA THR B 1230 19.13 27.58 -22.80
C THR B 1230 20.10 26.60 -23.45
N ILE B 1231 21.08 26.11 -22.69
CA ILE B 1231 22.03 25.15 -23.25
C ILE B 1231 21.31 23.88 -23.69
N LEU B 1232 20.39 23.37 -22.85
CA LEU B 1232 19.68 22.15 -23.23
C LEU B 1232 18.78 22.37 -24.43
N GLU B 1233 18.13 23.54 -24.51
CA GLU B 1233 17.27 23.84 -25.65
C GLU B 1233 18.08 23.90 -26.94
N TYR B 1234 19.26 24.51 -26.90
CA TYR B 1234 20.07 24.62 -28.11
C TYR B 1234 20.78 23.31 -28.44
N ALA B 1235 21.06 22.47 -27.44
CA ALA B 1235 21.61 21.15 -27.72
C ALA B 1235 20.53 20.18 -28.22
N ASP B 1236 19.26 20.48 -27.96
CA ASP B 1236 18.19 19.70 -28.56
C ASP B 1236 18.26 19.76 -30.08
N LYS B 1237 18.64 20.92 -30.63
CA LYS B 1237 18.76 21.04 -32.07
C LYS B 1237 19.85 20.12 -32.61
N VAL B 1238 21.00 20.08 -31.97
CA VAL B 1238 22.08 19.24 -32.47
C VAL B 1238 21.76 17.76 -32.26
N PHE B 1239 21.07 17.41 -31.17
CA PHE B 1239 20.66 16.03 -30.99
C PHE B 1239 19.67 15.61 -32.08
N THR B 1240 18.69 16.45 -32.38
CA THR B 1240 17.75 16.11 -33.44
C THR B 1240 18.45 16.03 -34.78
N TYR B 1241 19.44 16.91 -35.02
CA TYR B 1241 20.17 16.86 -36.27
C TYR B 1241 20.95 15.57 -36.42
N ILE B 1242 21.65 15.16 -35.37
CA ILE B 1242 22.44 13.93 -35.47
C ILE B 1242 21.54 12.72 -35.60
N PHE B 1243 20.37 12.73 -34.96
CA PHE B 1243 19.45 11.61 -35.12
C PHE B 1243 18.81 11.59 -36.52
N ILE B 1244 18.53 12.77 -37.09
CA ILE B 1244 18.06 12.82 -38.47
C ILE B 1244 19.13 12.28 -39.41
N LEU B 1245 20.38 12.65 -39.17
CA LEU B 1245 21.50 12.14 -39.96
C LEU B 1245 21.61 10.63 -39.83
N GLU B 1246 21.42 10.12 -38.61
CA GLU B 1246 21.45 8.67 -38.41
C GLU B 1246 20.33 7.97 -39.17
N MET B 1247 19.12 8.54 -39.14
CA MET B 1247 18.02 7.95 -39.88
C MET B 1247 18.30 7.93 -41.37
N LEU B 1248 18.79 9.06 -41.91
CA LEU B 1248 19.09 9.13 -43.33
C LEU B 1248 20.18 8.14 -43.72
N LEU B 1249 21.23 8.04 -42.91
CA LEU B 1249 22.35 7.18 -43.27
C LEU B 1249 21.98 5.71 -43.11
N LYS B 1250 21.14 5.37 -42.13
CA LYS B 1250 20.62 4.01 -42.04
C LYS B 1250 19.73 3.67 -43.23
N TRP B 1251 18.90 4.63 -43.66
CA TRP B 1251 18.14 4.46 -44.88
C TRP B 1251 19.07 4.11 -46.04
N THR B 1252 20.10 4.91 -46.23
CA THR B 1252 21.03 4.65 -47.34
C THR B 1252 21.71 3.30 -47.20
N ALA B 1253 22.11 2.94 -45.98
CA ALA B 1253 22.84 1.69 -45.77
C ALA B 1253 21.98 0.48 -46.08
N TYR B 1254 20.72 0.48 -45.65
CA TYR B 1254 19.88 -0.71 -45.76
C TYR B 1254 19.02 -0.71 -47.03
N GLY B 1255 18.24 0.34 -47.25
CA GLY B 1255 17.26 0.34 -48.32
C GLY B 1255 15.90 0.66 -47.74
N PHE B 1256 15.01 1.25 -48.52
CA PHE B 1256 13.69 1.61 -48.00
C PHE B 1256 12.91 0.39 -47.56
N VAL B 1257 12.93 -0.67 -48.38
CA VAL B 1257 12.21 -1.89 -48.04
C VAL B 1257 12.86 -2.58 -46.84
N LYS B 1258 14.19 -2.55 -46.77
CA LYS B 1258 14.87 -3.18 -45.64
C LYS B 1258 14.58 -2.45 -44.34
N PHE B 1259 14.55 -1.11 -44.38
CA PHE B 1259 14.35 -0.31 -43.18
C PHE B 1259 12.89 -0.37 -42.72
N PHE B 1260 11.96 -0.26 -43.66
CA PHE B 1260 10.55 -0.12 -43.27
C PHE B 1260 9.89 -1.44 -42.90
N THR B 1261 10.60 -2.56 -43.00
CA THR B 1261 10.09 -3.85 -42.56
C THR B 1261 10.53 -4.19 -41.15
N ASN B 1262 11.15 -3.25 -40.44
CA ASN B 1262 11.63 -3.45 -39.08
C ASN B 1262 10.86 -2.55 -38.14
N ALA B 1263 10.26 -3.14 -37.10
CA ALA B 1263 9.44 -2.37 -36.17
C ALA B 1263 10.27 -1.33 -35.42
N TRP B 1264 11.48 -1.69 -35.01
CA TRP B 1264 12.34 -0.74 -34.31
C TRP B 1264 12.70 0.43 -35.21
N CYS B 1265 12.94 0.16 -36.49
CA CYS B 1265 13.19 1.23 -37.44
C CYS B 1265 11.97 2.13 -37.57
N TRP B 1266 10.77 1.55 -37.57
CA TRP B 1266 9.55 2.36 -37.58
C TRP B 1266 9.46 3.26 -36.35
N LEU B 1267 9.77 2.73 -35.17
CA LEU B 1267 9.72 3.54 -33.96
C LEU B 1267 10.74 4.68 -34.03
N ASP B 1268 11.95 4.37 -34.47
CA ASP B 1268 12.99 5.40 -34.57
C ASP B 1268 12.58 6.48 -35.56
N PHE B 1269 12.06 6.08 -36.72
CA PHE B 1269 11.64 7.06 -37.72
C PHE B 1269 10.47 7.90 -37.20
N LEU B 1270 9.55 7.28 -36.47
CA LEU B 1270 8.42 8.03 -35.92
C LEU B 1270 8.90 9.10 -34.95
N ILE B 1271 9.80 8.73 -34.03
CA ILE B 1271 10.30 9.69 -33.06
C ILE B 1271 11.07 10.81 -33.75
N VAL B 1272 11.92 10.45 -34.72
CA VAL B 1272 12.69 11.46 -35.44
C VAL B 1272 11.76 12.40 -36.20
N ALA B 1273 10.72 11.84 -36.84
CA ALA B 1273 9.80 12.67 -37.61
C ALA B 1273 9.01 13.62 -36.72
N VAL B 1274 8.54 13.15 -35.56
CA VAL B 1274 7.78 14.03 -34.69
C VAL B 1274 8.68 15.11 -34.11
N SER B 1275 9.93 14.77 -33.79
CA SER B 1275 10.86 15.80 -33.31
C SER B 1275 11.16 16.83 -34.39
N LEU B 1276 11.33 16.38 -35.64
CA LEU B 1276 11.57 17.30 -36.74
C LEU B 1276 10.36 18.20 -36.97
N VAL B 1277 9.15 17.65 -36.86
CA VAL B 1277 7.95 18.45 -36.99
C VAL B 1277 7.88 19.50 -35.89
N SER B 1278 8.26 19.11 -34.67
CA SER B 1278 8.28 20.08 -33.56
C SER B 1278 9.27 21.20 -33.85
N LEU B 1279 10.46 20.86 -34.36
CA LEU B 1279 11.45 21.89 -34.68
C LEU B 1279 10.95 22.81 -35.80
N ILE B 1280 10.29 22.24 -36.81
CA ILE B 1280 9.77 23.05 -37.90
C ILE B 1280 8.71 24.02 -37.38
N ALA B 1281 7.83 23.52 -36.50
CA ALA B 1281 6.83 24.39 -35.90
C ALA B 1281 7.47 25.48 -35.05
N ASN B 1282 8.52 25.15 -34.31
CA ASN B 1282 9.22 26.15 -33.51
C ASN B 1282 9.83 27.22 -34.40
N ALA B 1283 10.46 26.82 -35.50
CA ALA B 1283 11.02 27.76 -36.45
C ALA B 1283 9.95 28.57 -37.18
N LEU B 1284 8.73 28.06 -37.25
CA LEU B 1284 7.61 28.77 -37.86
C LEU B 1284 6.87 29.65 -36.86
N GLY B 1285 7.28 29.65 -35.59
CA GLY B 1285 6.61 30.46 -34.60
C GLY B 1285 5.33 29.87 -34.06
N TYR B 1286 5.19 28.54 -34.09
CA TYR B 1286 3.98 27.86 -33.64
C TYR B 1286 4.13 27.25 -32.25
N SER B 1287 5.12 27.71 -31.48
CA SER B 1287 5.37 27.12 -30.16
C SER B 1287 4.19 27.31 -29.23
N GLU B 1288 3.59 28.49 -29.24
CA GLU B 1288 2.50 28.80 -28.32
C GLU B 1288 1.17 28.18 -28.73
N LEU B 1289 1.09 27.62 -29.94
CA LEU B 1289 -0.15 27.01 -30.39
C LEU B 1289 -0.49 25.80 -29.53
N GLY B 1290 -1.79 25.58 -29.31
CA GLY B 1290 -2.22 24.47 -28.48
C GLY B 1290 -1.84 23.12 -29.05
N ALA B 1291 -1.96 22.95 -30.36
CA ALA B 1291 -1.64 21.69 -31.01
C ALA B 1291 -0.17 21.32 -30.84
N ILE B 1292 0.72 22.26 -31.15
CA ILE B 1292 2.14 22.00 -31.00
C ILE B 1292 2.52 21.87 -29.53
N LYS B 1293 1.85 22.64 -28.66
CA LYS B 1293 2.09 22.49 -27.22
C LYS B 1293 1.74 21.09 -26.75
N SER B 1294 0.63 20.53 -27.24
CA SER B 1294 0.25 19.17 -26.87
C SER B 1294 1.19 18.14 -27.50
N LEU B 1295 1.70 18.43 -28.70
CA LEU B 1295 2.67 17.53 -29.30
C LEU B 1295 4.01 17.59 -28.57
N ARG B 1296 4.27 18.68 -27.86
CA ARG B 1296 5.53 18.84 -27.14
C ARG B 1296 5.69 17.77 -26.06
N THR B 1297 4.61 17.45 -25.34
CA THR B 1297 4.70 16.46 -24.28
C THR B 1297 5.02 15.07 -24.80
N LEU B 1298 4.86 14.85 -26.11
CA LEU B 1298 5.28 13.59 -26.72
C LEU B 1298 6.80 13.45 -26.79
N ARG B 1299 7.54 14.51 -26.42
CA ARG B 1299 8.99 14.41 -26.34
C ARG B 1299 9.42 13.41 -25.27
N ALA B 1300 8.50 13.04 -24.37
CA ALA B 1300 8.81 12.05 -23.36
C ALA B 1300 9.10 10.68 -23.94
N LEU B 1301 8.74 10.45 -25.20
CA LEU B 1301 8.89 9.14 -25.83
C LEU B 1301 10.28 8.91 -26.41
N ARG B 1302 11.17 9.90 -26.33
CA ARG B 1302 12.51 9.75 -26.88
C ARG B 1302 13.30 8.57 -26.33
N PRO B 1303 13.29 8.25 -25.03
CA PRO B 1303 14.13 7.12 -24.56
C PRO B 1303 13.77 5.78 -25.16
N LEU B 1304 12.72 5.67 -25.98
CA LEU B 1304 12.36 4.37 -26.54
C LEU B 1304 13.43 3.83 -27.48
N ARG B 1305 14.27 4.70 -28.04
CA ARG B 1305 15.34 4.21 -28.90
C ARG B 1305 16.29 3.30 -28.14
N ALA B 1306 16.33 3.43 -26.81
CA ALA B 1306 17.13 2.51 -26.00
C ALA B 1306 16.61 1.09 -26.08
N LEU B 1307 15.33 0.91 -26.43
CA LEU B 1307 14.82 -0.44 -26.69
C LEU B 1307 15.55 -1.07 -27.87
N SER B 1308 15.72 -0.30 -28.95
CA SER B 1308 16.44 -0.80 -30.12
C SER B 1308 17.92 -0.95 -29.83
N ARG B 1309 18.49 -0.05 -29.01
CA ARG B 1309 19.94 -0.06 -28.77
C ARG B 1309 20.35 -1.11 -27.73
N PHE B 1310 19.79 -1.02 -26.52
CA PHE B 1310 20.17 -1.95 -25.47
C PHE B 1310 19.66 -3.35 -25.78
N GLU B 1311 20.55 -4.34 -25.63
CA GLU B 1311 20.22 -5.71 -26.00
C GLU B 1311 19.29 -6.37 -24.99
N GLY B 1312 19.53 -6.13 -23.69
CA GLY B 1312 18.72 -6.78 -22.67
C GLY B 1312 17.27 -6.35 -22.71
N MET B 1313 17.04 -5.04 -22.82
CA MET B 1313 15.67 -4.54 -22.92
C MET B 1313 14.99 -5.06 -24.18
N ARG B 1314 15.73 -5.12 -25.29
CA ARG B 1314 15.16 -5.66 -26.53
C ARG B 1314 14.74 -7.11 -26.34
N VAL B 1315 15.60 -7.92 -25.71
CA VAL B 1315 15.26 -9.32 -25.49
C VAL B 1315 14.02 -9.44 -24.60
N VAL B 1316 13.95 -8.65 -23.53
CA VAL B 1316 12.82 -8.76 -22.63
C VAL B 1316 11.52 -8.34 -23.32
N VAL B 1317 11.54 -7.22 -24.05
CA VAL B 1317 10.32 -6.77 -24.71
C VAL B 1317 9.92 -7.74 -25.80
N ASN B 1318 10.90 -8.35 -26.49
CA ASN B 1318 10.58 -9.38 -27.47
C ASN B 1318 9.89 -10.57 -26.81
N ALA B 1319 10.37 -10.96 -25.63
CA ALA B 1319 9.74 -12.06 -24.91
C ALA B 1319 8.28 -11.74 -24.54
N LEU B 1320 8.05 -10.53 -24.02
CA LEU B 1320 6.67 -10.15 -23.68
C LEU B 1320 5.78 -10.10 -24.91
N VAL B 1321 6.26 -9.52 -26.02
CA VAL B 1321 5.44 -9.43 -27.22
C VAL B 1321 5.15 -10.83 -27.77
N GLY B 1322 6.13 -11.74 -27.67
CA GLY B 1322 5.89 -13.11 -28.07
C GLY B 1322 4.88 -13.82 -27.19
N ALA B 1323 4.85 -13.48 -25.90
CA ALA B 1323 3.88 -14.09 -25.00
C ALA B 1323 2.48 -13.50 -25.13
N ILE B 1324 2.36 -12.30 -25.69
CA ILE B 1324 1.03 -11.66 -25.80
C ILE B 1324 0.00 -12.52 -26.54
N PRO B 1325 0.28 -13.09 -27.72
CA PRO B 1325 -0.80 -13.74 -28.48
C PRO B 1325 -1.53 -14.85 -27.72
N SER B 1326 -0.82 -15.61 -26.89
CA SER B 1326 -1.49 -16.59 -26.04
C SER B 1326 -2.17 -15.95 -24.84
N ILE B 1327 -1.98 -14.65 -24.64
CA ILE B 1327 -2.47 -13.95 -23.46
C ILE B 1327 -3.69 -13.08 -23.75
N MET B 1328 -3.89 -12.68 -25.00
CA MET B 1328 -5.05 -11.86 -25.35
C MET B 1328 -6.37 -12.56 -25.05
N ASN B 1329 -6.46 -13.87 -25.33
CA ASN B 1329 -7.71 -14.58 -25.06
C ASN B 1329 -8.02 -14.61 -23.57
N VAL B 1330 -7.01 -14.83 -22.74
CA VAL B 1330 -7.22 -14.85 -21.29
C VAL B 1330 -7.63 -13.47 -20.80
N LEU B 1331 -7.01 -12.42 -21.31
CA LEU B 1331 -7.43 -11.06 -20.95
C LEU B 1331 -8.85 -10.78 -21.43
N LEU B 1332 -9.25 -11.34 -22.57
CA LEU B 1332 -10.63 -11.18 -23.01
C LEU B 1332 -11.59 -11.85 -22.03
N VAL B 1333 -11.23 -13.04 -21.56
CA VAL B 1333 -12.08 -13.74 -20.58
C VAL B 1333 -12.16 -12.93 -19.28
N CYS B 1334 -11.02 -12.41 -18.83
CA CYS B 1334 -11.01 -11.60 -17.62
C CYS B 1334 -11.85 -10.34 -17.79
N LEU B 1335 -11.79 -9.73 -18.98
CA LEU B 1335 -12.62 -8.56 -19.25
C LEU B 1335 -14.09 -8.91 -19.24
N ILE B 1336 -14.47 -10.07 -19.79
CA ILE B 1336 -15.88 -10.47 -19.75
C ILE B 1336 -16.32 -10.73 -18.31
N PHE B 1337 -15.49 -11.39 -17.52
CA PHE B 1337 -15.86 -11.67 -16.14
C PHE B 1337 -16.01 -10.39 -15.34
N TRP B 1338 -15.03 -9.48 -15.45
CA TRP B 1338 -15.14 -8.19 -14.80
C TRP B 1338 -16.27 -7.35 -15.38
N LEU B 1339 -16.68 -7.61 -16.62
CA LEU B 1339 -17.83 -6.93 -17.18
C LEU B 1339 -19.13 -7.40 -16.52
N ILE B 1340 -19.23 -8.70 -16.29
CA ILE B 1340 -20.37 -9.23 -15.54
C ILE B 1340 -20.41 -8.61 -14.15
N PHE B 1341 -19.26 -8.61 -13.47
CA PHE B 1341 -19.21 -8.05 -12.12
C PHE B 1341 -19.47 -6.54 -12.13
N SER B 1342 -19.03 -5.84 -13.18
CA SER B 1342 -19.25 -4.40 -13.26
C SER B 1342 -20.70 -4.07 -13.54
N ILE B 1343 -21.38 -4.87 -14.36
CA ILE B 1343 -22.81 -4.65 -14.56
C ILE B 1343 -23.57 -4.94 -13.27
N MET B 1344 -23.16 -5.97 -12.53
CA MET B 1344 -23.75 -6.19 -11.22
C MET B 1344 -23.52 -4.98 -10.30
N GLY B 1345 -22.29 -4.46 -10.27
CA GLY B 1345 -22.00 -3.33 -9.41
C GLY B 1345 -22.75 -2.07 -9.83
N VAL B 1346 -22.93 -1.88 -11.13
CA VAL B 1346 -23.70 -0.73 -11.61
C VAL B 1346 -25.16 -0.86 -11.24
N ASN B 1347 -25.73 -2.06 -11.38
CA ASN B 1347 -27.11 -2.26 -10.97
C ASN B 1347 -27.27 -2.02 -9.48
N LEU B 1348 -26.28 -2.43 -8.69
CA LEU B 1348 -26.39 -2.30 -7.24
C LEU B 1348 -26.15 -0.86 -6.77
N PHE B 1349 -25.26 -0.14 -7.42
CA PHE B 1349 -24.70 1.08 -6.86
C PHE B 1349 -24.82 2.32 -7.74
N ALA B 1350 -25.51 2.26 -8.87
CA ALA B 1350 -25.59 3.42 -9.75
C ALA B 1350 -26.27 4.59 -9.06
N GLY B 1351 -25.53 5.68 -8.89
CA GLY B 1351 -26.09 6.91 -8.36
C GLY B 1351 -26.09 7.02 -6.85
N LYS B 1352 -25.74 5.97 -6.13
CA LYS B 1352 -25.79 5.97 -4.68
C LYS B 1352 -24.46 6.39 -4.06
N TYR B 1353 -23.70 7.24 -4.76
CA TYR B 1353 -22.37 7.66 -4.37
C TYR B 1353 -22.28 9.18 -4.31
N HIS B 1354 -23.28 9.81 -3.73
CA HIS B 1354 -23.35 11.27 -3.67
C HIS B 1354 -23.36 11.74 -2.23
N TYR B 1355 -22.79 12.92 -2.00
CA TYR B 1355 -22.56 13.44 -0.66
C TYR B 1355 -23.22 14.82 -0.52
N CYS B 1356 -23.12 15.37 0.69
CA CYS B 1356 -23.36 16.79 0.95
C CYS B 1356 -22.35 17.23 2.01
N PHE B 1357 -21.19 17.73 1.58
CA PHE B 1357 -20.24 18.29 2.53
C PHE B 1357 -20.64 19.71 2.93
N ASN B 1358 -20.15 20.12 4.09
CA ASN B 1358 -20.12 21.51 4.51
C ASN B 1358 -18.64 21.79 4.80
N GLU B 1359 -17.95 22.38 3.82
CA GLU B 1359 -16.49 22.35 3.79
C GLU B 1359 -15.85 22.99 5.01
N THR B 1360 -16.53 23.93 5.67
CA THR B 1360 -15.97 24.50 6.89
C THR B 1360 -15.79 23.42 7.95
N SER B 1361 -16.81 22.57 8.12
CA SER B 1361 -16.70 21.45 9.02
C SER B 1361 -16.27 20.16 8.31
N GLU B 1362 -16.29 20.17 6.97
CA GLU B 1362 -15.98 19.00 6.13
C GLU B 1362 -16.52 17.71 6.72
N ILE B 1363 -17.81 17.73 7.06
CA ILE B 1363 -18.50 16.57 7.60
C ILE B 1363 -19.62 16.20 6.64
N ARG B 1364 -19.66 14.93 6.25
CA ARG B 1364 -20.77 14.42 5.45
C ARG B 1364 -22.02 14.41 6.29
N PHE B 1365 -23.06 15.11 5.84
CA PHE B 1365 -24.29 15.24 6.62
C PHE B 1365 -24.88 13.87 6.93
N GLU B 1366 -25.20 13.64 8.20
CA GLU B 1366 -25.95 12.44 8.58
C GLU B 1366 -27.36 12.55 8.04
N ILE B 1367 -27.99 11.40 7.78
CA ILE B 1367 -29.31 11.45 7.17
C ILE B 1367 -30.35 11.58 8.28
N GLU B 1368 -30.46 12.77 8.85
CA GLU B 1368 -31.64 13.22 9.59
C GLU B 1368 -31.98 14.68 9.33
N ASP B 1369 -31.06 15.46 8.77
CA ASP B 1369 -31.30 16.87 8.43
C ASP B 1369 -31.60 16.99 6.93
N VAL B 1370 -30.73 16.43 6.10
CA VAL B 1370 -30.92 16.35 4.66
C VAL B 1370 -30.93 14.88 4.27
N ASN B 1371 -31.99 14.46 3.58
CA ASN B 1371 -32.09 13.07 3.14
C ASN B 1371 -32.02 12.92 1.63
N ASN B 1372 -32.85 13.66 0.90
CA ASN B 1372 -32.90 13.57 -0.55
C ASN B 1372 -31.86 14.50 -1.16
N LYS B 1373 -31.76 14.45 -2.49
CA LYS B 1373 -31.00 15.44 -3.22
C LYS B 1373 -31.70 16.79 -3.20
N THR B 1374 -33.04 16.79 -3.23
CA THR B 1374 -33.80 18.02 -3.30
C THR B 1374 -33.55 18.91 -2.09
N GLU B 1375 -33.48 18.32 -0.89
CA GLU B 1375 -33.21 19.12 0.29
C GLU B 1375 -31.79 19.68 0.28
N CYS B 1376 -30.83 18.91 -0.26
CA CYS B 1376 -29.48 19.44 -0.38
C CYS B 1376 -29.44 20.61 -1.36
N GLU B 1377 -30.24 20.55 -2.42
CA GLU B 1377 -30.35 21.70 -3.32
C GLU B 1377 -31.08 22.88 -2.68
N LYS B 1378 -32.00 22.60 -1.75
CA LYS B 1378 -32.61 23.68 -0.98
C LYS B 1378 -31.56 24.39 -0.14
N LEU B 1379 -30.67 23.62 0.48
CA LEU B 1379 -29.52 24.23 1.13
C LEU B 1379 -28.64 24.98 0.13
N MET B 1380 -28.50 24.45 -1.08
CA MET B 1380 -27.72 25.11 -2.12
C MET B 1380 -28.26 26.51 -2.39
N GLU B 1381 -29.56 26.62 -2.62
CA GLU B 1381 -30.14 27.92 -2.94
C GLU B 1381 -30.14 28.83 -1.73
N GLY B 1382 -30.40 28.30 -0.54
CA GLY B 1382 -30.34 29.13 0.66
C GLY B 1382 -28.93 29.56 1.00
N ASN B 1383 -28.00 28.62 1.02
CA ASN B 1383 -26.61 28.88 1.34
C ASN B 1383 -25.83 29.16 0.05
N ASN B 1384 -24.50 29.08 0.11
CA ASN B 1384 -23.64 29.23 -1.06
C ASN B 1384 -22.77 27.97 -1.17
N THR B 1385 -21.73 28.06 -2.01
CA THR B 1385 -20.88 26.91 -2.31
C THR B 1385 -20.27 26.27 -1.06
N GLU B 1386 -20.46 26.88 0.12
CA GLU B 1386 -19.98 26.28 1.36
C GLU B 1386 -20.54 24.90 1.60
N ILE B 1387 -21.72 24.60 1.04
CA ILE B 1387 -22.27 23.25 1.01
C ILE B 1387 -22.16 22.75 -0.42
N ARG B 1388 -21.74 21.49 -0.59
CA ARG B 1388 -21.46 20.94 -1.91
C ARG B 1388 -22.06 19.56 -2.03
N TRP B 1389 -22.76 19.30 -3.13
CA TRP B 1389 -23.32 17.99 -3.45
C TRP B 1389 -22.40 17.35 -4.48
N LYS B 1390 -21.50 16.49 -4.02
CA LYS B 1390 -20.43 15.99 -4.86
C LYS B 1390 -20.35 14.47 -4.78
N ASN B 1391 -19.67 13.89 -5.78
CA ASN B 1391 -19.58 12.45 -5.94
C ASN B 1391 -18.27 11.93 -5.36
N VAL B 1392 -18.15 10.60 -5.30
CA VAL B 1392 -16.96 9.94 -4.77
C VAL B 1392 -15.79 9.98 -5.75
N LYS B 1393 -16.07 10.20 -7.04
CA LYS B 1393 -15.05 10.32 -8.09
C LYS B 1393 -14.40 8.98 -8.40
N ILE B 1394 -14.73 7.95 -7.63
CA ILE B 1394 -14.45 6.56 -7.99
C ILE B 1394 -15.71 5.78 -7.66
N ASN B 1395 -16.53 5.50 -8.67
CA ASN B 1395 -17.90 5.08 -8.42
C ASN B 1395 -18.32 4.06 -9.47
N PHE B 1396 -19.44 3.39 -9.20
CA PHE B 1396 -20.13 2.56 -10.17
C PHE B 1396 -21.26 3.40 -10.75
N ASP B 1397 -20.98 4.12 -11.83
CA ASP B 1397 -22.00 4.88 -12.54
C ASP B 1397 -22.11 4.48 -14.00
N ASN B 1398 -21.19 3.65 -14.49
CA ASN B 1398 -21.21 3.08 -15.84
C ASN B 1398 -20.18 1.96 -15.86
N VAL B 1399 -20.12 1.25 -16.98
CA VAL B 1399 -19.22 0.12 -17.08
C VAL B 1399 -17.75 0.54 -17.05
N GLY B 1400 -17.42 1.69 -17.62
CA GLY B 1400 -16.04 2.18 -17.54
C GLY B 1400 -15.62 2.51 -16.12
N ALA B 1401 -16.47 3.30 -15.44
CA ALA B 1401 -16.22 3.57 -14.02
C ALA B 1401 -16.29 2.28 -13.21
N GLY B 1402 -17.11 1.33 -13.65
CA GLY B 1402 -17.13 0.04 -12.99
C GLY B 1402 -15.81 -0.69 -13.09
N TYR B 1403 -15.21 -0.70 -14.28
CA TYR B 1403 -13.89 -1.30 -14.45
C TYR B 1403 -12.85 -0.58 -13.60
N LEU B 1404 -12.91 0.75 -13.55
CA LEU B 1404 -11.95 1.49 -12.74
C LEU B 1404 -12.08 1.13 -11.26
N ALA B 1405 -13.30 1.15 -10.73
CA ALA B 1405 -13.52 0.83 -9.33
C ALA B 1405 -13.15 -0.62 -9.02
N LEU B 1406 -13.48 -1.55 -9.90
CA LEU B 1406 -13.12 -2.94 -9.70
C LEU B 1406 -11.62 -3.17 -9.81
N LEU B 1407 -10.92 -2.41 -10.65
CA LEU B 1407 -9.47 -2.48 -10.67
C LEU B 1407 -8.89 -2.01 -9.35
N GLN B 1408 -9.43 -0.93 -8.79
CA GLN B 1408 -8.97 -0.46 -7.49
C GLN B 1408 -9.23 -1.51 -6.41
N VAL B 1409 -10.41 -2.13 -6.45
CA VAL B 1409 -10.75 -3.15 -5.46
C VAL B 1409 -9.87 -4.39 -5.60
N ALA B 1410 -9.64 -4.86 -6.83
CA ALA B 1410 -8.84 -6.06 -7.05
C ALA B 1410 -7.36 -5.85 -6.80
N THR B 1411 -6.87 -4.61 -6.97
CA THR B 1411 -5.50 -4.30 -6.59
C THR B 1411 -5.37 -3.99 -5.10
N PHE B 1412 -6.49 -4.00 -4.36
CA PHE B 1412 -6.51 -3.78 -2.91
C PHE B 1412 -6.01 -2.40 -2.52
N LYS B 1413 -6.16 -1.42 -3.41
CA LYS B 1413 -5.78 -0.04 -3.12
C LYS B 1413 -6.90 0.89 -3.56
N GLY B 1414 -7.37 1.74 -2.66
CA GLY B 1414 -8.52 2.57 -2.93
C GLY B 1414 -9.84 1.90 -2.68
N TRP B 1415 -9.83 0.60 -2.36
CA TRP B 1415 -11.05 -0.15 -2.13
C TRP B 1415 -11.74 0.24 -0.83
N MET B 1416 -11.03 0.87 0.10
CA MET B 1416 -11.64 1.31 1.34
C MET B 1416 -12.72 2.37 1.09
N ASP B 1417 -12.40 3.39 0.29
CA ASP B 1417 -13.37 4.45 0.02
C ASP B 1417 -14.58 3.92 -0.74
N ILE B 1418 -14.35 3.06 -1.73
CA ILE B 1418 -15.45 2.51 -2.50
C ILE B 1418 -16.35 1.68 -1.62
N MET B 1419 -15.76 0.82 -0.78
CA MET B 1419 -16.57 -0.03 0.09
C MET B 1419 -17.33 0.79 1.12
N TYR B 1420 -16.71 1.85 1.64
CA TYR B 1420 -17.41 2.71 2.59
C TYR B 1420 -18.60 3.39 1.93
N ALA B 1421 -18.41 3.97 0.75
CA ALA B 1421 -19.51 4.63 0.04
C ALA B 1421 -20.56 3.63 -0.43
N ALA B 1422 -20.19 2.36 -0.58
CA ALA B 1422 -21.17 1.35 -0.98
C ALA B 1422 -22.03 0.90 0.20
N VAL B 1423 -21.38 0.53 1.31
CA VAL B 1423 -22.13 0.09 2.48
C VAL B 1423 -22.93 1.25 3.08
N ASP B 1424 -22.50 2.49 2.90
CA ASP B 1424 -23.31 3.62 3.32
C ASP B 1424 -24.42 3.95 2.33
N SER B 1425 -24.36 3.41 1.12
CA SER B 1425 -25.34 3.73 0.10
C SER B 1425 -26.68 3.08 0.40
N ARG B 1426 -27.76 3.83 0.21
CA ARG B 1426 -29.09 3.30 0.48
C ARG B 1426 -30.05 3.48 -0.70
N LYS B 1427 -30.00 4.61 -1.40
CA LYS B 1427 -30.95 4.87 -2.47
C LYS B 1427 -30.28 5.78 -3.50
N PRO B 1428 -30.75 5.77 -4.76
CA PRO B 1428 -30.04 6.54 -5.80
C PRO B 1428 -29.98 8.04 -5.56
N ASP B 1429 -31.02 8.62 -4.96
CA ASP B 1429 -31.06 10.07 -4.72
C ASP B 1429 -31.23 10.39 -3.24
N GLU B 1430 -30.73 9.53 -2.36
CA GLU B 1430 -30.82 9.73 -0.93
C GLU B 1430 -29.44 9.89 -0.33
N GLN B 1431 -29.37 10.66 0.75
CA GLN B 1431 -28.10 10.86 1.44
C GLN B 1431 -27.64 9.56 2.08
N PRO B 1432 -26.39 9.16 1.89
CA PRO B 1432 -25.89 7.96 2.57
C PRO B 1432 -25.83 8.17 4.08
N LYS B 1433 -26.03 7.07 4.80
CA LYS B 1433 -25.97 7.06 6.24
C LYS B 1433 -25.04 5.92 6.68
N TYR B 1434 -24.52 6.04 7.91
CA TYR B 1434 -23.48 5.15 8.38
C TYR B 1434 -23.96 3.70 8.46
N GLU B 1435 -23.55 2.91 7.47
CA GLU B 1435 -23.76 1.46 7.45
C GLU B 1435 -25.22 1.06 7.68
N ASP B 1436 -26.13 1.67 6.90
CA ASP B 1436 -27.48 1.15 6.81
C ASP B 1436 -27.60 -0.06 5.90
N ASN B 1437 -26.61 -0.29 5.05
CA ASN B 1437 -26.69 -1.31 4.00
C ASN B 1437 -25.40 -2.12 4.01
N ILE B 1438 -25.02 -2.56 5.21
CA ILE B 1438 -23.70 -3.16 5.44
C ILE B 1438 -23.49 -4.40 4.59
N TYR B 1439 -24.55 -5.15 4.31
CA TYR B 1439 -24.37 -6.48 3.73
C TYR B 1439 -23.87 -6.46 2.29
N MET B 1440 -23.76 -5.29 1.65
CA MET B 1440 -23.08 -5.27 0.34
C MET B 1440 -21.58 -5.50 0.47
N TYR B 1441 -21.06 -5.63 1.69
CA TYR B 1441 -19.68 -6.08 1.86
C TYR B 1441 -19.46 -7.40 1.15
N ILE B 1442 -20.46 -8.30 1.18
CA ILE B 1442 -20.30 -9.61 0.57
C ILE B 1442 -20.17 -9.49 -0.93
N TYR B 1443 -20.67 -8.41 -1.52
CA TYR B 1443 -20.48 -8.21 -2.96
C TYR B 1443 -18.99 -8.07 -3.29
N PHE B 1444 -18.28 -7.22 -2.55
CA PHE B 1444 -16.85 -7.07 -2.76
C PHE B 1444 -16.10 -8.33 -2.36
N VAL B 1445 -16.57 -9.03 -1.32
CA VAL B 1445 -15.95 -10.30 -0.94
C VAL B 1445 -16.07 -11.30 -2.08
N ILE B 1446 -17.25 -11.40 -2.69
CA ILE B 1446 -17.48 -12.33 -3.78
C ILE B 1446 -16.66 -11.92 -5.00
N PHE B 1447 -16.55 -10.62 -5.26
CA PHE B 1447 -15.74 -10.16 -6.37
C PHE B 1447 -14.29 -10.52 -6.19
N ILE B 1448 -13.77 -10.36 -4.96
CA ILE B 1448 -12.37 -10.73 -4.71
C ILE B 1448 -12.20 -12.24 -4.81
N ILE B 1449 -13.19 -13.02 -4.37
CA ILE B 1449 -13.08 -14.47 -4.43
C ILE B 1449 -13.09 -14.95 -5.88
N PHE B 1450 -13.94 -14.37 -6.72
CA PHE B 1450 -14.14 -14.87 -8.09
C PHE B 1450 -13.28 -14.14 -9.12
N GLY B 1451 -13.46 -12.84 -9.28
CA GLY B 1451 -12.81 -12.08 -10.31
C GLY B 1451 -11.41 -11.59 -10.00
N SER B 1452 -10.88 -11.88 -8.82
CA SER B 1452 -9.54 -11.43 -8.46
C SER B 1452 -8.69 -12.60 -7.98
N PHE B 1453 -9.35 -13.70 -7.60
CA PHE B 1453 -8.67 -14.91 -7.17
C PHE B 1453 -8.70 -15.98 -8.25
N PHE B 1454 -9.90 -16.33 -8.73
CA PHE B 1454 -10.01 -17.38 -9.74
C PHE B 1454 -9.51 -16.91 -11.10
N THR B 1455 -9.81 -15.66 -11.47
CA THR B 1455 -9.28 -15.12 -12.71
C THR B 1455 -7.76 -15.02 -12.65
N LEU B 1456 -7.23 -14.60 -11.51
CA LEU B 1456 -5.78 -14.60 -11.33
C LEU B 1456 -5.21 -16.00 -11.46
N ASN B 1457 -5.88 -17.00 -10.91
CA ASN B 1457 -5.41 -18.38 -11.04
C ASN B 1457 -5.39 -18.82 -12.49
N LEU B 1458 -6.45 -18.51 -13.23
CA LEU B 1458 -6.49 -18.86 -14.65
C LEU B 1458 -5.37 -18.17 -15.42
N PHE B 1459 -5.17 -16.89 -15.15
CA PHE B 1459 -4.13 -16.10 -15.83
C PHE B 1459 -2.75 -16.67 -15.53
N ILE B 1460 -2.49 -17.00 -14.26
CA ILE B 1460 -1.19 -17.53 -13.87
C ILE B 1460 -0.96 -18.91 -14.48
N GLY B 1461 -2.00 -19.75 -14.50
CA GLY B 1461 -1.85 -21.07 -15.10
C GLY B 1461 -1.56 -20.99 -16.59
N VAL B 1462 -2.26 -20.10 -17.30
CA VAL B 1462 -2.00 -19.94 -18.73
C VAL B 1462 -0.59 -19.40 -18.95
N ILE B 1463 -0.15 -18.46 -18.11
CA ILE B 1463 1.22 -17.95 -18.23
C ILE B 1463 2.23 -19.06 -18.02
N ILE B 1464 2.00 -19.92 -17.03
CA ILE B 1464 2.94 -21.00 -16.75
C ILE B 1464 3.00 -21.97 -17.91
N ASP B 1465 1.85 -22.33 -18.47
CA ASP B 1465 1.84 -23.22 -19.63
C ASP B 1465 2.56 -22.58 -20.82
N ASN B 1466 2.30 -21.30 -21.07
CA ASN B 1466 2.94 -20.59 -22.17
C ASN B 1466 4.45 -20.56 -21.99
N PHE B 1467 4.91 -20.26 -20.78
CA PHE B 1467 6.34 -20.17 -20.55
C PHE B 1467 7.01 -21.54 -20.61
N ASN B 1468 6.32 -22.59 -20.16
CA ASN B 1468 6.87 -23.94 -20.32
C ASN B 1468 7.03 -24.28 -21.80
N GLN B 1469 6.01 -23.99 -22.61
CA GLN B 1469 6.12 -24.25 -24.04
C GLN B 1469 7.23 -23.41 -24.67
N GLN B 1470 7.34 -22.14 -24.28
CA GLN B 1470 8.36 -21.26 -24.85
C GLN B 1470 9.77 -21.75 -24.49
N LYS B 1471 9.96 -22.17 -23.25
CA LYS B 1471 11.26 -22.72 -22.84
C LYS B 1471 11.56 -24.00 -23.60
N LYS B 1472 10.57 -24.88 -23.74
CA LYS B 1472 10.79 -26.12 -24.49
C LYS B 1472 11.05 -25.85 -25.98
N LYS B 1473 10.61 -24.70 -26.49
CA LYS B 1473 10.90 -24.36 -27.88
C LYS B 1473 12.40 -24.14 -28.08
N PHE B 1474 13.03 -23.33 -27.24
CA PHE B 1474 14.45 -23.00 -27.37
C PHE B 1474 15.32 -23.94 -26.54
N GLY B 1475 15.11 -25.24 -26.68
CA GLY B 1475 15.96 -26.23 -26.04
C GLY B 1475 16.04 -26.11 -24.53
N GLY B 1476 14.99 -25.64 -23.88
CA GLY B 1476 15.00 -25.52 -22.44
C GLY B 1476 15.90 -24.44 -21.90
N GLN B 1477 16.19 -23.40 -22.68
CA GLN B 1477 17.06 -22.33 -22.24
C GLN B 1477 16.24 -21.14 -21.73
N ASP B 1478 16.93 -20.23 -21.03
CA ASP B 1478 16.28 -19.06 -20.48
C ASP B 1478 15.85 -18.11 -21.60
N ILE B 1479 14.79 -17.35 -21.34
CA ILE B 1479 14.24 -16.45 -22.34
C ILE B 1479 14.27 -15.01 -21.84
N PHE B 1480 15.24 -14.70 -20.99
CA PHE B 1480 15.40 -13.35 -20.47
C PHE B 1480 16.87 -12.91 -20.42
N MET B 1481 17.76 -13.60 -21.12
CA MET B 1481 19.18 -13.31 -21.07
C MET B 1481 19.73 -13.26 -22.49
N THR B 1482 20.80 -12.48 -22.68
CA THR B 1482 21.47 -12.40 -23.96
C THR B 1482 22.51 -13.53 -24.10
N GLU B 1483 23.27 -13.49 -25.19
CA GLU B 1483 24.24 -14.55 -25.45
C GLU B 1483 25.39 -14.51 -24.45
N GLU B 1484 25.96 -13.33 -24.24
CA GLU B 1484 26.99 -13.20 -23.21
C GLU B 1484 26.44 -13.52 -21.83
N GLN B 1485 25.21 -13.09 -21.54
CA GLN B 1485 24.57 -13.46 -20.28
C GLN B 1485 24.34 -14.96 -20.19
N LYS B 1486 24.05 -15.62 -21.31
CA LYS B 1486 23.92 -17.07 -21.29
C LYS B 1486 25.26 -17.76 -21.03
N LYS B 1487 26.35 -17.22 -21.58
CA LYS B 1487 27.67 -17.76 -21.29
C LYS B 1487 28.02 -17.56 -19.82
N TYR B 1488 27.67 -16.41 -19.25
CA TYR B 1488 27.86 -16.16 -17.83
C TYR B 1488 27.04 -17.15 -17.00
N TYR B 1489 25.81 -17.41 -17.44
CA TYR B 1489 24.94 -18.41 -16.81
C TYR B 1489 25.64 -19.77 -16.77
N ASN B 1490 26.12 -20.23 -17.92
CA ASN B 1490 26.75 -21.55 -18.00
C ASN B 1490 28.04 -21.59 -17.20
N ALA B 1491 28.82 -20.50 -17.21
CA ALA B 1491 30.07 -20.46 -16.46
C ALA B 1491 29.81 -20.60 -14.97
N MET B 1492 28.82 -19.88 -14.44
CA MET B 1492 28.53 -20.02 -13.01
C MET B 1492 27.90 -21.37 -12.70
N LYS B 1493 27.13 -21.93 -13.65
CA LYS B 1493 26.60 -23.27 -13.45
C LYS B 1493 27.73 -24.28 -13.32
N LYS B 1494 28.75 -24.18 -14.16
CA LYS B 1494 29.92 -25.05 -14.06
C LYS B 1494 30.70 -24.80 -12.77
N LEU B 1495 30.85 -23.53 -12.38
CA LEU B 1495 31.64 -23.17 -11.21
C LEU B 1495 30.90 -23.40 -9.89
N GLY B 1496 29.61 -23.73 -9.94
CA GLY B 1496 28.85 -23.97 -8.73
C GLY B 1496 29.04 -25.32 -8.10
N SER B 1497 29.88 -26.19 -8.67
CA SER B 1497 30.12 -27.52 -8.13
C SER B 1497 31.11 -27.42 -6.96
N LYS B 1498 31.50 -28.57 -6.42
CA LYS B 1498 32.41 -28.63 -5.29
C LYS B 1498 33.86 -28.64 -5.80
N LYS B 1499 34.66 -27.69 -5.30
CA LYS B 1499 36.04 -27.57 -5.72
C LYS B 1499 36.96 -28.15 -4.65
N PRO B 1500 37.78 -29.15 -4.96
CA PRO B 1500 38.69 -29.71 -3.95
C PRO B 1500 39.82 -28.75 -3.61
N GLN B 1501 39.52 -27.75 -2.79
CA GLN B 1501 40.52 -26.74 -2.44
C GLN B 1501 41.67 -27.36 -1.65
N LYS B 1502 42.85 -26.80 -1.83
CA LYS B 1502 44.02 -27.28 -1.09
C LYS B 1502 43.83 -27.05 0.40
N PRO B 1503 44.08 -28.06 1.24
CA PRO B 1503 43.81 -27.92 2.68
C PRO B 1503 44.83 -27.10 3.46
N ILE B 1504 45.72 -26.37 2.78
CA ILE B 1504 46.71 -25.52 3.43
C ILE B 1504 47.55 -26.37 4.38
N PRO B 1505 48.46 -27.21 3.87
CA PRO B 1505 49.22 -28.14 4.73
C PRO B 1505 49.96 -27.46 5.87
N ARG B 1506 50.18 -28.21 6.95
CA ARG B 1506 50.79 -27.67 8.15
C ARG B 1506 52.22 -27.22 7.87
N PRO B 1507 52.63 -26.07 8.41
CA PRO B 1507 53.99 -25.59 8.20
C PRO B 1507 55.00 -26.38 9.02
N LEU B 1508 56.28 -26.11 8.74
CA LEU B 1508 57.40 -26.81 9.38
C LEU B 1508 57.90 -26.08 10.63
N ASN B 1509 56.97 -25.72 11.52
CA ASN B 1509 57.34 -25.09 12.79
C ASN B 1509 56.40 -25.59 13.88
N LYS B 1510 56.93 -25.67 15.10
CA LYS B 1510 56.12 -26.14 16.24
C LYS B 1510 55.12 -25.09 16.67
N ILE B 1511 55.56 -23.83 16.80
CA ILE B 1511 54.65 -22.76 17.20
C ILE B 1511 53.67 -22.45 16.06
N GLN B 1512 54.17 -22.39 14.82
CA GLN B 1512 53.27 -22.26 13.69
C GLN B 1512 52.35 -23.47 13.58
N GLY B 1513 52.87 -24.65 13.91
CA GLY B 1513 52.02 -25.83 13.91
C GLY B 1513 50.88 -25.74 14.91
N ILE B 1514 51.17 -25.27 16.13
CA ILE B 1514 50.12 -25.19 17.13
C ILE B 1514 49.13 -24.07 16.80
N VAL B 1515 49.59 -22.95 16.24
CA VAL B 1515 48.63 -21.91 15.87
C VAL B 1515 47.77 -22.37 14.70
N PHE B 1516 48.35 -23.11 13.75
CA PHE B 1516 47.56 -23.69 12.67
C PHE B 1516 46.54 -24.69 13.20
N ASP B 1517 46.94 -25.53 14.17
CA ASP B 1517 45.96 -26.40 14.81
C ASP B 1517 44.83 -25.59 15.42
N PHE B 1518 45.16 -24.54 16.17
CA PHE B 1518 44.14 -23.71 16.80
C PHE B 1518 43.18 -23.14 15.77
N VAL B 1519 43.70 -22.73 14.61
CA VAL B 1519 42.82 -22.11 13.62
C VAL B 1519 42.10 -23.17 12.77
N THR B 1520 42.48 -24.45 12.88
CA THR B 1520 41.87 -25.47 12.05
C THR B 1520 40.80 -26.31 12.73
N GLN B 1521 40.75 -26.38 14.05
CA GLN B 1521 39.63 -27.09 14.68
C GLN B 1521 38.33 -26.37 14.42
N GLN B 1522 37.25 -27.16 14.31
CA GLN B 1522 35.92 -26.58 14.21
C GLN B 1522 35.54 -25.81 15.45
N ALA B 1523 36.16 -26.13 16.59
CA ALA B 1523 35.85 -25.44 17.84
C ALA B 1523 36.16 -23.95 17.72
N PHE B 1524 37.25 -23.60 17.04
CA PHE B 1524 37.54 -22.19 16.79
C PHE B 1524 36.43 -21.53 15.97
N ASP B 1525 35.93 -22.24 14.96
CA ASP B 1525 34.83 -21.69 14.17
C ASP B 1525 33.58 -21.51 15.02
N ILE B 1526 33.27 -22.51 15.85
CA ILE B 1526 32.05 -22.45 16.66
C ILE B 1526 32.08 -21.28 17.63
N VAL B 1527 33.21 -21.07 18.29
CA VAL B 1527 33.29 -19.98 19.26
C VAL B 1527 33.20 -18.63 18.55
N ILE B 1528 33.78 -18.52 17.35
CA ILE B 1528 33.70 -17.26 16.62
C ILE B 1528 32.26 -16.99 16.17
N MET B 1529 31.56 -18.01 15.67
CA MET B 1529 30.14 -17.83 15.35
C MET B 1529 29.33 -17.42 16.58
N MET B 1530 29.59 -18.06 17.72
CA MET B 1530 28.88 -17.69 18.94
C MET B 1530 29.16 -16.25 19.35
N LEU B 1531 30.42 -15.81 19.23
CA LEU B 1531 30.75 -14.44 19.60
C LEU B 1531 30.16 -13.45 18.61
N ILE B 1532 30.06 -13.82 17.34
CA ILE B 1532 29.36 -12.98 16.37
C ILE B 1532 27.88 -12.87 16.73
N CYS B 1533 27.29 -13.97 17.19
CA CYS B 1533 25.89 -13.93 17.64
C CYS B 1533 25.72 -13.00 18.84
N LEU B 1534 26.66 -13.07 19.79
CA LEU B 1534 26.61 -12.15 20.93
C LEU B 1534 26.76 -10.71 20.49
N ASN B 1535 27.67 -10.44 19.55
CA ASN B 1535 27.82 -9.09 19.04
C ASN B 1535 26.55 -8.62 18.35
N MET B 1536 25.89 -9.53 17.62
CA MET B 1536 24.63 -9.21 16.98
C MET B 1536 23.54 -8.88 17.98
N VAL B 1537 23.44 -9.64 19.08
CA VAL B 1537 22.39 -9.33 20.05
C VAL B 1537 22.72 -8.03 20.80
N THR B 1538 24.01 -7.73 20.98
CA THR B 1538 24.38 -6.42 21.50
C THR B 1538 24.05 -5.28 20.54
N MET B 1539 24.11 -5.53 19.23
CA MET B 1539 23.58 -4.56 18.27
C MET B 1539 22.08 -4.44 18.41
N MET B 1540 21.41 -5.57 18.67
CA MET B 1540 19.97 -5.58 18.88
C MET B 1540 19.55 -4.72 20.08
N VAL B 1541 20.29 -4.79 21.18
CA VAL B 1541 19.83 -4.18 22.43
C VAL B 1541 19.81 -2.66 22.37
N GLU B 1542 20.46 -2.05 21.39
CA GLU B 1542 20.48 -0.60 21.28
C GLU B 1542 19.06 -0.07 21.05
N THR B 1543 18.67 0.91 21.86
CA THR B 1543 17.36 1.54 21.77
C THR B 1543 17.53 3.04 21.92
N ASP B 1544 16.54 3.79 21.42
CA ASP B 1544 16.56 5.23 21.60
C ASP B 1544 16.22 5.59 23.03
N THR B 1545 16.72 6.74 23.47
CA THR B 1545 16.62 7.20 24.86
C THR B 1545 17.17 6.18 25.85
N GLN B 1546 18.13 5.36 25.42
CA GLN B 1546 18.76 4.43 26.34
C GLN B 1546 19.63 5.19 27.34
N SER B 1547 19.74 4.64 28.54
CA SER B 1547 20.51 5.30 29.59
C SER B 1547 21.97 5.44 29.18
N LYS B 1548 22.58 6.57 29.56
CA LYS B 1548 23.95 6.83 29.16
C LYS B 1548 24.91 5.77 29.69
N GLN B 1549 24.61 5.20 30.87
CA GLN B 1549 25.42 4.10 31.38
C GLN B 1549 25.35 2.88 30.47
N MET B 1550 24.15 2.57 29.96
CA MET B 1550 24.02 1.50 28.99
C MET B 1550 24.76 1.83 27.69
N GLU B 1551 24.74 3.11 27.30
CA GLU B 1551 25.47 3.53 26.12
C GLU B 1551 26.97 3.29 26.29
N ASN B 1552 27.50 3.62 27.47
CA ASN B 1552 28.91 3.39 27.75
C ASN B 1552 29.23 1.89 27.76
N ILE B 1553 28.35 1.09 28.37
CA ILE B 1553 28.56 -0.36 28.38
C ILE B 1553 28.60 -0.90 26.96
N LEU B 1554 27.69 -0.44 26.10
CA LEU B 1554 27.71 -0.85 24.70
C LEU B 1554 28.99 -0.37 24.02
N TYR B 1555 29.44 0.83 24.34
CA TYR B 1555 30.67 1.36 23.75
C TYR B 1555 31.86 0.44 24.05
N TRP B 1556 32.06 0.12 25.33
CA TRP B 1556 33.19 -0.74 25.67
C TRP B 1556 33.01 -2.18 25.19
N ILE B 1557 31.78 -2.71 25.16
CA ILE B 1557 31.63 -4.06 24.66
C ILE B 1557 31.91 -4.11 23.15
N ASN B 1558 31.52 -3.07 22.42
CA ASN B 1558 31.87 -2.98 21.01
C ASN B 1558 33.37 -2.86 20.82
N LEU B 1559 34.03 -2.07 21.67
CA LEU B 1559 35.49 -1.96 21.58
C LEU B 1559 36.16 -3.30 21.81
N VAL B 1560 35.70 -4.06 22.81
CA VAL B 1560 36.27 -5.37 23.09
C VAL B 1560 36.04 -6.30 21.92
N PHE B 1561 34.83 -6.28 21.34
CA PHE B 1561 34.55 -7.14 20.19
C PHE B 1561 35.47 -6.81 19.02
N VAL B 1562 35.63 -5.53 18.72
CA VAL B 1562 36.48 -5.11 17.60
C VAL B 1562 37.93 -5.52 17.85
N ILE B 1563 38.41 -5.29 19.07
CA ILE B 1563 39.79 -5.64 19.39
C ILE B 1563 40.02 -7.14 19.27
N PHE B 1564 39.06 -7.94 19.76
CA PHE B 1564 39.19 -9.39 19.66
C PHE B 1564 39.21 -9.85 18.21
N PHE B 1565 38.34 -9.27 17.37
CA PHE B 1565 38.31 -9.64 15.97
C PHE B 1565 39.61 -9.26 15.27
N THR B 1566 40.16 -8.09 15.60
CA THR B 1566 41.45 -7.70 15.04
C THR B 1566 42.55 -8.64 15.47
N CYS B 1567 42.53 -9.06 16.73
CA CYS B 1567 43.52 -10.00 17.22
C CYS B 1567 43.43 -11.33 16.47
N GLU B 1568 42.20 -11.82 16.25
CA GLU B 1568 42.03 -13.03 15.47
C GLU B 1568 42.56 -12.87 14.04
N CYS B 1569 42.25 -11.74 13.42
CA CYS B 1569 42.70 -11.51 12.04
C CYS B 1569 44.21 -11.47 11.95
N VAL B 1570 44.86 -10.70 12.84
CA VAL B 1570 46.31 -10.60 12.79
C VAL B 1570 46.97 -11.91 13.19
N LEU B 1571 46.35 -12.71 14.06
CA LEU B 1571 46.87 -14.03 14.37
C LEU B 1571 46.86 -14.91 13.14
N LYS B 1572 45.75 -14.92 12.40
CA LYS B 1572 45.71 -15.71 11.16
C LYS B 1572 46.67 -15.16 10.10
N MET B 1573 46.91 -13.84 10.10
CA MET B 1573 47.88 -13.30 9.15
C MET B 1573 49.29 -13.75 9.48
N PHE B 1574 49.68 -13.68 10.75
CA PHE B 1574 50.97 -14.19 11.16
C PHE B 1574 51.07 -15.69 10.90
N ALA B 1575 49.93 -16.39 10.97
CA ALA B 1575 49.90 -17.81 10.62
C ALA B 1575 50.22 -18.02 9.13
N LEU B 1576 49.34 -17.56 8.23
CA LEU B 1576 49.68 -17.63 6.79
C LEU B 1576 48.99 -16.49 6.04
N ARG B 1577 49.68 -15.36 5.94
CA ARG B 1577 49.16 -14.21 5.22
C ARG B 1577 48.92 -14.51 3.74
N HIS B 1578 49.91 -15.10 3.06
CA HIS B 1578 49.85 -15.20 1.60
C HIS B 1578 48.74 -16.14 1.15
N TYR B 1579 48.49 -17.22 1.90
CA TYR B 1579 47.45 -18.18 1.56
C TYR B 1579 46.19 -18.04 2.41
N TYR B 1580 46.06 -16.99 3.21
CA TYR B 1580 44.72 -16.52 3.57
C TYR B 1580 44.30 -15.22 2.89
N PHE B 1581 45.13 -14.67 2.01
CA PHE B 1581 44.55 -13.83 0.95
C PHE B 1581 44.04 -14.63 -0.24
N THR B 1582 43.70 -15.91 -0.07
CA THR B 1582 43.22 -16.70 -1.20
C THR B 1582 41.73 -16.98 -1.17
N ILE B 1583 41.06 -16.77 -0.03
CA ILE B 1583 39.64 -17.09 0.11
C ILE B 1583 38.84 -15.80 0.15
N GLY B 1584 37.74 -15.77 -0.61
CA GLY B 1584 36.92 -14.56 -0.66
C GLY B 1584 36.26 -14.23 0.67
N TRP B 1585 35.86 -15.26 1.43
CA TRP B 1585 35.30 -15.00 2.76
C TRP B 1585 36.35 -14.39 3.68
N ASN B 1586 37.60 -14.82 3.56
CA ASN B 1586 38.67 -14.17 4.32
C ASN B 1586 38.82 -12.71 3.91
N ILE B 1587 38.68 -12.42 2.61
CA ILE B 1587 38.75 -11.04 2.16
C ILE B 1587 37.61 -10.22 2.75
N PHE B 1588 36.41 -10.82 2.83
CA PHE B 1588 35.28 -10.16 3.47
C PHE B 1588 35.58 -9.86 4.94
N ASP B 1589 36.17 -10.83 5.64
CA ASP B 1589 36.58 -10.61 7.03
C ASP B 1589 37.57 -9.46 7.12
N PHE B 1590 38.54 -9.43 6.20
CA PHE B 1590 39.56 -8.38 6.22
C PHE B 1590 38.92 -7.01 6.05
N VAL B 1591 38.05 -6.88 5.06
CA VAL B 1591 37.48 -5.56 4.77
C VAL B 1591 36.56 -5.12 5.90
N VAL B 1592 35.78 -6.03 6.47
CA VAL B 1592 34.88 -5.61 7.54
C VAL B 1592 35.66 -5.22 8.78
N VAL B 1593 36.74 -5.95 9.10
CA VAL B 1593 37.48 -5.61 10.31
C VAL B 1593 38.25 -4.30 10.14
N ILE B 1594 38.87 -4.08 8.97
CA ILE B 1594 39.60 -2.84 8.77
C ILE B 1594 38.65 -1.65 8.71
N LEU B 1595 37.45 -1.86 8.15
CA LEU B 1595 36.49 -0.77 8.08
C LEU B 1595 35.90 -0.48 9.45
N SER B 1596 35.78 -1.50 10.30
CA SER B 1596 35.40 -1.26 11.69
C SER B 1596 36.46 -0.46 12.43
N ILE B 1597 37.75 -0.76 12.15
CA ILE B 1597 38.82 0.05 12.71
C ILE B 1597 38.73 1.49 12.23
N VAL B 1598 38.45 1.69 10.94
CA VAL B 1598 38.27 3.04 10.42
C VAL B 1598 37.11 3.74 11.13
N GLY B 1599 36.02 3.02 11.35
CA GLY B 1599 34.87 3.60 12.02
C GLY B 1599 35.18 4.02 13.44
N MET B 1600 35.88 3.16 14.18
CA MET B 1600 36.20 3.49 15.57
C MET B 1600 37.22 4.63 15.63
N PHE B 1601 38.18 4.67 14.71
CA PHE B 1601 39.11 5.79 14.65
C PHE B 1601 38.39 7.10 14.39
N LEU B 1602 37.44 7.09 13.45
CA LEU B 1602 36.70 8.31 13.15
C LEU B 1602 35.78 8.68 14.31
N ALA B 1603 35.24 7.69 15.03
CA ALA B 1603 34.48 7.99 16.23
C ALA B 1603 35.35 8.68 17.26
N ASP B 1604 36.59 8.24 17.42
CA ASP B 1604 37.49 8.86 18.37
C ASP B 1604 37.91 10.27 17.94
N ILE B 1605 38.12 10.48 16.65
CA ILE B 1605 38.72 11.72 16.16
C ILE B 1605 37.74 12.51 15.28
N ILE B 1606 36.43 12.41 15.56
CA ILE B 1606 35.43 13.19 14.86
C ILE B 1606 35.68 14.69 15.00
N GLU B 1607 36.43 15.08 16.04
CA GLU B 1607 36.72 16.50 16.29
C GLU B 1607 37.74 16.97 15.25
N LYS B 1608 37.25 17.28 14.07
CA LYS B 1608 38.08 17.77 12.97
C LYS B 1608 37.24 18.72 12.13
N TYR B 1609 37.72 19.02 10.92
CA TYR B 1609 37.04 19.94 10.02
C TYR B 1609 35.98 19.27 9.17
N PHE B 1610 35.79 17.96 9.28
CA PHE B 1610 34.86 17.21 8.43
C PHE B 1610 33.89 16.41 9.27
N VAL B 1611 33.29 17.06 10.27
CA VAL B 1611 32.30 16.41 11.11
C VAL B 1611 31.08 16.06 10.26
N SER B 1612 30.72 14.78 10.22
CA SER B 1612 29.61 14.29 9.41
C SER B 1612 28.88 13.19 10.17
N PRO B 1613 27.79 13.51 10.87
CA PRO B 1613 27.05 12.46 11.60
C PRO B 1613 26.46 11.39 10.70
N THR B 1614 26.06 11.73 9.48
CA THR B 1614 25.47 10.74 8.59
C THR B 1614 26.50 9.73 8.12
N LEU B 1615 27.68 10.20 7.71
CA LEU B 1615 28.76 9.28 7.37
C LEU B 1615 29.19 8.47 8.59
N PHE B 1616 29.10 9.07 9.78
CA PHE B 1616 29.35 8.33 11.01
C PHE B 1616 28.35 7.18 11.18
N ARG B 1617 27.08 7.45 10.91
CA ARG B 1617 26.07 6.41 10.98
C ARG B 1617 26.34 5.32 9.96
N VAL B 1618 26.77 5.70 8.76
CA VAL B 1618 27.04 4.71 7.72
C VAL B 1618 28.24 3.84 8.09
N ILE B 1619 29.30 4.45 8.63
CA ILE B 1619 30.46 3.65 9.02
C ILE B 1619 30.16 2.79 10.25
N ARG B 1620 29.18 3.18 11.08
CA ARG B 1620 28.71 2.24 12.10
C ARG B 1620 27.87 1.12 11.51
N LEU B 1621 27.07 1.42 10.48
CA LEU B 1621 26.38 0.37 9.73
C LEU B 1621 27.37 -0.66 9.21
N ALA B 1622 28.53 -0.18 8.76
CA ALA B 1622 29.57 -1.06 8.24
C ALA B 1622 29.95 -2.16 9.22
N ARG B 1623 29.67 -1.99 10.51
CA ARG B 1623 29.87 -3.06 11.47
C ARG B 1623 28.99 -4.26 11.16
N ILE B 1624 27.75 -4.02 10.72
CA ILE B 1624 26.77 -5.08 10.53
C ILE B 1624 27.23 -6.13 9.54
N GLY B 1625 28.17 -5.79 8.66
CA GLY B 1625 28.62 -6.75 7.66
C GLY B 1625 29.22 -8.01 8.25
N ARG B 1626 29.70 -7.95 9.49
CA ARG B 1626 30.40 -9.10 10.06
C ARG B 1626 29.45 -10.26 10.33
N ILE B 1627 28.20 -9.97 10.75
CA ILE B 1627 27.27 -11.05 11.06
C ILE B 1627 26.84 -11.80 9.80
N LEU B 1628 27.16 -11.29 8.61
CA LEU B 1628 26.90 -12.02 7.39
C LEU B 1628 27.79 -13.26 7.25
N ARG B 1629 28.81 -13.42 8.08
CA ARG B 1629 29.62 -14.63 8.06
C ARG B 1629 28.83 -15.85 8.52
N LEU B 1630 27.66 -15.66 9.13
CA LEU B 1630 26.86 -16.80 9.58
C LEU B 1630 26.42 -17.68 8.42
N ILE B 1631 26.30 -17.11 7.22
CA ILE B 1631 25.85 -17.90 6.07
C ILE B 1631 26.92 -18.88 5.63
N LYS B 1632 28.18 -18.65 6.03
CA LYS B 1632 29.25 -19.56 5.64
C LYS B 1632 29.02 -20.96 6.22
N GLY B 1633 28.59 -21.03 7.48
CA GLY B 1633 28.32 -22.30 8.12
C GLY B 1633 27.01 -22.95 7.74
N ALA B 1634 26.21 -22.27 6.92
CA ALA B 1634 24.93 -22.78 6.47
C ALA B 1634 25.04 -23.26 5.03
N LYS B 1635 24.23 -24.28 4.70
CA LYS B 1635 24.25 -24.88 3.37
C LYS B 1635 23.03 -24.52 2.54
N GLY B 1636 21.83 -24.64 3.10
CA GLY B 1636 20.63 -24.30 2.34
C GLY B 1636 20.53 -22.81 2.05
N ILE B 1637 20.88 -21.98 3.03
CA ILE B 1637 20.90 -20.53 2.84
C ILE B 1637 21.96 -20.16 1.80
N ARG B 1638 23.12 -20.81 1.86
CA ARG B 1638 24.15 -20.57 0.86
C ARG B 1638 23.66 -20.95 -0.53
N THR B 1639 22.94 -22.08 -0.64
CA THR B 1639 22.41 -22.49 -1.93
C THR B 1639 21.38 -21.51 -2.45
N LEU B 1640 20.51 -20.99 -1.57
CA LEU B 1640 19.51 -20.02 -2.00
C LEU B 1640 20.17 -18.71 -2.45
N LEU B 1641 21.19 -18.24 -1.72
CA LEU B 1641 21.90 -17.04 -2.14
C LEU B 1641 22.60 -17.28 -3.48
N PHE B 1642 23.16 -18.47 -3.68
CA PHE B 1642 23.74 -18.81 -4.97
C PHE B 1642 22.68 -18.81 -6.06
N ALA B 1643 21.47 -19.27 -5.76
CA ALA B 1643 20.39 -19.23 -6.74
C ALA B 1643 20.04 -17.78 -7.11
N LEU B 1644 19.98 -16.90 -6.11
CA LEU B 1644 19.72 -15.48 -6.40
C LEU B 1644 20.81 -14.89 -7.28
N MET B 1645 22.08 -15.15 -6.94
CA MET B 1645 23.18 -14.66 -7.77
C MET B 1645 23.12 -15.25 -9.17
N MET B 1646 22.65 -16.49 -9.27
CA MET B 1646 22.61 -17.21 -10.54
C MET B 1646 21.53 -16.65 -11.45
N SER B 1647 20.39 -16.25 -10.87
CA SER B 1647 19.28 -15.66 -11.59
C SER B 1647 19.35 -14.14 -11.70
N LEU B 1648 20.40 -13.53 -11.13
CA LEU B 1648 20.55 -12.08 -11.20
C LEU B 1648 20.47 -11.48 -12.60
N PRO B 1649 21.13 -12.01 -13.63
CA PRO B 1649 21.14 -11.28 -14.92
C PRO B 1649 19.77 -11.03 -15.53
N ALA B 1650 18.84 -11.98 -15.41
CA ALA B 1650 17.49 -11.75 -15.91
C ALA B 1650 16.81 -10.64 -15.13
N LEU B 1651 16.99 -10.64 -13.80
CA LEU B 1651 16.51 -9.54 -12.99
C LEU B 1651 17.10 -8.22 -13.44
N PHE B 1652 18.38 -8.22 -13.83
CA PHE B 1652 19.03 -6.99 -14.26
C PHE B 1652 18.41 -6.46 -15.55
N ASN B 1653 18.20 -7.34 -16.54
CA ASN B 1653 17.60 -6.90 -17.80
C ASN B 1653 16.18 -6.39 -17.58
N ILE B 1654 15.37 -7.14 -16.82
CA ILE B 1654 14.00 -6.71 -16.59
C ILE B 1654 13.99 -5.42 -15.78
N GLY B 1655 14.95 -5.25 -14.86
CA GLY B 1655 15.03 -4.02 -14.10
C GLY B 1655 15.39 -2.83 -14.96
N LEU B 1656 16.28 -3.00 -15.94
CA LEU B 1656 16.54 -1.92 -16.88
C LEU B 1656 15.29 -1.56 -17.67
N LEU B 1657 14.54 -2.56 -18.14
CA LEU B 1657 13.31 -2.24 -18.86
C LEU B 1657 12.32 -1.50 -17.96
N LEU B 1658 12.18 -1.96 -16.72
CA LEU B 1658 11.26 -1.31 -15.78
C LEU B 1658 11.72 0.10 -15.46
N PHE B 1659 13.03 0.30 -15.31
CA PHE B 1659 13.55 1.63 -15.02
C PHE B 1659 13.33 2.58 -16.17
N LEU B 1660 13.47 2.10 -17.41
CA LEU B 1660 13.20 2.94 -18.56
C LEU B 1660 11.71 3.30 -18.65
N VAL B 1661 10.84 2.34 -18.34
CA VAL B 1661 9.41 2.64 -18.29
C VAL B 1661 9.12 3.68 -17.21
N MET B 1662 9.74 3.52 -16.05
CA MET B 1662 9.63 4.52 -14.98
C MET B 1662 10.10 5.88 -15.46
N PHE B 1663 11.18 5.91 -16.25
CA PHE B 1663 11.69 7.18 -16.75
C PHE B 1663 10.69 7.87 -17.66
N ILE B 1664 10.11 7.12 -18.60
CA ILE B 1664 9.14 7.71 -19.53
C ILE B 1664 7.92 8.22 -18.76
N PHE B 1665 7.39 7.38 -17.87
CA PHE B 1665 6.21 7.80 -17.12
C PHE B 1665 6.52 8.95 -16.18
N SER B 1666 7.76 9.03 -15.69
CA SER B 1666 8.15 10.17 -14.85
C SER B 1666 8.18 11.46 -15.64
N ILE B 1667 8.72 11.43 -16.86
CA ILE B 1667 8.69 12.62 -17.70
C ILE B 1667 7.25 13.02 -18.02
N PHE B 1668 6.39 12.03 -18.27
CA PHE B 1668 4.98 12.33 -18.46
C PHE B 1668 4.38 12.98 -17.23
N GLY B 1669 4.75 12.51 -16.03
CA GLY B 1669 4.27 13.15 -14.81
C GLY B 1669 4.74 14.59 -14.71
N MET B 1670 6.00 14.84 -15.05
CA MET B 1670 6.50 16.22 -15.11
C MET B 1670 5.62 17.08 -15.99
N SER B 1671 5.36 16.60 -17.22
CA SER B 1671 4.69 17.44 -18.20
C SER B 1671 3.22 17.66 -17.85
N ASN B 1672 2.55 16.64 -17.31
CA ASN B 1672 1.10 16.74 -17.11
C ASN B 1672 0.71 17.07 -15.68
N PHE B 1673 1.18 16.28 -14.72
CA PHE B 1673 0.63 16.31 -13.36
C PHE B 1673 1.44 17.18 -12.40
N ALA B 1674 2.35 18.00 -12.91
CA ALA B 1674 2.87 19.09 -12.10
C ALA B 1674 1.77 20.14 -11.92
N TYR B 1675 1.92 20.94 -10.87
CA TYR B 1675 0.95 22.00 -10.54
C TYR B 1675 -0.44 21.44 -10.26
N VAL B 1676 -0.53 20.28 -9.64
CA VAL B 1676 -1.82 19.74 -9.21
C VAL B 1676 -2.02 20.06 -7.74
N LYS B 1677 -3.28 20.10 -7.31
CA LYS B 1677 -3.59 20.40 -5.92
C LYS B 1677 -3.03 19.32 -5.01
N HIS B 1678 -2.49 19.74 -3.87
CA HIS B 1678 -1.92 18.82 -2.89
C HIS B 1678 -3.05 18.40 -1.96
N GLU B 1679 -3.69 17.28 -2.27
CA GLU B 1679 -4.90 16.87 -1.57
C GLU B 1679 -4.70 15.61 -0.74
N ALA B 1680 -4.30 14.49 -1.36
CA ALA B 1680 -4.17 13.23 -0.63
C ALA B 1680 -3.27 12.32 -1.43
N GLY B 1681 -2.10 12.00 -0.88
CA GLY B 1681 -1.11 11.21 -1.58
C GLY B 1681 -0.13 12.02 -2.41
N ILE B 1682 -0.46 13.27 -2.71
CA ILE B 1682 0.45 14.22 -3.32
C ILE B 1682 0.61 15.35 -2.32
N ASP B 1683 1.81 15.49 -1.76
CA ASP B 1683 2.10 16.42 -0.68
C ASP B 1683 3.14 17.43 -1.15
N ASP B 1684 3.62 18.24 -0.20
CA ASP B 1684 4.80 19.05 -0.46
C ASP B 1684 5.99 18.18 -0.85
N MET B 1685 6.00 16.95 -0.37
CA MET B 1685 6.96 15.93 -0.78
C MET B 1685 6.19 14.83 -1.50
N PHE B 1686 6.95 13.99 -2.23
CA PHE B 1686 6.37 12.86 -2.96
C PHE B 1686 5.32 13.34 -3.97
N ASN B 1687 5.73 14.25 -4.85
CA ASN B 1687 4.84 14.77 -5.87
C ASN B 1687 5.47 14.62 -7.26
N PHE B 1688 4.85 15.24 -8.27
CA PHE B 1688 5.31 15.14 -9.64
C PHE B 1688 5.99 16.42 -10.10
N GLU B 1689 6.51 17.22 -9.17
CA GLU B 1689 7.10 18.51 -9.49
C GLU B 1689 8.59 18.45 -9.78
N THR B 1690 9.25 17.31 -9.57
CA THR B 1690 10.69 17.25 -9.73
C THR B 1690 11.06 15.81 -10.09
N PHE B 1691 12.23 15.67 -10.72
CA PHE B 1691 12.68 14.37 -11.20
C PHE B 1691 12.78 13.36 -10.06
N GLY B 1692 13.46 13.75 -8.97
CA GLY B 1692 13.56 12.86 -7.83
C GLY B 1692 12.20 12.51 -7.26
N ASN B 1693 11.37 13.53 -7.03
CA ASN B 1693 10.03 13.29 -6.52
C ASN B 1693 9.20 12.47 -7.49
N SER B 1694 9.40 12.70 -8.79
CA SER B 1694 8.60 11.98 -9.78
C SER B 1694 8.93 10.49 -9.76
N MET B 1695 10.21 10.12 -9.71
CA MET B 1695 10.48 8.68 -9.59
C MET B 1695 10.20 8.15 -8.19
N ILE B 1696 10.17 9.01 -7.16
CA ILE B 1696 9.66 8.55 -5.87
C ILE B 1696 8.22 8.05 -6.04
N CYS B 1697 7.38 8.87 -6.65
CA CYS B 1697 6.00 8.48 -6.87
C CYS B 1697 5.91 7.25 -7.78
N LEU B 1698 6.71 7.22 -8.84
CA LEU B 1698 6.64 6.11 -9.79
C LEU B 1698 7.06 4.80 -9.14
N PHE B 1699 8.10 4.83 -8.29
CA PHE B 1699 8.50 3.60 -7.61
C PHE B 1699 7.48 3.20 -6.57
N GLN B 1700 6.82 4.16 -5.92
CA GLN B 1700 5.73 3.81 -5.02
C GLN B 1700 4.60 3.12 -5.78
N ILE B 1701 4.29 3.60 -6.98
CA ILE B 1701 3.22 3.00 -7.79
C ILE B 1701 3.65 1.67 -8.40
N THR B 1702 4.96 1.43 -8.55
CA THR B 1702 5.42 0.22 -9.21
C THR B 1702 4.92 -1.03 -8.49
N THR B 1703 4.97 -1.04 -7.17
CA THR B 1703 4.40 -2.12 -6.37
C THR B 1703 2.90 -1.95 -6.14
N SER B 1704 2.25 -1.12 -6.95
CA SER B 1704 0.80 -0.84 -6.88
C SER B 1704 0.38 -0.25 -5.55
N ALA B 1705 1.33 0.18 -4.72
CA ALA B 1705 0.99 0.66 -3.38
C ALA B 1705 0.54 2.11 -3.43
N GLY B 1706 -0.67 2.36 -2.94
CA GLY B 1706 -1.16 3.72 -2.81
C GLY B 1706 -1.32 4.46 -4.12
N TRP B 1707 -1.62 3.76 -5.22
CA TRP B 1707 -1.86 4.45 -6.47
C TRP B 1707 -3.22 5.13 -6.48
N ASP B 1708 -4.11 4.72 -5.58
CA ASP B 1708 -5.37 5.44 -5.38
C ASP B 1708 -5.10 6.88 -4.97
N GLY B 1709 -4.21 7.08 -4.00
CA GLY B 1709 -3.92 8.43 -3.53
C GLY B 1709 -3.27 9.28 -4.60
N LEU B 1710 -2.34 8.69 -5.35
CA LEU B 1710 -1.72 9.42 -6.43
C LEU B 1710 -2.73 9.81 -7.50
N LEU B 1711 -3.66 8.91 -7.83
CA LEU B 1711 -4.61 9.18 -8.89
C LEU B 1711 -5.70 10.15 -8.46
N LEU B 1712 -6.04 10.18 -7.17
CA LEU B 1712 -7.21 10.95 -6.73
C LEU B 1712 -7.14 12.44 -7.04
N PRO B 1713 -6.06 13.18 -6.76
CA PRO B 1713 -6.11 14.63 -6.97
C PRO B 1713 -6.18 15.05 -8.42
N ILE B 1714 -5.87 14.16 -9.37
CA ILE B 1714 -6.07 14.49 -10.77
C ILE B 1714 -7.55 14.51 -11.10
N LEU B 1715 -8.31 13.55 -10.55
CA LEU B 1715 -9.70 13.36 -10.94
C LEU B 1715 -10.64 14.47 -10.48
N ASN B 1716 -10.13 15.54 -9.88
CA ASN B 1716 -11.01 16.61 -9.44
C ASN B 1716 -11.35 17.56 -10.59
N ARG B 1717 -12.27 18.46 -10.33
CA ARG B 1717 -12.86 19.35 -11.33
C ARG B 1717 -12.83 20.78 -10.82
N PRO B 1718 -12.96 21.79 -11.68
CA PRO B 1718 -12.75 23.19 -11.24
C PRO B 1718 -13.72 23.65 -10.16
N PRO B 1719 -14.85 22.97 -9.91
CA PRO B 1719 -15.50 23.19 -8.60
C PRO B 1719 -14.60 22.85 -7.43
N ASP B 1720 -13.70 21.88 -7.57
CA ASP B 1720 -12.77 21.50 -6.51
C ASP B 1720 -11.37 22.06 -6.76
N CYS B 1721 -11.24 22.98 -7.71
CA CYS B 1721 -9.95 23.56 -8.06
C CYS B 1721 -10.16 25.04 -8.36
N SER B 1722 -9.15 25.65 -8.98
CA SER B 1722 -9.28 27.00 -9.53
C SER B 1722 -8.56 26.96 -10.87
N LEU B 1723 -9.32 27.11 -11.96
CA LEU B 1723 -8.74 26.97 -13.29
C LEU B 1723 -7.72 28.05 -13.61
N ASP B 1724 -7.68 29.12 -12.81
CA ASP B 1724 -6.71 30.20 -12.97
C ASP B 1724 -6.03 30.43 -11.62
N LYS B 1725 -4.97 29.67 -11.36
CA LYS B 1725 -4.16 29.84 -10.16
C LYS B 1725 -2.92 30.66 -10.50
N GLU B 1726 -2.45 31.43 -9.51
CA GLU B 1726 -1.36 32.36 -9.76
C GLU B 1726 -0.06 31.61 -10.02
N HIS B 1727 0.28 30.65 -9.15
CA HIS B 1727 1.49 29.84 -9.27
C HIS B 1727 2.72 30.72 -9.41
N PRO B 1728 3.20 31.33 -8.33
CA PRO B 1728 4.27 32.33 -8.44
C PRO B 1728 5.54 31.74 -9.01
N GLY B 1729 6.29 32.58 -9.72
CA GLY B 1729 7.51 32.14 -10.35
C GLY B 1729 7.35 31.38 -11.64
N SER B 1730 6.14 31.35 -12.20
CA SER B 1730 5.88 30.61 -13.43
C SER B 1730 4.68 31.20 -14.13
N GLY B 1731 4.70 31.20 -15.46
CA GLY B 1731 3.54 31.61 -16.22
C GLY B 1731 2.47 30.55 -16.33
N PHE B 1732 2.75 29.33 -15.88
CA PHE B 1732 1.78 28.25 -15.93
C PHE B 1732 0.61 28.56 -14.98
N LYS B 1733 -0.60 28.27 -15.46
CA LYS B 1733 -1.81 28.52 -14.69
C LYS B 1733 -2.63 27.24 -14.59
N GLY B 1734 -3.63 27.26 -13.72
CA GLY B 1734 -4.42 26.08 -13.46
C GLY B 1734 -3.92 25.34 -12.24
N ASP B 1735 -4.83 24.71 -11.50
CA ASP B 1735 -4.49 24.08 -10.23
C ASP B 1735 -4.58 22.55 -10.27
N CYS B 1736 -5.20 21.98 -11.29
CA CYS B 1736 -5.27 20.53 -11.40
C CYS B 1736 -5.37 20.12 -12.86
N GLY B 1737 -4.99 18.88 -13.14
CA GLY B 1737 -4.85 18.40 -14.51
C GLY B 1737 -6.11 17.79 -15.07
N ASN B 1738 -5.95 17.11 -16.21
CA ASN B 1738 -7.07 16.53 -16.94
C ASN B 1738 -7.39 15.16 -16.39
N PRO B 1739 -8.62 14.89 -15.94
CA PRO B 1739 -8.94 13.54 -15.43
C PRO B 1739 -8.73 12.44 -16.46
N SER B 1740 -9.07 12.69 -17.73
CA SER B 1740 -9.02 11.64 -18.74
C SER B 1740 -7.59 11.13 -18.95
N VAL B 1741 -6.61 12.03 -19.01
CA VAL B 1741 -5.22 11.61 -19.13
C VAL B 1741 -4.67 11.08 -17.81
N GLY B 1742 -5.24 11.49 -16.67
CA GLY B 1742 -4.79 10.97 -15.40
C GLY B 1742 -5.10 9.49 -15.25
N ILE B 1743 -6.30 9.09 -15.65
CA ILE B 1743 -6.67 7.68 -15.58
C ILE B 1743 -5.82 6.86 -16.53
N PHE B 1744 -5.61 7.36 -17.76
CA PHE B 1744 -4.82 6.63 -18.72
C PHE B 1744 -3.36 6.52 -18.29
N PHE B 1745 -2.87 7.49 -17.52
CA PHE B 1745 -1.49 7.43 -17.04
C PHE B 1745 -1.30 6.33 -16.01
N PHE B 1746 -2.20 6.27 -15.02
CA PHE B 1746 -2.02 5.37 -13.89
C PHE B 1746 -2.49 3.95 -14.18
N VAL B 1747 -3.59 3.80 -14.92
CA VAL B 1747 -4.06 2.47 -15.29
C VAL B 1747 -3.05 1.79 -16.19
N SER B 1748 -2.52 2.52 -17.19
CA SER B 1748 -1.56 1.91 -18.10
C SER B 1748 -0.25 1.59 -17.41
N TYR B 1749 0.18 2.42 -16.46
CA TYR B 1749 1.40 2.09 -15.73
C TYR B 1749 1.22 0.86 -14.85
N ILE B 1750 0.06 0.74 -14.20
CA ILE B 1750 -0.19 -0.43 -13.35
C ILE B 1750 -0.16 -1.71 -14.19
N ILE B 1751 -0.82 -1.68 -15.34
CA ILE B 1751 -0.84 -2.86 -16.21
C ILE B 1751 0.57 -3.16 -16.72
N ILE B 1752 1.30 -2.12 -17.16
CA ILE B 1752 2.66 -2.34 -17.64
C ILE B 1752 3.56 -2.81 -16.52
N SER B 1753 3.46 -2.18 -15.35
CA SER B 1753 4.25 -2.62 -14.20
C SER B 1753 3.88 -4.03 -13.78
N PHE B 1754 2.58 -4.33 -13.77
CA PHE B 1754 2.14 -5.68 -13.38
C PHE B 1754 2.69 -6.73 -14.33
N LEU B 1755 2.66 -6.46 -15.64
CA LEU B 1755 3.19 -7.42 -16.59
C LEU B 1755 4.69 -7.60 -16.43
N ILE B 1756 5.41 -6.54 -16.08
CA ILE B 1756 6.86 -6.62 -15.97
C ILE B 1756 7.27 -7.35 -14.70
N VAL B 1757 6.66 -7.00 -13.56
CA VAL B 1757 7.06 -7.60 -12.29
C VAL B 1757 6.75 -9.09 -12.27
N VAL B 1758 5.76 -9.53 -13.03
CA VAL B 1758 5.49 -10.96 -13.13
C VAL B 1758 6.68 -11.67 -13.75
N ASN B 1759 7.29 -11.08 -14.79
CA ASN B 1759 8.48 -11.67 -15.38
C ASN B 1759 9.60 -11.76 -14.34
N MET B 1760 9.72 -10.76 -13.46
CA MET B 1760 10.65 -10.88 -12.34
C MET B 1760 10.26 -12.06 -11.45
N TYR B 1761 8.96 -12.20 -11.17
CA TYR B 1761 8.50 -13.33 -10.36
C TYR B 1761 8.77 -14.65 -11.08
N ILE B 1762 8.50 -14.70 -12.40
CA ILE B 1762 8.76 -15.91 -13.16
C ILE B 1762 10.25 -16.19 -13.23
N ALA B 1763 11.07 -15.16 -13.43
CA ALA B 1763 12.51 -15.36 -13.49
C ALA B 1763 13.08 -15.90 -12.19
N ILE B 1764 12.48 -15.53 -11.06
CA ILE B 1764 12.94 -16.03 -9.77
C ILE B 1764 12.38 -17.42 -9.50
N ILE B 1765 11.07 -17.60 -9.69
CA ILE B 1765 10.43 -18.86 -9.32
C ILE B 1765 10.90 -20.00 -10.22
N LEU B 1766 10.88 -19.78 -11.54
CA LEU B 1766 11.18 -20.87 -12.47
C LEU B 1766 12.66 -21.25 -12.42
N GLU B 1767 13.53 -20.28 -12.16
CA GLU B 1767 14.95 -20.59 -12.00
C GLU B 1767 15.17 -21.49 -10.79
N ASN B 1768 14.44 -21.23 -9.69
CA ASN B 1768 14.59 -22.04 -8.50
C ASN B 1768 14.14 -23.47 -8.73
N PHE B 1769 13.09 -23.67 -9.53
CA PHE B 1769 12.64 -25.03 -9.82
C PHE B 1769 13.71 -25.82 -10.55
N SER B 1770 14.41 -25.18 -11.49
CA SER B 1770 15.50 -25.85 -12.20
C SER B 1770 16.67 -26.19 -11.28
N VAL B 1771 16.88 -25.44 -10.21
CA VAL B 1771 17.94 -25.77 -9.26
C VAL B 1771 17.62 -27.07 -8.54
N ALA B 1772 16.37 -27.24 -8.09
CA ALA B 1772 15.96 -28.44 -7.39
C ALA B 1772 14.65 -28.99 -7.96
N SER C 29 -24.67 0.09 33.38
CA SER C 29 -23.61 0.99 33.82
C SER C 29 -22.25 0.52 33.33
N MET C 30 -21.21 0.88 34.06
CA MET C 30 -19.86 0.45 33.74
C MET C 30 -19.42 -0.70 34.64
N GLU C 31 -18.28 -1.31 34.28
CA GLU C 31 -17.78 -2.47 35.00
C GLU C 31 -17.32 -2.10 36.40
N VAL C 32 -18.13 -2.41 37.40
CA VAL C 32 -17.83 -2.14 38.80
C VAL C 32 -18.03 -3.42 39.61
N THR C 33 -17.02 -3.77 40.41
CA THR C 33 -17.09 -4.91 41.30
C THR C 33 -17.07 -4.43 42.74
N VAL C 34 -18.03 -4.89 43.54
CA VAL C 34 -18.15 -4.49 44.94
C VAL C 34 -18.45 -5.71 45.79
N PRO C 35 -18.08 -5.67 47.07
CA PRO C 35 -18.48 -6.75 47.99
C PRO C 35 -19.99 -6.87 48.09
N ALA C 36 -20.52 -8.04 47.75
CA ALA C 36 -21.96 -8.21 47.69
C ALA C 36 -22.61 -8.02 49.06
N THR C 37 -22.00 -8.58 50.11
CA THR C 37 -22.52 -8.45 51.47
C THR C 37 -21.36 -8.47 52.44
N LEU C 38 -21.33 -7.51 53.36
CA LEU C 38 -20.30 -7.43 54.38
C LEU C 38 -20.94 -7.12 55.72
N ASN C 39 -20.41 -7.75 56.77
CA ASN C 39 -20.88 -7.55 58.13
C ASN C 39 -19.81 -6.85 58.94
N VAL C 40 -20.23 -5.87 59.75
CA VAL C 40 -19.31 -5.04 60.53
C VAL C 40 -19.66 -5.21 62.00
N LEU C 41 -18.63 -5.32 62.84
CA LEU C 41 -18.82 -5.43 64.27
C LEU C 41 -19.30 -4.10 64.86
N ASN C 42 -19.76 -4.16 66.10
CA ASN C 42 -20.29 -2.98 66.78
C ASN C 42 -19.18 -1.96 67.02
N GLY C 43 -19.20 -0.87 66.27
CA GLY C 43 -18.22 0.19 66.43
C GLY C 43 -16.86 -0.10 65.82
N SER C 44 -16.73 -1.17 65.05
CA SER C 44 -15.44 -1.53 64.45
C SER C 44 -15.26 -0.83 63.10
N ASP C 45 -14.05 -0.94 62.57
CA ASP C 45 -13.73 -0.30 61.30
C ASP C 45 -14.46 -0.99 60.16
N ALA C 46 -14.95 -0.20 59.21
CA ALA C 46 -15.65 -0.69 58.03
C ALA C 46 -14.99 -0.11 56.79
N ARG C 47 -14.79 -0.95 55.78
CA ARG C 47 -14.14 -0.55 54.53
C ARG C 47 -14.93 -1.13 53.37
N LEU C 48 -15.60 -0.28 52.60
CA LEU C 48 -16.42 -0.70 51.47
C LEU C 48 -15.83 -0.15 50.17
N PRO C 49 -15.14 -0.97 49.37
CA PRO C 49 -14.50 -0.46 48.17
C PRO C 49 -15.44 -0.45 46.96
N CYS C 50 -15.08 0.39 45.99
CA CYS C 50 -15.74 0.46 44.67
C CYS C 50 -14.65 0.48 43.61
N THR C 51 -14.28 -0.70 43.12
CA THR C 51 -13.33 -0.80 42.02
C THR C 51 -14.06 -0.64 40.71
N PHE C 52 -13.29 -0.40 39.65
CA PHE C 52 -13.86 -0.09 38.34
C PHE C 52 -12.81 -0.40 37.28
N ASN C 53 -13.19 -1.20 36.28
CA ASN C 53 -12.28 -1.61 35.23
C ASN C 53 -12.75 -1.07 33.90
N SER C 54 -11.88 -0.29 33.24
CA SER C 54 -12.13 0.25 31.91
C SER C 54 -10.79 0.70 31.36
N CYS C 55 -10.80 1.31 30.17
CA CYS C 55 -9.59 1.93 29.65
C CYS C 55 -9.32 3.23 30.41
N TYR C 56 -8.23 3.89 30.02
CA TYR C 56 -7.95 5.28 30.38
C TYR C 56 -7.85 5.44 31.91
N THR C 57 -6.76 4.87 32.44
CA THR C 57 -6.51 4.92 33.88
C THR C 57 -6.73 6.33 34.44
N VAL C 58 -7.25 6.37 35.66
CA VAL C 58 -7.84 7.60 36.20
C VAL C 58 -6.77 8.65 36.45
N ASN C 59 -7.01 9.86 35.94
CA ASN C 59 -6.17 11.01 36.21
C ASN C 59 -6.73 11.78 37.40
N HIS C 60 -6.24 13.01 37.62
CA HIS C 60 -6.60 13.78 38.82
C HIS C 60 -7.60 14.89 38.52
N LYS C 61 -7.30 15.75 37.55
CA LYS C 61 -8.07 16.98 37.39
C LYS C 61 -9.39 16.75 36.65
N GLN C 62 -9.31 16.28 35.41
CA GLN C 62 -10.50 16.20 34.58
C GLN C 62 -11.48 15.14 35.07
N PHE C 63 -10.99 14.11 35.76
CA PHE C 63 -11.84 13.02 36.19
C PHE C 63 -12.88 13.52 37.19
N SER C 64 -14.09 12.94 37.09
CA SER C 64 -15.20 13.30 37.96
C SER C 64 -15.75 12.03 38.61
N LEU C 65 -15.80 12.04 39.95
CA LEU C 65 -16.34 10.91 40.69
C LEU C 65 -17.25 11.42 41.79
N ASN C 66 -18.23 10.60 42.15
CA ASN C 66 -19.22 10.97 43.16
C ASN C 66 -19.45 9.79 44.11
N TRP C 67 -19.93 10.11 45.31
CA TRP C 67 -20.25 9.11 46.31
C TRP C 67 -21.50 9.55 47.06
N THR C 68 -22.55 8.74 47.00
CA THR C 68 -23.81 9.04 47.67
C THR C 68 -24.20 7.89 48.59
N TYR C 69 -24.85 8.24 49.69
CA TYR C 69 -25.31 7.26 50.67
C TYR C 69 -26.79 7.49 50.96
N GLN C 70 -27.52 6.39 51.14
CA GLN C 70 -28.94 6.42 51.45
C GLN C 70 -29.17 5.76 52.79
N GLU C 71 -29.93 6.42 53.67
CA GLU C 71 -30.20 5.86 54.99
C GLU C 71 -31.18 4.69 54.96
N CYS C 72 -31.87 4.46 53.84
CA CYS C 72 -32.67 3.26 53.66
C CYS C 72 -32.88 3.05 52.17
N ASN C 73 -33.67 2.03 51.83
CA ASN C 73 -33.93 1.73 50.43
C ASN C 73 -34.79 2.81 49.77
N ASN C 74 -35.83 3.27 50.45
CA ASN C 74 -36.78 4.23 49.87
C ASN C 74 -36.76 5.58 50.57
N CYS C 75 -35.65 5.93 51.24
CA CYS C 75 -35.51 7.24 51.84
C CYS C 75 -34.95 8.22 50.80
N SER C 76 -34.58 9.41 51.25
CA SER C 76 -33.96 10.39 50.37
C SER C 76 -32.46 10.09 50.21
N GLU C 77 -31.90 10.59 49.12
CA GLU C 77 -30.49 10.40 48.83
C GLU C 77 -29.71 11.64 49.24
N GLU C 78 -28.59 11.43 49.94
CA GLU C 78 -27.76 12.52 50.43
C GLU C 78 -26.32 12.26 50.00
N MET C 79 -25.81 13.09 49.08
CA MET C 79 -24.43 12.95 48.65
C MET C 79 -23.48 13.39 49.75
N PHE C 80 -22.45 12.58 50.00
CA PHE C 80 -21.51 12.83 51.10
C PHE C 80 -20.08 13.03 50.64
N LEU C 81 -19.71 12.60 49.44
CA LEU C 81 -18.34 12.76 48.96
C LEU C 81 -18.36 13.01 47.46
N GLN C 82 -17.46 13.90 47.02
CA GLN C 82 -17.33 14.24 45.62
C GLN C 82 -15.87 14.57 45.34
N PHE C 83 -15.51 14.51 44.05
CA PHE C 83 -14.16 14.89 43.61
C PHE C 83 -14.29 15.57 42.25
N ARG C 84 -14.34 16.90 42.26
CA ARG C 84 -14.38 17.72 41.05
C ARG C 84 -13.08 18.52 41.04
N MET C 85 -12.08 17.99 40.35
CA MET C 85 -10.72 18.54 40.27
C MET C 85 -10.04 18.55 41.64
N LYS C 86 -10.73 18.05 42.67
CA LYS C 86 -10.17 17.91 44.01
C LYS C 86 -11.19 17.16 44.86
N ILE C 87 -10.68 16.44 45.86
CA ILE C 87 -11.53 15.67 46.76
C ILE C 87 -12.37 16.64 47.59
N ILE C 88 -13.69 16.45 47.57
CA ILE C 88 -14.63 17.32 48.26
C ILE C 88 -15.47 16.45 49.17
N ASN C 89 -15.27 16.59 50.48
CA ASN C 89 -16.10 15.92 51.47
C ASN C 89 -17.19 16.89 51.92
N LEU C 90 -18.44 16.56 51.61
CA LEU C 90 -19.55 17.45 51.93
C LEU C 90 -19.80 17.58 53.42
N LYS C 91 -19.28 16.65 54.24
CA LYS C 91 -19.37 16.74 55.70
C LYS C 91 -20.82 16.79 56.18
N LEU C 92 -21.58 15.76 55.83
CA LEU C 92 -22.96 15.67 56.27
C LEU C 92 -23.02 15.40 57.78
N GLU C 93 -24.19 15.66 58.36
CA GLU C 93 -24.39 15.37 59.78
C GLU C 93 -24.29 13.88 60.07
N ARG C 94 -24.59 13.03 59.10
CA ARG C 94 -24.42 11.59 59.28
C ARG C 94 -22.96 11.19 59.21
N PHE C 95 -22.14 11.95 58.48
CA PHE C 95 -20.74 11.62 58.21
C PHE C 95 -19.86 12.83 58.51
N GLN C 96 -20.03 13.40 59.70
CA GLN C 96 -19.31 14.63 60.07
C GLN C 96 -17.81 14.44 59.95
N ASP C 97 -17.24 13.53 60.76
CA ASP C 97 -15.80 13.28 60.76
C ASP C 97 -15.51 11.79 60.83
N ARG C 98 -16.24 10.98 60.07
CA ARG C 98 -16.06 9.53 60.08
C ARG C 98 -15.68 8.96 58.72
N VAL C 99 -16.29 9.45 57.64
CA VAL C 99 -15.95 8.96 56.31
C VAL C 99 -14.64 9.59 55.84
N GLU C 100 -13.70 8.74 55.42
CA GLU C 100 -12.42 9.20 54.90
C GLU C 100 -12.05 8.36 53.69
N PHE C 101 -11.24 8.95 52.82
CA PHE C 101 -10.78 8.30 51.59
C PHE C 101 -9.28 8.11 51.67
N SER C 102 -8.83 6.86 51.62
CA SER C 102 -7.42 6.51 51.66
C SER C 102 -7.10 5.46 50.60
N GLY C 103 -7.82 5.51 49.48
CA GLY C 103 -7.65 4.56 48.40
C GLY C 103 -6.73 5.07 47.31
N ASN C 104 -6.97 4.59 46.10
CA ASN C 104 -6.16 4.96 44.95
C ASN C 104 -7.00 4.90 43.67
N PRO C 105 -7.48 6.03 43.17
CA PRO C 105 -8.22 6.01 41.90
C PRO C 105 -7.42 5.44 40.75
N SER C 106 -6.09 5.66 40.75
CA SER C 106 -5.25 5.05 39.72
C SER C 106 -5.29 3.53 39.82
N LYS C 107 -5.28 2.99 41.05
CA LYS C 107 -5.41 1.56 41.29
C LYS C 107 -6.87 1.12 41.39
N TYR C 108 -7.80 1.90 40.83
CA TYR C 108 -9.21 1.57 40.77
C TYR C 108 -9.81 1.44 42.18
N ASP C 109 -9.57 2.47 43.02
CA ASP C 109 -10.06 2.49 44.38
C ASP C 109 -10.61 3.87 44.69
N VAL C 110 -11.94 3.96 44.81
CA VAL C 110 -12.60 5.18 45.27
C VAL C 110 -13.32 4.85 46.57
N SER C 111 -12.75 3.93 47.35
CA SER C 111 -13.40 3.39 48.52
C SER C 111 -13.67 4.47 49.56
N VAL C 112 -14.74 4.26 50.34
CA VAL C 112 -15.08 5.10 51.48
C VAL C 112 -15.02 4.24 52.73
N MET C 113 -14.37 4.78 53.78
CA MET C 113 -14.16 4.06 55.02
C MET C 113 -14.95 4.73 56.13
N LEU C 114 -15.72 3.93 56.88
CA LEU C 114 -16.57 4.42 57.95
C LEU C 114 -16.16 3.75 59.26
N ARG C 115 -15.51 4.50 60.14
CA ARG C 115 -15.13 4.01 61.45
C ARG C 115 -16.21 4.31 62.47
N ASN C 116 -16.34 3.43 63.46
CA ASN C 116 -17.35 3.54 64.51
C ASN C 116 -18.75 3.66 63.90
N VAL C 117 -19.14 2.61 63.18
CA VAL C 117 -20.41 2.62 62.47
C VAL C 117 -21.57 2.66 63.46
N GLN C 118 -22.66 3.29 63.04
CA GLN C 118 -23.89 3.41 63.82
C GLN C 118 -25.00 2.57 63.20
N PRO C 119 -25.97 2.12 64.00
CA PRO C 119 -27.10 1.40 63.42
C PRO C 119 -27.87 2.20 62.38
N GLU C 120 -27.89 3.53 62.50
CA GLU C 120 -28.57 4.37 61.52
C GLU C 120 -27.83 4.42 60.20
N ASP C 121 -26.59 3.94 60.14
CA ASP C 121 -25.82 3.91 58.90
C ASP C 121 -26.22 2.78 57.98
N GLU C 122 -27.12 1.89 58.41
CA GLU C 122 -27.62 0.82 57.56
C GLU C 122 -28.34 1.38 56.36
N GLY C 123 -27.83 1.10 55.15
CA GLY C 123 -28.44 1.62 53.95
C GLY C 123 -27.73 1.23 52.68
N ILE C 124 -27.62 2.18 51.74
CA ILE C 124 -27.05 1.94 50.42
C ILE C 124 -25.89 2.89 50.21
N TYR C 125 -24.77 2.35 49.72
CA TYR C 125 -23.65 3.15 49.24
C TYR C 125 -23.59 3.08 47.72
N ASN C 126 -23.41 4.23 47.09
CA ASN C 126 -23.41 4.33 45.64
C ASN C 126 -22.19 5.11 45.19
N CYS C 127 -21.44 4.56 44.25
CA CYS C 127 -20.25 5.19 43.70
C CYS C 127 -20.48 5.57 42.24
N TYR C 128 -20.45 6.87 41.95
CA TYR C 128 -20.62 7.40 40.61
C TYR C 128 -19.30 7.98 40.14
N ILE C 129 -18.85 7.55 38.96
CA ILE C 129 -17.64 8.07 38.35
C ILE C 129 -17.89 8.30 36.87
N MET C 130 -17.03 9.15 36.27
CA MET C 130 -17.08 9.44 34.85
C MET C 130 -15.65 9.71 34.36
N ASN C 131 -15.29 9.10 33.24
CA ASN C 131 -13.94 9.19 32.70
C ASN C 131 -13.94 10.13 31.49
N PRO C 132 -13.15 11.19 31.50
CA PRO C 132 -13.20 12.17 30.41
C PRO C 132 -12.72 11.62 29.08
N PRO C 133 -11.56 10.93 29.01
CA PRO C 133 -11.14 10.42 27.68
C PRO C 133 -12.14 9.47 27.05
N ASP C 134 -12.82 8.66 27.85
CA ASP C 134 -13.85 7.77 27.34
C ASP C 134 -15.22 8.47 27.42
N ARG C 135 -16.28 7.72 27.16
CA ARG C 135 -17.64 8.25 27.25
C ARG C 135 -18.57 7.28 27.97
N HIS C 136 -18.06 6.57 28.97
CA HIS C 136 -18.85 5.59 29.71
C HIS C 136 -19.16 6.15 31.09
N ARG C 137 -20.43 6.48 31.31
CA ARG C 137 -20.90 6.91 32.61
C ARG C 137 -21.70 5.78 33.26
N GLY C 138 -21.24 5.33 34.42
CA GLY C 138 -21.86 4.23 35.12
C GLY C 138 -21.80 4.44 36.62
N HIS C 139 -22.47 3.55 37.35
CA HIS C 139 -22.58 3.66 38.79
C HIS C 139 -22.26 2.31 39.43
N GLY C 140 -22.38 2.26 40.75
CA GLY C 140 -22.16 1.03 41.50
C GLY C 140 -22.89 1.04 42.83
N LYS C 141 -23.59 -0.04 43.14
CA LYS C 141 -24.41 -0.11 44.34
C LYS C 141 -23.75 -0.99 45.40
N ILE C 142 -23.74 -0.50 46.64
CA ILE C 142 -23.17 -1.21 47.78
C ILE C 142 -24.19 -1.22 48.91
N HIS C 143 -24.38 -2.38 49.52
CA HIS C 143 -25.32 -2.57 50.61
C HIS C 143 -24.55 -2.81 51.90
N LEU C 144 -24.80 -1.99 52.91
CA LEU C 144 -24.16 -2.11 54.21
C LEU C 144 -25.21 -2.23 55.30
N GLN C 145 -25.00 -3.16 56.23
CA GLN C 145 -25.88 -3.34 57.37
C GLN C 145 -25.05 -3.49 58.63
N VAL C 146 -25.66 -3.14 59.76
CA VAL C 146 -24.99 -3.14 61.06
C VAL C 146 -25.66 -4.17 61.96
N LEU C 147 -24.83 -5.02 62.57
CA LEU C 147 -25.32 -6.03 63.50
C LEU C 147 -25.37 -5.48 64.91
N MET C 148 -26.40 -5.88 65.66
CA MET C 148 -26.54 -5.44 67.05
C MET C 148 -25.49 -6.09 67.94
C1 NAG D . 4.88 22.50 41.02
C2 NAG D . 4.94 23.41 42.24
C3 NAG D . 6.33 24.01 42.38
C4 NAG D . 7.38 22.91 42.38
C5 NAG D . 7.20 21.98 41.18
C6 NAG D . 8.11 20.78 41.22
C7 NAG D . 2.73 24.35 42.75
C8 NAG D . 1.82 25.53 42.59
N2 NAG D . 3.93 24.46 42.18
O3 NAG D . 6.39 24.78 43.58
O4 NAG D . 8.69 23.47 42.32
O5 NAG D . 5.86 21.47 41.15
O6 NAG D . 7.38 19.57 41.25
O7 NAG D . 2.40 23.34 43.38
C1 NAG D . 9.23 23.60 43.65
C2 NAG D . 10.75 23.46 43.62
C3 NAG D . 11.34 23.66 45.02
C4 NAG D . 10.86 24.97 45.62
C5 NAG D . 9.33 25.06 45.56
C6 NAG D . 8.80 26.39 46.02
C7 NAG D . 10.84 20.98 43.59
C8 NAG D . 11.36 19.77 42.86
N2 NAG D . 11.15 22.17 43.06
O3 NAG D . 12.76 23.64 44.93
O4 NAG D . 11.26 25.04 46.98
O5 NAG D . 8.88 24.88 44.22
O6 NAG D . 9.59 27.46 45.52
O7 NAG D . 10.17 20.87 44.62
C1 BMA D . 12.21 26.11 47.18
C2 BMA D . 13.00 25.79 48.47
C3 BMA D . 14.15 26.78 48.65
C4 BMA D . 14.98 26.92 47.37
C5 BMA D . 14.06 27.28 46.20
C6 BMA D . 14.81 27.42 44.88
O2 BMA D . 13.58 24.49 48.42
O3 BMA D . 14.99 26.41 49.74
O4 BMA D . 15.96 27.94 47.53
O5 BMA D . 13.09 26.23 46.06
O6 BMA D . 15.98 28.19 45.12
C1 NAG E . 0.63 22.90 26.57
C2 NAG E . -0.10 22.67 27.89
C3 NAG E . -1.41 23.46 27.92
C4 NAG E . -1.16 24.92 27.59
C5 NAG E . -0.36 25.06 26.29
C6 NAG E . 0.04 26.48 25.99
C7 NAG E . -0.22 20.66 29.30
C8 NAG E . -0.53 19.20 29.34
N2 NAG E . -0.36 21.25 28.11
O3 NAG E . -2.00 23.34 29.21
O4 NAG E . -2.40 25.59 27.46
O5 NAG E . 0.85 24.30 26.38
O6 NAG E . 0.96 26.97 26.96
O7 NAG E . 0.14 21.28 30.30
C1 NAG E . -2.48 26.68 28.41
C2 NAG E . -3.75 27.48 28.14
C3 NAG E . -3.87 28.62 29.15
C4 NAG E . -3.77 28.09 30.57
C5 NAG E . -2.51 27.23 30.74
C6 NAG E . -2.43 26.56 32.10
C7 NAG E . -4.27 27.30 25.76
C8 NAG E . -4.22 27.97 24.42
N2 NAG E . -3.77 27.98 26.78
O3 NAG E . -5.12 29.27 28.97
O4 NAG E . -3.68 29.19 31.48
O5 NAG E . -2.50 26.18 29.76
O6 NAG E . -2.34 25.15 31.97
O7 NAG E . -4.77 26.19 25.90
C1 BMA E . -4.90 29.30 32.24
C2 BMA E . -4.51 29.64 33.70
C3 BMA E . -5.76 29.96 34.53
C4 BMA E . -6.68 30.96 33.80
C5 BMA E . -7.00 30.45 32.40
C6 BMA E . -7.88 31.38 31.61
O2 BMA E . -3.69 30.80 33.74
O3 BMA E . -5.42 30.46 35.82
O4 BMA E . -7.88 31.14 34.54
O5 BMA E . -5.77 30.28 31.69
O6 BMA E . -8.32 30.71 30.43
C1 NAG F . 17.93 19.90 14.23
C2 NAG F . 18.08 18.67 15.15
C3 NAG F . 18.31 19.08 16.58
C4 NAG F . 19.51 20.01 16.67
C5 NAG F . 19.22 21.24 15.84
C6 NAG F . 20.37 22.23 15.82
C7 NAG F . 17.01 16.48 14.81
C8 NAG F . 18.40 15.93 14.67
N2 NAG F . 16.92 17.79 15.04
O3 NAG F . 18.53 17.92 17.38
O4 NAG F . 19.90 20.29 18.01
O5 NAG F . 19.02 20.83 14.47
O6 NAG F . 20.93 22.35 14.52
O7 NAG F . 16.01 15.76 14.72
C1 NAG F . 18.98 21.03 18.83
C2 NAG F . 18.74 20.23 20.10
C3 NAG F . 17.90 21.04 21.08
C4 NAG F . 18.52 22.41 21.34
C5 NAG F . 18.74 23.12 20.01
C6 NAG F . 19.48 24.43 20.16
C7 NAG F . 18.21 17.90 20.64
C8 NAG F . 17.50 16.66 20.19
N2 NAG F . 18.12 18.96 19.83
O3 NAG F . 17.78 20.32 22.30
O4 NAG F . 17.66 23.19 22.16
O5 NAG F . 19.54 22.30 19.14
O6 NAG F . 19.58 25.11 18.91
O7 NAG F . 18.83 17.95 21.70
C1 BMA F . 18.10 23.18 23.53
C2 BMA F . 17.17 24.14 24.32
C3 BMA F . 17.41 24.02 25.82
C4 BMA F . 17.43 22.56 26.27
C5 BMA F . 18.47 21.79 25.46
C6 BMA F . 18.55 20.33 25.86
O2 BMA F . 15.81 23.80 24.12
O3 BMA F . 16.44 24.75 26.57
O4 BMA F . 17.75 22.47 27.65
O5 BMA F . 18.08 21.87 24.08
O6 BMA F . 18.47 20.25 27.27
C1 NAG G . -20.67 24.36 8.40
C2 NAG G . -21.90 25.24 8.61
C3 NAG G . -21.48 26.57 9.22
C4 NAG G . -20.61 26.36 10.46
C5 NAG G . -19.51 25.34 10.22
C6 NAG G . -18.79 24.93 11.47
C7 NAG G . -23.75 24.82 7.06
C8 NAG G . -24.36 25.15 5.73
N2 NAG G . -22.62 25.45 7.36
O3 NAG G . -22.64 27.32 9.55
O4 NAG G . -20.00 27.59 10.79
O5 NAG G . -20.04 24.14 9.64
O6 NAG G . -17.94 25.96 11.96
O7 NAG G . -24.27 24.01 7.83
C1 NAG G . -20.52 28.11 12.04
C2 NAG G . -19.52 29.15 12.55
C3 NAG G . -20.03 29.79 13.83
C4 NAG G . -21.42 30.36 13.60
C5 NAG G . -22.35 29.28 13.06
C6 NAG G . -23.72 29.80 12.71
C7 NAG G . -17.09 29.05 12.20
C8 NAG G . -15.82 28.32 12.53
N2 NAG G . -18.21 28.55 12.76
O3 NAG G . -19.12 30.81 14.24
O4 NAG G . -21.95 30.89 14.82
O5 NAG G . -21.80 28.72 11.86
O6 NAG G . -24.48 30.11 13.88
O7 NAG G . -17.10 30.04 11.48
C1 BMA G . -21.82 32.32 14.77
C2 BMA G . -23.01 32.97 15.51
C3 BMA G . -22.81 34.48 15.61
C4 BMA G . -21.41 34.83 16.14
C5 BMA G . -20.33 34.13 15.30
C6 BMA G . -18.93 34.38 15.81
O2 BMA G . -23.09 32.47 16.84
O3 BMA G . -23.81 35.09 16.41
O4 BMA G . -21.20 36.23 16.09
O5 BMA G . -20.58 32.71 15.36
O6 BMA G . -18.77 33.69 17.05
C1 NAG H . -37.71 13.29 0.38
C2 NAG H . -38.00 14.02 1.70
C3 NAG H . -39.28 13.47 2.31
C4 NAG H . -40.44 13.60 1.32
C5 NAG H . -40.07 12.87 0.03
C6 NAG H . -41.12 13.03 -1.05
C7 NAG H . -36.41 14.92 3.34
C8 NAG H . -37.08 16.24 3.13
N2 NAG H . -36.89 13.89 2.63
O3 NAG H . -39.58 14.20 3.50
O4 NAG H . -41.63 13.05 1.87
O5 NAG H . -38.84 13.41 -0.50
O6 NAG H . -40.57 13.62 -2.23
O7 NAG H . -35.48 14.78 4.12
C1 NAG H . -42.46 14.15 2.27
C2 NAG H . -43.89 13.65 2.52
C3 NAG H . -44.76 14.80 3.02
C4 NAG H . -44.13 15.47 4.23
C5 NAG H . -42.70 15.88 3.92
C6 NAG H . -41.95 16.43 5.12
C7 NAG H . -45.33 12.08 1.31
C8 NAG H . -45.80 11.61 -0.03
N2 NAG H . -44.45 13.08 1.30
O3 NAG H . -46.05 14.30 3.36
O4 NAG H . -44.87 16.62 4.60
O5 NAG H . -41.95 14.73 3.47
O6 NAG H . -40.84 15.62 5.45
O7 NAG H . -45.73 11.56 2.36
C1 BMA H . -45.43 16.44 5.92
C2 BMA H . -46.44 17.59 6.17
C3 BMA H . -47.17 17.36 7.50
C4 BMA H . -47.74 15.93 7.59
C5 BMA H . -46.61 14.91 7.33
C6 BMA H . -47.10 13.48 7.37
O2 BMA H . -47.42 17.63 5.16
O3 BMA H . -48.22 18.31 7.69
O4 BMA H . -48.29 15.72 8.88
O5 BMA H . -46.07 15.16 6.03
O6 BMA H . -45.97 12.62 7.24
C1 NAG I . 5.73 42.37 12.27
C2 NAG I . 4.78 43.35 12.93
C3 NAG I . 4.87 44.71 12.25
C4 NAG I . 6.30 45.20 12.21
C5 NAG I . 7.20 44.14 11.58
C6 NAG I . 8.66 44.51 11.61
C7 NAG I . 2.91 42.06 13.86
C8 NAG I . 1.48 41.65 13.69
N2 NAG I . 3.41 42.86 12.91
O3 NAG I . 4.04 45.65 12.93
O4 NAG I . 6.40 46.41 11.47
O5 NAG I . 7.07 42.90 12.28
O6 NAG I . 8.89 45.67 12.41
O7 NAG I . 3.57 41.69 14.82
C1 NAG J . 9.73 38.78 28.89
C2 NAG J . 10.65 39.24 27.76
C3 NAG J . 11.59 40.33 28.27
C4 NAG J . 10.80 41.46 28.92
C5 NAG J . 9.87 40.90 30.00
C6 NAG J . 8.96 41.95 30.60
C7 NAG J . 11.00 37.42 26.16
C8 NAG J . 11.91 36.30 25.74
N2 NAG J . 11.40 38.12 27.22
O3 NAG J . 12.35 40.84 27.19
O4 NAG J . 11.69 42.39 29.52
O5 NAG J . 9.01 39.90 29.42
O6 NAG J . 9.27 42.18 31.96
O7 NAG J . 9.95 37.66 25.58
NA NA K . -5.33 1.27 1.75
NA NA L . -1.18 0.25 0.82
#